data_7BMY
# 
_entry.id   7BMY 
# 
_audit_conform.dict_name       mmcif_pdbx.dic 
_audit_conform.dict_version    5.394 
_audit_conform.dict_location   http://mmcif.pdb.org/dictionaries/ascii/mmcif_pdbx.dic 
# 
loop_
_database_2.database_id 
_database_2.database_code 
_database_2.pdbx_database_accession 
_database_2.pdbx_DOI 
PDB   7BMY         pdb_00007bmy 10.2210/pdb7bmy/pdb 
WWPDB D_1292112156 ?            ?                   
# 
loop_
_pdbx_audit_revision_history.ordinal 
_pdbx_audit_revision_history.data_content_type 
_pdbx_audit_revision_history.major_revision 
_pdbx_audit_revision_history.minor_revision 
_pdbx_audit_revision_history.revision_date 
1 'Structure model' 1 0 2021-10-06 
2 'Structure model' 1 1 2024-06-19 
# 
_pdbx_audit_revision_details.ordinal             1 
_pdbx_audit_revision_details.revision_ordinal    1 
_pdbx_audit_revision_details.data_content_type   'Structure model' 
_pdbx_audit_revision_details.provider            repository 
_pdbx_audit_revision_details.type                'Initial release' 
_pdbx_audit_revision_details.description         ? 
_pdbx_audit_revision_details.details             ? 
# 
_pdbx_audit_revision_group.ordinal             1 
_pdbx_audit_revision_group.revision_ordinal    2 
_pdbx_audit_revision_group.data_content_type   'Structure model' 
_pdbx_audit_revision_group.group               'Data collection' 
# 
loop_
_pdbx_audit_revision_category.ordinal 
_pdbx_audit_revision_category.revision_ordinal 
_pdbx_audit_revision_category.data_content_type 
_pdbx_audit_revision_category.category 
1 2 'Structure model' chem_comp_atom 
2 2 'Structure model' chem_comp_bond 
# 
_pdbx_database_status.status_code                     REL 
_pdbx_database_status.status_code_sf                  REL 
_pdbx_database_status.status_code_mr                  ? 
_pdbx_database_status.entry_id                        7BMY 
_pdbx_database_status.recvd_initial_deposition_date   2021-01-20 
_pdbx_database_status.SG_entry                        N 
_pdbx_database_status.deposit_site                    PDBE 
_pdbx_database_status.process_site                    PDBE 
_pdbx_database_status.status_code_cs                  ? 
_pdbx_database_status.status_code_nmr_data            ? 
_pdbx_database_status.methods_development_category    ? 
_pdbx_database_status.pdb_format_compatible           Y 
# 
loop_
_audit_author.name 
_audit_author.pdbx_ordinal 
_audit_author.identifier_ORCID 
'Koelmel, W.' 1 0000-0003-2873-5255 
'Kuper, J.'   2 0000-0001-7553-5825 
'Kisker, C.'  3 0000-0002-0216-6026 
# 
_citation.abstract                  ? 
_citation.abstract_id_CAS           ? 
_citation.book_id_ISBN              ? 
_citation.book_publisher            ? 
_citation.book_publisher_city       ? 
_citation.book_title                ? 
_citation.coordinate_linkage        ? 
_citation.country                   UK 
_citation.database_id_Medline       ? 
_citation.details                   ? 
_citation.id                        primary 
_citation.journal_abbrev            'Sci Rep' 
_citation.journal_id_ASTM           ? 
_citation.journal_id_CSD            ? 
_citation.journal_id_ISSN           2045-2322 
_citation.journal_full              ? 
_citation.journal_issue             ? 
_citation.journal_volume            11 
_citation.language                  ? 
_citation.page_first                17038 
_citation.page_last                 17038 
_citation.title                     
'Cesium based phasing of macromolecules: a general easy to use approach for solving the phase problem.' 
_citation.year                      2021 
_citation.database_id_CSD           ? 
_citation.pdbx_database_id_DOI      10.1038/s41598-021-95186-1 
_citation.pdbx_database_id_PubMed   34426585 
_citation.unpublished_flag          ? 
# 
loop_
_citation_author.citation_id 
_citation_author.name 
_citation_author.ordinal 
_citation_author.identifier_ORCID 
primary 'Koelmel, W.' 1 ? 
primary 'Kuper, J.'   2 ? 
primary 'Kisker, C.'  3 ? 
# 
loop_
_entity.id 
_entity.type 
_entity.src_method 
_entity.pdbx_description 
_entity.formula_weight 
_entity.pdbx_number_of_molecules 
_entity.pdbx_ec 
_entity.pdbx_mutation 
_entity.pdbx_fragment 
_entity.details 
1 polymer     man 'RNA polymerase II transcription factor B 73 kDa subunit-like protein' 15184.287 1   ? ? ? ? 
2 non-polymer syn 'CESIUM ION'                                                           132.905   8   ? ? ? ? 
3 non-polymer syn 'CHLORIDE ION'                                                         35.453    6   ? ? ? ? 
4 water       nat water                                                                  18.015    168 ? ? ? ? 
# 
_entity_name_com.entity_id   1 
_entity_name_com.name        'p62 pleckstrin homology domain' 
# 
_entity_poly.entity_id                      1 
_entity_poly.type                           'polypeptide(L)' 
_entity_poly.nstd_linkage                   no 
_entity_poly.nstd_monomer                   no 
_entity_poly.pdbx_seq_one_letter_code       
;MKHHHHHHPMSDYDIPTTENLYFQGAMSIPRSQTTYKKKEGILTLTEDRKFLIWTPLPATGPPTVSLALDNITNLQQTPP
GSAKVILKFTERPRPNAEPGAPPPQYMFQFTHPTDARAEANAIRDLLSQLLAAAR
;
_entity_poly.pdbx_seq_one_letter_code_can   
;MKHHHHHHPMSDYDIPTTENLYFQGAMSIPRSQTTYKKKEGILTLTEDRKFLIWTPLPATGPPTVSLALDNITNLQQTPP
GSAKVILKFTERPRPNAEPGAPPPQYMFQFTHPTDARAEANAIRDLLSQLLAAAR
;
_entity_poly.pdbx_strand_id                 A 
_entity_poly.pdbx_target_identifier         ? 
# 
loop_
_pdbx_entity_nonpoly.entity_id 
_pdbx_entity_nonpoly.name 
_pdbx_entity_nonpoly.comp_id 
2 'CESIUM ION'   CS  
3 'CHLORIDE ION' CL  
4 water          HOH 
# 
loop_
_entity_poly_seq.entity_id 
_entity_poly_seq.num 
_entity_poly_seq.mon_id 
_entity_poly_seq.hetero 
1 1   MET n 
1 2   LYS n 
1 3   HIS n 
1 4   HIS n 
1 5   HIS n 
1 6   HIS n 
1 7   HIS n 
1 8   HIS n 
1 9   PRO n 
1 10  MET n 
1 11  SER n 
1 12  ASP n 
1 13  TYR n 
1 14  ASP n 
1 15  ILE n 
1 16  PRO n 
1 17  THR n 
1 18  THR n 
1 19  GLU n 
1 20  ASN n 
1 21  LEU n 
1 22  TYR n 
1 23  PHE n 
1 24  GLN n 
1 25  GLY n 
1 26  ALA n 
1 27  MET n 
1 28  SER n 
1 29  ILE n 
1 30  PRO n 
1 31  ARG n 
1 32  SER n 
1 33  GLN n 
1 34  THR n 
1 35  THR n 
1 36  TYR n 
1 37  LYS n 
1 38  LYS n 
1 39  LYS n 
1 40  GLU n 
1 41  GLY n 
1 42  ILE n 
1 43  LEU n 
1 44  THR n 
1 45  LEU n 
1 46  THR n 
1 47  GLU n 
1 48  ASP n 
1 49  ARG n 
1 50  LYS n 
1 51  PHE n 
1 52  LEU n 
1 53  ILE n 
1 54  TRP n 
1 55  THR n 
1 56  PRO n 
1 57  LEU n 
1 58  PRO n 
1 59  ALA n 
1 60  THR n 
1 61  GLY n 
1 62  PRO n 
1 63  PRO n 
1 64  THR n 
1 65  VAL n 
1 66  SER n 
1 67  LEU n 
1 68  ALA n 
1 69  LEU n 
1 70  ASP n 
1 71  ASN n 
1 72  ILE n 
1 73  THR n 
1 74  ASN n 
1 75  LEU n 
1 76  GLN n 
1 77  GLN n 
1 78  THR n 
1 79  PRO n 
1 80  PRO n 
1 81  GLY n 
1 82  SER n 
1 83  ALA n 
1 84  LYS n 
1 85  VAL n 
1 86  ILE n 
1 87  LEU n 
1 88  LYS n 
1 89  PHE n 
1 90  THR n 
1 91  GLU n 
1 92  ARG n 
1 93  PRO n 
1 94  ARG n 
1 95  PRO n 
1 96  ASN n 
1 97  ALA n 
1 98  GLU n 
1 99  PRO n 
1 100 GLY n 
1 101 ALA n 
1 102 PRO n 
1 103 PRO n 
1 104 PRO n 
1 105 GLN n 
1 106 TYR n 
1 107 MET n 
1 108 PHE n 
1 109 GLN n 
1 110 PHE n 
1 111 THR n 
1 112 HIS n 
1 113 PRO n 
1 114 THR n 
1 115 ASP n 
1 116 ALA n 
1 117 ARG n 
1 118 ALA n 
1 119 GLU n 
1 120 ALA n 
1 121 ASN n 
1 122 ALA n 
1 123 ILE n 
1 124 ARG n 
1 125 ASP n 
1 126 LEU n 
1 127 LEU n 
1 128 SER n 
1 129 GLN n 
1 130 LEU n 
1 131 LEU n 
1 132 ALA n 
1 133 ALA n 
1 134 ALA n 
1 135 ARG n 
# 
_entity_src_gen.entity_id                          1 
_entity_src_gen.pdbx_src_id                        1 
_entity_src_gen.pdbx_alt_source_flag               sample 
_entity_src_gen.pdbx_seq_type                      'Biological sequence' 
_entity_src_gen.pdbx_beg_seq_num                   1 
_entity_src_gen.pdbx_end_seq_num                   135 
_entity_src_gen.gene_src_common_name               ? 
_entity_src_gen.gene_src_genus                     ? 
_entity_src_gen.pdbx_gene_src_gene                 CTHT_0001260 
_entity_src_gen.gene_src_species                   ? 
_entity_src_gen.gene_src_strain                    'DSM 1495 / CBS 144.50 / IMI 039719' 
_entity_src_gen.gene_src_tissue                    ? 
_entity_src_gen.gene_src_tissue_fraction           ? 
_entity_src_gen.gene_src_details                   ? 
_entity_src_gen.pdbx_gene_src_fragment             ? 
_entity_src_gen.pdbx_gene_src_scientific_name      'Chaetomium thermophilum (strain DSM 1495 / CBS 144.50 / IMI 039719)' 
_entity_src_gen.pdbx_gene_src_ncbi_taxonomy_id     759272 
_entity_src_gen.pdbx_gene_src_variant              ? 
_entity_src_gen.pdbx_gene_src_cell_line            ? 
_entity_src_gen.pdbx_gene_src_atcc                 ? 
_entity_src_gen.pdbx_gene_src_organ                ? 
_entity_src_gen.pdbx_gene_src_organelle            ? 
_entity_src_gen.pdbx_gene_src_cell                 ? 
_entity_src_gen.pdbx_gene_src_cellular_location    ? 
_entity_src_gen.host_org_common_name               ? 
_entity_src_gen.pdbx_host_org_scientific_name      'Escherichia coli' 
_entity_src_gen.pdbx_host_org_ncbi_taxonomy_id     562 
_entity_src_gen.host_org_genus                     ? 
_entity_src_gen.pdbx_host_org_gene                 ? 
_entity_src_gen.pdbx_host_org_organ                ? 
_entity_src_gen.host_org_species                   ? 
_entity_src_gen.pdbx_host_org_tissue               ? 
_entity_src_gen.pdbx_host_org_tissue_fraction      ? 
_entity_src_gen.pdbx_host_org_strain               ? 
_entity_src_gen.pdbx_host_org_variant              ? 
_entity_src_gen.pdbx_host_org_cell_line            ? 
_entity_src_gen.pdbx_host_org_atcc                 ? 
_entity_src_gen.pdbx_host_org_culture_collection   ? 
_entity_src_gen.pdbx_host_org_cell                 ? 
_entity_src_gen.pdbx_host_org_organelle            ? 
_entity_src_gen.pdbx_host_org_cellular_location    ? 
_entity_src_gen.pdbx_host_org_vector_type          ? 
_entity_src_gen.pdbx_host_org_vector               ? 
_entity_src_gen.host_org_details                   ? 
_entity_src_gen.expression_system_id               ? 
_entity_src_gen.plasmid_name                       ? 
_entity_src_gen.plasmid_details                    ? 
_entity_src_gen.pdbx_description                   ? 
# 
loop_
_chem_comp.id 
_chem_comp.type 
_chem_comp.mon_nstd_flag 
_chem_comp.name 
_chem_comp.pdbx_synonyms 
_chem_comp.formula 
_chem_comp.formula_weight 
ALA 'L-peptide linking' y ALANINE         ? 'C3 H7 N O2'     89.093  
ARG 'L-peptide linking' y ARGININE        ? 'C6 H15 N4 O2 1' 175.209 
ASN 'L-peptide linking' y ASPARAGINE      ? 'C4 H8 N2 O3'    132.118 
ASP 'L-peptide linking' y 'ASPARTIC ACID' ? 'C4 H7 N O4'     133.103 
CL  non-polymer         . 'CHLORIDE ION'  ? 'Cl -1'          35.453  
CS  non-polymer         . 'CESIUM ION'    ? 'Cs 1'           132.905 
GLN 'L-peptide linking' y GLUTAMINE       ? 'C5 H10 N2 O3'   146.144 
GLU 'L-peptide linking' y 'GLUTAMIC ACID' ? 'C5 H9 N O4'     147.129 
GLY 'peptide linking'   y GLYCINE         ? 'C2 H5 N O2'     75.067  
HIS 'L-peptide linking' y HISTIDINE       ? 'C6 H10 N3 O2 1' 156.162 
HOH non-polymer         . WATER           ? 'H2 O'           18.015  
ILE 'L-peptide linking' y ISOLEUCINE      ? 'C6 H13 N O2'    131.173 
LEU 'L-peptide linking' y LEUCINE         ? 'C6 H13 N O2'    131.173 
LYS 'L-peptide linking' y LYSINE          ? 'C6 H15 N2 O2 1' 147.195 
MET 'L-peptide linking' y METHIONINE      ? 'C5 H11 N O2 S'  149.211 
PHE 'L-peptide linking' y PHENYLALANINE   ? 'C9 H11 N O2'    165.189 
PRO 'L-peptide linking' y PROLINE         ? 'C5 H9 N O2'     115.130 
SER 'L-peptide linking' y SERINE          ? 'C3 H7 N O3'     105.093 
THR 'L-peptide linking' y THREONINE       ? 'C4 H9 N O3'     119.119 
TRP 'L-peptide linking' y TRYPTOPHAN      ? 'C11 H12 N2 O2'  204.225 
TYR 'L-peptide linking' y TYROSINE        ? 'C9 H11 N O3'    181.189 
VAL 'L-peptide linking' y VALINE          ? 'C5 H11 N O2'    117.146 
# 
loop_
_pdbx_poly_seq_scheme.asym_id 
_pdbx_poly_seq_scheme.entity_id 
_pdbx_poly_seq_scheme.seq_id 
_pdbx_poly_seq_scheme.mon_id 
_pdbx_poly_seq_scheme.ndb_seq_num 
_pdbx_poly_seq_scheme.pdb_seq_num 
_pdbx_poly_seq_scheme.auth_seq_num 
_pdbx_poly_seq_scheme.pdb_mon_id 
_pdbx_poly_seq_scheme.auth_mon_id 
_pdbx_poly_seq_scheme.pdb_strand_id 
_pdbx_poly_seq_scheme.pdb_ins_code 
_pdbx_poly_seq_scheme.hetero 
A 1 1   MET 1   -25 ?   ?   ?   A . n 
A 1 2   LYS 2   -24 ?   ?   ?   A . n 
A 1 3   HIS 3   -23 ?   ?   ?   A . n 
A 1 4   HIS 4   -22 ?   ?   ?   A . n 
A 1 5   HIS 5   -21 ?   ?   ?   A . n 
A 1 6   HIS 6   -20 ?   ?   ?   A . n 
A 1 7   HIS 7   -19 ?   ?   ?   A . n 
A 1 8   HIS 8   -18 ?   ?   ?   A . n 
A 1 9   PRO 9   -17 ?   ?   ?   A . n 
A 1 10  MET 10  -16 ?   ?   ?   A . n 
A 1 11  SER 11  -15 ?   ?   ?   A . n 
A 1 12  ASP 12  -14 ?   ?   ?   A . n 
A 1 13  TYR 13  -13 ?   ?   ?   A . n 
A 1 14  ASP 14  -12 ?   ?   ?   A . n 
A 1 15  ILE 15  -11 ?   ?   ?   A . n 
A 1 16  PRO 16  -10 ?   ?   ?   A . n 
A 1 17  THR 17  -9  ?   ?   ?   A . n 
A 1 18  THR 18  -8  ?   ?   ?   A . n 
A 1 19  GLU 19  -7  ?   ?   ?   A . n 
A 1 20  ASN 20  -6  20  ASN ASN A . n 
A 1 21  LEU 21  -5  21  LEU LEU A . n 
A 1 22  TYR 22  -4  22  TYR TYR A . n 
A 1 23  PHE 23  -3  23  PHE PHE A . n 
A 1 24  GLN 24  -2  24  GLN GLN A . n 
A 1 25  GLY 25  -1  25  GLY GLY A . n 
A 1 26  ALA 26  0   26  ALA ALA A . n 
A 1 27  MET 27  1   27  MET MET A . n 
A 1 28  SER 28  2   28  SER SER A . n 
A 1 29  ILE 29  3   29  ILE ILE A . n 
A 1 30  PRO 30  4   30  PRO PRO A . n 
A 1 31  ARG 31  5   31  ARG ARG A . n 
A 1 32  SER 32  6   32  SER SER A . n 
A 1 33  GLN 33  7   33  GLN GLN A . n 
A 1 34  THR 34  8   34  THR THR A . n 
A 1 35  THR 35  9   35  THR THR A . n 
A 1 36  TYR 36  10  36  TYR TYR A . n 
A 1 37  LYS 37  11  37  LYS LYS A . n 
A 1 38  LYS 38  12  38  LYS LYS A . n 
A 1 39  LYS 39  13  39  LYS LYS A . n 
A 1 40  GLU 40  14  40  GLU GLU A . n 
A 1 41  GLY 41  15  41  GLY GLY A . n 
A 1 42  ILE 42  16  42  ILE ILE A . n 
A 1 43  LEU 43  17  43  LEU LEU A . n 
A 1 44  THR 44  18  44  THR THR A . n 
A 1 45  LEU 45  19  45  LEU LEU A . n 
A 1 46  THR 46  20  46  THR THR A . n 
A 1 47  GLU 47  21  47  GLU GLU A . n 
A 1 48  ASP 48  22  48  ASP ASP A . n 
A 1 49  ARG 49  23  49  ARG ARG A . n 
A 1 50  LYS 50  24  50  LYS LYS A . n 
A 1 51  PHE 51  25  51  PHE PHE A . n 
A 1 52  LEU 52  26  52  LEU LEU A . n 
A 1 53  ILE 53  27  53  ILE ILE A . n 
A 1 54  TRP 54  28  54  TRP TRP A . n 
A 1 55  THR 55  29  55  THR THR A . n 
A 1 56  PRO 56  30  56  PRO PRO A . n 
A 1 57  LEU 57  31  57  LEU LEU A . n 
A 1 58  PRO 58  32  58  PRO PRO A . n 
A 1 59  ALA 59  33  59  ALA ALA A . n 
A 1 60  THR 60  34  60  THR THR A . n 
A 1 61  GLY 61  35  61  GLY GLY A . n 
A 1 62  PRO 62  36  62  PRO PRO A . n 
A 1 63  PRO 63  37  63  PRO PRO A . n 
A 1 64  THR 64  38  64  THR THR A . n 
A 1 65  VAL 65  39  65  VAL VAL A . n 
A 1 66  SER 66  40  66  SER SER A . n 
A 1 67  LEU 67  41  67  LEU LEU A . n 
A 1 68  ALA 68  42  68  ALA ALA A . n 
A 1 69  LEU 69  43  69  LEU LEU A . n 
A 1 70  ASP 70  44  70  ASP ASP A . n 
A 1 71  ASN 71  45  71  ASN ASN A . n 
A 1 72  ILE 72  46  72  ILE ILE A . n 
A 1 73  THR 73  47  73  THR THR A . n 
A 1 74  ASN 74  48  74  ASN ASN A . n 
A 1 75  LEU 75  49  75  LEU LEU A . n 
A 1 76  GLN 76  50  76  GLN GLN A . n 
A 1 77  GLN 77  51  77  GLN GLN A . n 
A 1 78  THR 78  52  78  THR THR A . n 
A 1 79  PRO 79  53  79  PRO PRO A . n 
A 1 80  PRO 80  54  80  PRO PRO A . n 
A 1 81  GLY 81  55  81  GLY GLY A . n 
A 1 82  SER 82  56  82  SER SER A . n 
A 1 83  ALA 83  57  83  ALA ALA A . n 
A 1 84  LYS 84  58  84  LYS LYS A . n 
A 1 85  VAL 85  59  85  VAL VAL A . n 
A 1 86  ILE 86  60  86  ILE ILE A . n 
A 1 87  LEU 87  61  87  LEU LEU A . n 
A 1 88  LYS 88  62  88  LYS LYS A . n 
A 1 89  PHE 89  63  89  PHE PHE A . n 
A 1 90  THR 90  64  90  THR THR A . n 
A 1 91  GLU 91  65  91  GLU GLU A . n 
A 1 92  ARG 92  66  92  ARG ARG A . n 
A 1 93  PRO 93  67  93  PRO PRO A . n 
A 1 94  ARG 94  68  94  ARG ARG A . n 
A 1 95  PRO 95  69  95  PRO PRO A . n 
A 1 96  ASN 96  70  96  ASN ASN A . n 
A 1 97  ALA 97  71  97  ALA ALA A . n 
A 1 98  GLU 98  72  98  GLU GLU A . n 
A 1 99  PRO 99  73  99  PRO PRO A . n 
A 1 100 GLY 100 74  100 GLY GLY A . n 
A 1 101 ALA 101 75  101 ALA ALA A . n 
A 1 102 PRO 102 76  102 PRO PRO A . n 
A 1 103 PRO 103 77  103 PRO PRO A . n 
A 1 104 PRO 104 78  104 PRO PRO A . n 
A 1 105 GLN 105 79  105 GLN GLN A . n 
A 1 106 TYR 106 80  106 TYR TYR A . n 
A 1 107 MET 107 81  107 MET MET A . n 
A 1 108 PHE 108 82  108 PHE PHE A . n 
A 1 109 GLN 109 83  109 GLN GLN A . n 
A 1 110 PHE 110 84  110 PHE PHE A . n 
A 1 111 THR 111 85  111 THR THR A . n 
A 1 112 HIS 112 86  112 HIS HIS A . n 
A 1 113 PRO 113 87  113 PRO PRO A . n 
A 1 114 THR 114 88  114 THR THR A . n 
A 1 115 ASP 115 89  115 ASP ASP A . n 
A 1 116 ALA 116 90  116 ALA ALA A . n 
A 1 117 ARG 117 91  117 ARG ARG A . n 
A 1 118 ALA 118 92  118 ALA ALA A . n 
A 1 119 GLU 119 93  119 GLU GLU A . n 
A 1 120 ALA 120 94  120 ALA ALA A . n 
A 1 121 ASN 121 95  121 ASN ASN A . n 
A 1 122 ALA 122 96  122 ALA ALA A . n 
A 1 123 ILE 123 97  123 ILE ILE A . n 
A 1 124 ARG 124 98  124 ARG ARG A . n 
A 1 125 ASP 125 99  125 ASP ASP A . n 
A 1 126 LEU 126 100 126 LEU LEU A . n 
A 1 127 LEU 127 101 127 LEU LEU A . n 
A 1 128 SER 128 102 128 SER SER A . n 
A 1 129 GLN 129 103 129 GLN GLN A . n 
A 1 130 LEU 130 104 130 LEU LEU A . n 
A 1 131 LEU 131 105 131 LEU LEU A . n 
A 1 132 ALA 132 106 132 ALA ALA A . n 
A 1 133 ALA 133 107 133 ALA ALA A . n 
A 1 134 ALA 134 108 134 ALA ALA A . n 
A 1 135 ARG 135 109 ?   ?   ?   A . n 
# 
loop_
_pdbx_nonpoly_scheme.asym_id 
_pdbx_nonpoly_scheme.entity_id 
_pdbx_nonpoly_scheme.mon_id 
_pdbx_nonpoly_scheme.ndb_seq_num 
_pdbx_nonpoly_scheme.pdb_seq_num 
_pdbx_nonpoly_scheme.auth_seq_num 
_pdbx_nonpoly_scheme.pdb_mon_id 
_pdbx_nonpoly_scheme.auth_mon_id 
_pdbx_nonpoly_scheme.pdb_strand_id 
_pdbx_nonpoly_scheme.pdb_ins_code 
B 2 CS  1   201 1   CS  CS  A . 
C 2 CS  1   202 2   CS  CS  A . 
D 2 CS  1   203 3   CS  CS  A . 
E 2 CS  1   204 4   CS  CS  A . 
F 2 CS  1   205 5   CS  CS  A . 
G 2 CS  1   206 6   CS  CS  A . 
H 2 CS  1   207 7   CS  CS  A . 
I 2 CS  1   208 8   CS  CS  A . 
J 3 CL  1   209 1   CL  CL  A . 
K 3 CL  1   210 5   CL  CL  A . 
L 3 CL  1   211 6   CL  CL  A . 
M 3 CL  1   212 7   CL  CL  A . 
N 3 CL  1   213 8   CL  CL  A . 
O 3 CL  1   214 9   CL  CL  A . 
P 4 HOH 1   301 204 HOH HOH A . 
P 4 HOH 2   302 163 HOH HOH A . 
P 4 HOH 3   303 206 HOH HOH A . 
P 4 HOH 4   304 76  HOH HOH A . 
P 4 HOH 5   305 44  HOH HOH A . 
P 4 HOH 6   306 207 HOH HOH A . 
P 4 HOH 7   307 54  HOH HOH A . 
P 4 HOH 8   308 237 HOH HOH A . 
P 4 HOH 9   309 90  HOH HOH A . 
P 4 HOH 10  310 1   HOH HOH A . 
P 4 HOH 11  311 4   HOH HOH A . 
P 4 HOH 12  312 17  HOH HOH A . 
P 4 HOH 13  313 212 HOH HOH A . 
P 4 HOH 14  314 160 HOH HOH A . 
P 4 HOH 15  315 202 HOH HOH A . 
P 4 HOH 16  316 164 HOH HOH A . 
P 4 HOH 17  317 45  HOH HOH A . 
P 4 HOH 18  318 3   HOH HOH A . 
P 4 HOH 19  319 68  HOH HOH A . 
P 4 HOH 20  320 172 HOH HOH A . 
P 4 HOH 21  321 46  HOH HOH A . 
P 4 HOH 22  322 170 HOH HOH A . 
P 4 HOH 23  323 48  HOH HOH A . 
P 4 HOH 24  324 14  HOH HOH A . 
P 4 HOH 25  325 30  HOH HOH A . 
P 4 HOH 26  326 197 HOH HOH A . 
P 4 HOH 27  327 86  HOH HOH A . 
P 4 HOH 28  328 232 HOH HOH A . 
P 4 HOH 29  329 69  HOH HOH A . 
P 4 HOH 30  330 84  HOH HOH A . 
P 4 HOH 31  331 47  HOH HOH A . 
P 4 HOH 32  332 217 HOH HOH A . 
P 4 HOH 33  333 120 HOH HOH A . 
P 4 HOH 34  334 28  HOH HOH A . 
P 4 HOH 35  335 58  HOH HOH A . 
P 4 HOH 36  336 31  HOH HOH A . 
P 4 HOH 37  337 16  HOH HOH A . 
P 4 HOH 38  338 12  HOH HOH A . 
P 4 HOH 39  339 22  HOH HOH A . 
P 4 HOH 40  340 216 HOH HOH A . 
P 4 HOH 41  341 33  HOH HOH A . 
P 4 HOH 42  342 59  HOH HOH A . 
P 4 HOH 43  343 42  HOH HOH A . 
P 4 HOH 44  344 29  HOH HOH A . 
P 4 HOH 45  345 37  HOH HOH A . 
P 4 HOH 46  346 179 HOH HOH A . 
P 4 HOH 47  347 192 HOH HOH A . 
P 4 HOH 48  348 154 HOH HOH A . 
P 4 HOH 49  349 130 HOH HOH A . 
P 4 HOH 50  350 81  HOH HOH A . 
P 4 HOH 51  351 102 HOH HOH A . 
P 4 HOH 52  352 10  HOH HOH A . 
P 4 HOH 53  353 138 HOH HOH A . 
P 4 HOH 54  354 9   HOH HOH A . 
P 4 HOH 55  355 5   HOH HOH A . 
P 4 HOH 56  356 93  HOH HOH A . 
P 4 HOH 57  357 52  HOH HOH A . 
P 4 HOH 58  358 19  HOH HOH A . 
P 4 HOH 59  359 83  HOH HOH A . 
P 4 HOH 60  360 219 HOH HOH A . 
P 4 HOH 61  361 87  HOH HOH A . 
P 4 HOH 62  362 189 HOH HOH A . 
P 4 HOH 63  363 25  HOH HOH A . 
P 4 HOH 64  364 60  HOH HOH A . 
P 4 HOH 65  365 39  HOH HOH A . 
P 4 HOH 66  366 15  HOH HOH A . 
P 4 HOH 67  367 136 HOH HOH A . 
P 4 HOH 68  368 134 HOH HOH A . 
P 4 HOH 69  369 135 HOH HOH A . 
P 4 HOH 70  370 227 HOH HOH A . 
P 4 HOH 71  371 7   HOH HOH A . 
P 4 HOH 72  372 62  HOH HOH A . 
P 4 HOH 73  373 20  HOH HOH A . 
P 4 HOH 74  374 70  HOH HOH A . 
P 4 HOH 75  375 178 HOH HOH A . 
P 4 HOH 76  376 226 HOH HOH A . 
P 4 HOH 77  377 220 HOH HOH A . 
P 4 HOH 78  378 73  HOH HOH A . 
P 4 HOH 79  379 82  HOH HOH A . 
P 4 HOH 80  380 56  HOH HOH A . 
P 4 HOH 81  381 210 HOH HOH A . 
P 4 HOH 82  382 161 HOH HOH A . 
P 4 HOH 83  383 49  HOH HOH A . 
P 4 HOH 84  384 6   HOH HOH A . 
P 4 HOH 85  385 78  HOH HOH A . 
P 4 HOH 86  386 23  HOH HOH A . 
P 4 HOH 87  387 221 HOH HOH A . 
P 4 HOH 88  388 27  HOH HOH A . 
P 4 HOH 89  389 185 HOH HOH A . 
P 4 HOH 90  390 11  HOH HOH A . 
P 4 HOH 91  391 235 HOH HOH A . 
P 4 HOH 92  392 209 HOH HOH A . 
P 4 HOH 93  393 21  HOH HOH A . 
P 4 HOH 94  394 50  HOH HOH A . 
P 4 HOH 95  395 203 HOH HOH A . 
P 4 HOH 96  396 24  HOH HOH A . 
P 4 HOH 97  397 51  HOH HOH A . 
P 4 HOH 98  398 165 HOH HOH A . 
P 4 HOH 99  399 234 HOH HOH A . 
P 4 HOH 100 400 182 HOH HOH A . 
P 4 HOH 101 401 205 HOH HOH A . 
P 4 HOH 102 402 26  HOH HOH A . 
P 4 HOH 103 403 225 HOH HOH A . 
P 4 HOH 104 404 199 HOH HOH A . 
P 4 HOH 105 405 18  HOH HOH A . 
P 4 HOH 106 406 2   HOH HOH A . 
P 4 HOH 107 407 193 HOH HOH A . 
P 4 HOH 108 408 36  HOH HOH A . 
P 4 HOH 109 409 129 HOH HOH A . 
P 4 HOH 110 410 85  HOH HOH A . 
P 4 HOH 111 411 101 HOH HOH A . 
P 4 HOH 112 412 190 HOH HOH A . 
P 4 HOH 113 413 215 HOH HOH A . 
P 4 HOH 114 414 162 HOH HOH A . 
P 4 HOH 115 415 228 HOH HOH A . 
P 4 HOH 116 416 200 HOH HOH A . 
P 4 HOH 117 417 177 HOH HOH A . 
P 4 HOH 118 418 156 HOH HOH A . 
P 4 HOH 119 419 230 HOH HOH A . 
P 4 HOH 120 420 169 HOH HOH A . 
P 4 HOH 121 421 74  HOH HOH A . 
P 4 HOH 122 422 224 HOH HOH A . 
P 4 HOH 123 423 117 HOH HOH A . 
P 4 HOH 124 424 173 HOH HOH A . 
P 4 HOH 125 425 201 HOH HOH A . 
P 4 HOH 126 426 98  HOH HOH A . 
P 4 HOH 127 427 150 HOH HOH A . 
P 4 HOH 128 428 222 HOH HOH A . 
P 4 HOH 129 429 186 HOH HOH A . 
P 4 HOH 130 430 229 HOH HOH A . 
P 4 HOH 131 431 184 HOH HOH A . 
P 4 HOH 132 432 213 HOH HOH A . 
P 4 HOH 133 433 133 HOH HOH A . 
P 4 HOH 134 434 181 HOH HOH A . 
P 4 HOH 135 435 180 HOH HOH A . 
P 4 HOH 136 436 195 HOH HOH A . 
P 4 HOH 137 437 176 HOH HOH A . 
P 4 HOH 138 438 196 HOH HOH A . 
P 4 HOH 139 439 194 HOH HOH A . 
P 4 HOH 140 440 231 HOH HOH A . 
P 4 HOH 141 441 168 HOH HOH A . 
P 4 HOH 142 442 153 HOH HOH A . 
P 4 HOH 143 443 218 HOH HOH A . 
P 4 HOH 144 444 208 HOH HOH A . 
P 4 HOH 145 445 223 HOH HOH A . 
P 4 HOH 146 446 211 HOH HOH A . 
P 4 HOH 147 447 198 HOH HOH A . 
P 4 HOH 148 448 188 HOH HOH A . 
P 4 HOH 149 449 187 HOH HOH A . 
P 4 HOH 150 450 158 HOH HOH A . 
P 4 HOH 151 451 34  HOH HOH A . 
P 4 HOH 152 452 115 HOH HOH A . 
P 4 HOH 153 453 214 HOH HOH A . 
P 4 HOH 154 454 191 HOH HOH A . 
P 4 HOH 155 455 151 HOH HOH A . 
P 4 HOH 156 456 159 HOH HOH A . 
P 4 HOH 157 457 89  HOH HOH A . 
P 4 HOH 158 458 236 HOH HOH A . 
P 4 HOH 159 459 174 HOH HOH A . 
P 4 HOH 160 460 57  HOH HOH A . 
P 4 HOH 161 461 171 HOH HOH A . 
P 4 HOH 162 462 233 HOH HOH A . 
P 4 HOH 163 463 175 HOH HOH A . 
P 4 HOH 164 464 167 HOH HOH A . 
P 4 HOH 165 465 157 HOH HOH A . 
P 4 HOH 166 466 139 HOH HOH A . 
P 4 HOH 167 467 155 HOH HOH A . 
P 4 HOH 168 468 166 HOH HOH A . 
# 
loop_
_software.citation_id 
_software.classification 
_software.compiler_name 
_software.compiler_version 
_software.contact_author 
_software.contact_author_email 
_software.date 
_software.description 
_software.dependencies 
_software.hardware 
_software.language 
_software.location 
_software.mods 
_software.name 
_software.os 
_software.os_version 
_software.type 
_software.version 
_software.pdbx_ordinal 
? 'data scaling'    ? ? ? ? ? ? ? ? ? ? ? XDS         ? ? ? .        1 
? refinement        ? ? ? ? ? ? ? ? ? ? ? REFMAC      ? ? ? 5.8.0158 2 
? 'data extraction' ? ? ? ? ? ? ? ? ? ? ? PDB_EXTRACT ? ? ? 3.25     3 
? phasing           ? ? ? ? ? ? ? ? ? ? ? PHASER      ? ? ? .        4 
? 'data reduction'  ? ? ? ? ? ? ? ? ? ? ? XDS         ? ? ? .        5 
# 
_cell.angle_alpha                  90.000 
_cell.angle_alpha_esd              ? 
_cell.angle_beta                   90.000 
_cell.angle_beta_esd               ? 
_cell.angle_gamma                  90.000 
_cell.angle_gamma_esd              ? 
_cell.entry_id                     7BMY 
_cell.details                      ? 
_cell.formula_units_Z              ? 
_cell.length_a                     34.426 
_cell.length_a_esd                 ? 
_cell.length_b                     106.791 
_cell.length_b_esd                 ? 
_cell.length_c                     75.870 
_cell.length_c_esd                 ? 
_cell.volume                       ? 
_cell.volume_esd                   ? 
_cell.Z_PDB                        8 
_cell.reciprocal_angle_alpha       ? 
_cell.reciprocal_angle_beta        ? 
_cell.reciprocal_angle_gamma       ? 
_cell.reciprocal_angle_alpha_esd   ? 
_cell.reciprocal_angle_beta_esd    ? 
_cell.reciprocal_angle_gamma_esd   ? 
_cell.reciprocal_length_a          ? 
_cell.reciprocal_length_b          ? 
_cell.reciprocal_length_c          ? 
_cell.reciprocal_length_a_esd      ? 
_cell.reciprocal_length_b_esd      ? 
_cell.reciprocal_length_c_esd      ? 
_cell.pdbx_unique_axis             ? 
# 
_symmetry.entry_id                         7BMY 
_symmetry.cell_setting                     ? 
_symmetry.Int_Tables_number                20 
_symmetry.space_group_name_Hall            ? 
_symmetry.space_group_name_H-M             'C 2 2 21' 
_symmetry.pdbx_full_space_group_name_H-M   ? 
# 
_exptl.absorpt_coefficient_mu     ? 
_exptl.absorpt_correction_T_max   ? 
_exptl.absorpt_correction_T_min   ? 
_exptl.absorpt_correction_type    ? 
_exptl.absorpt_process_details    ? 
_exptl.entry_id                   7BMY 
_exptl.crystals_number            1 
_exptl.details                    ? 
_exptl.method                     'X-RAY DIFFRACTION' 
_exptl.method_details             ? 
# 
_exptl_crystal.colour                      ? 
_exptl_crystal.density_diffrn              ? 
_exptl_crystal.density_Matthews            2.30 
_exptl_crystal.density_method              ? 
_exptl_crystal.density_percent_sol         46.43 
_exptl_crystal.description                 ? 
_exptl_crystal.F_000                       ? 
_exptl_crystal.id                          1 
_exptl_crystal.preparation                 ? 
_exptl_crystal.size_max                    ? 
_exptl_crystal.size_mid                    ? 
_exptl_crystal.size_min                    ? 
_exptl_crystal.size_rad                    ? 
_exptl_crystal.colour_lustre               ? 
_exptl_crystal.colour_modifier             ? 
_exptl_crystal.colour_primary              ? 
_exptl_crystal.density_meas                ? 
_exptl_crystal.density_meas_esd            ? 
_exptl_crystal.density_meas_gt             ? 
_exptl_crystal.density_meas_lt             ? 
_exptl_crystal.density_meas_temp           ? 
_exptl_crystal.density_meas_temp_esd       ? 
_exptl_crystal.density_meas_temp_gt        ? 
_exptl_crystal.density_meas_temp_lt        ? 
_exptl_crystal.pdbx_crystal_image_url      ? 
_exptl_crystal.pdbx_crystal_image_format   ? 
_exptl_crystal.pdbx_mosaicity              ? 
_exptl_crystal.pdbx_mosaicity_esd          ? 
# 
_exptl_crystal_grow.apparatus       ? 
_exptl_crystal_grow.atmosphere      ? 
_exptl_crystal_grow.crystal_id      1 
_exptl_crystal_grow.details         ? 
_exptl_crystal_grow.method          'VAPOR DIFFUSION, HANGING DROP' 
_exptl_crystal_grow.method_ref      ? 
_exptl_crystal_grow.pH              ? 
_exptl_crystal_grow.pressure        ? 
_exptl_crystal_grow.pressure_esd    ? 
_exptl_crystal_grow.seeding         ? 
_exptl_crystal_grow.seeding_ref     ? 
_exptl_crystal_grow.temp            293.15 
_exptl_crystal_grow.temp_details    ? 
_exptl_crystal_grow.temp_esd        ? 
_exptl_crystal_grow.time            ? 
_exptl_crystal_grow.pdbx_details    '0.7 M cesium chloride, 18 % (w/v) PEG 4000' 
_exptl_crystal_grow.pdbx_pH_range   ? 
# 
_diffrn.ambient_environment              ? 
_diffrn.ambient_temp                     100 
_diffrn.ambient_temp_details             ? 
_diffrn.ambient_temp_esd                 ? 
_diffrn.crystal_id                       1 
_diffrn.crystal_support                  ? 
_diffrn.crystal_treatment                ? 
_diffrn.details                          ? 
_diffrn.id                               1 
_diffrn.ambient_pressure                 ? 
_diffrn.ambient_pressure_esd             ? 
_diffrn.ambient_pressure_gt              ? 
_diffrn.ambient_pressure_lt              ? 
_diffrn.ambient_temp_gt                  ? 
_diffrn.ambient_temp_lt                  ? 
_diffrn.pdbx_serial_crystal_experiment   N 
# 
_diffrn_detector.details                      ? 
_diffrn_detector.detector                     PIXEL 
_diffrn_detector.diffrn_id                    1 
_diffrn_detector.type                         'DECTRIS PILATUS3 6M' 
_diffrn_detector.area_resol_mean              ? 
_diffrn_detector.dtime                        ? 
_diffrn_detector.pdbx_frames_total            ? 
_diffrn_detector.pdbx_collection_time_total   ? 
_diffrn_detector.pdbx_collection_date         2014-11-24 
_diffrn_detector.pdbx_frequency               ? 
# 
_diffrn_radiation.collimation                      ? 
_diffrn_radiation.diffrn_id                        1 
_diffrn_radiation.filter_edge                      ? 
_diffrn_radiation.inhomogeneity                    ? 
_diffrn_radiation.monochromator                    ? 
_diffrn_radiation.polarisn_norm                    ? 
_diffrn_radiation.polarisn_ratio                   ? 
_diffrn_radiation.probe                            ? 
_diffrn_radiation.type                             ? 
_diffrn_radiation.xray_symbol                      ? 
_diffrn_radiation.wavelength_id                    1 
_diffrn_radiation.pdbx_monochromatic_or_laue_m_l   M 
_diffrn_radiation.pdbx_wavelength_list             ? 
_diffrn_radiation.pdbx_wavelength                  ? 
_diffrn_radiation.pdbx_diffrn_protocol             'SINGLE WAVELENGTH' 
_diffrn_radiation.pdbx_analyzer                    ? 
_diffrn_radiation.pdbx_scattering_type             x-ray 
# 
_diffrn_radiation_wavelength.id           1 
_diffrn_radiation_wavelength.wavelength   1.77114 
_diffrn_radiation_wavelength.wt           1.0 
# 
_diffrn_source.current                     ? 
_diffrn_source.details                     ? 
_diffrn_source.diffrn_id                   1 
_diffrn_source.power                       ? 
_diffrn_source.size                        ? 
_diffrn_source.source                      SYNCHROTRON 
_diffrn_source.target                      ? 
_diffrn_source.type                        'ESRF BEAMLINE ID29' 
_diffrn_source.voltage                     ? 
_diffrn_source.take-off_angle              ? 
_diffrn_source.pdbx_wavelength_list        1.77114 
_diffrn_source.pdbx_wavelength             ? 
_diffrn_source.pdbx_synchrotron_beamline   ID29 
_diffrn_source.pdbx_synchrotron_site       ESRF 
# 
_reflns.B_iso_Wilson_estimate            ? 
_reflns.entry_id                         7BMY 
_reflns.data_reduction_details           ? 
_reflns.data_reduction_method            ? 
_reflns.d_resolution_high                1.800 
_reflns.d_resolution_low                 43.670 
_reflns.details                          ? 
_reflns.limit_h_max                      ? 
_reflns.limit_h_min                      ? 
_reflns.limit_k_max                      ? 
_reflns.limit_k_min                      ? 
_reflns.limit_l_max                      ? 
_reflns.limit_l_min                      ? 
_reflns.number_all                       ? 
_reflns.number_obs                       12670 
_reflns.observed_criterion               ? 
_reflns.observed_criterion_F_max         ? 
_reflns.observed_criterion_F_min         ? 
_reflns.observed_criterion_I_max         ? 
_reflns.observed_criterion_I_min         ? 
_reflns.observed_criterion_sigma_F       ? 
_reflns.observed_criterion_sigma_I       ? 
_reflns.percent_possible_obs             94.900 
_reflns.R_free_details                   ? 
_reflns.Rmerge_F_all                     ? 
_reflns.Rmerge_F_obs                     ? 
_reflns.Friedel_coverage                 ? 
_reflns.number_gt                        ? 
_reflns.threshold_expression             ? 
_reflns.pdbx_redundancy                  33.000 
_reflns.pdbx_Rmerge_I_obs                0.150 
_reflns.pdbx_Rmerge_I_all                ? 
_reflns.pdbx_Rsym_value                  ? 
_reflns.pdbx_netI_over_av_sigmaI         ? 
_reflns.pdbx_netI_over_sigmaI            22.000 
_reflns.pdbx_res_netI_over_av_sigmaI_2   ? 
_reflns.pdbx_res_netI_over_sigmaI_2      ? 
_reflns.pdbx_chi_squared                 ? 
_reflns.pdbx_scaling_rejects             ? 
_reflns.pdbx_d_res_high_opt              ? 
_reflns.pdbx_d_res_low_opt               ? 
_reflns.pdbx_d_res_opt_method            ? 
_reflns.phase_calculation_details        ? 
_reflns.pdbx_Rrim_I_all                  0.152 
_reflns.pdbx_Rpim_I_all                  0.026 
_reflns.pdbx_d_opt                       ? 
_reflns.pdbx_number_measured_all         ? 
_reflns.pdbx_diffrn_id                   1 
_reflns.pdbx_ordinal                     1 
_reflns.pdbx_CC_half                     0.999 
_reflns.pdbx_CC_star                     ? 
_reflns.pdbx_R_split                     ? 
# 
loop_
_reflns_shell.d_res_high 
_reflns_shell.d_res_low 
_reflns_shell.meanI_over_sigI_all 
_reflns_shell.meanI_over_sigI_obs 
_reflns_shell.number_measured_all 
_reflns_shell.number_measured_obs 
_reflns_shell.number_possible 
_reflns_shell.number_unique_all 
_reflns_shell.number_unique_obs 
_reflns_shell.percent_possible_all 
_reflns_shell.percent_possible_obs 
_reflns_shell.Rmerge_F_all 
_reflns_shell.Rmerge_F_obs 
_reflns_shell.Rmerge_I_all 
_reflns_shell.Rmerge_I_obs 
_reflns_shell.meanI_over_sigI_gt 
_reflns_shell.meanI_over_uI_all 
_reflns_shell.meanI_over_uI_gt 
_reflns_shell.number_measured_gt 
_reflns_shell.number_unique_gt 
_reflns_shell.percent_possible_gt 
_reflns_shell.Rmerge_F_gt 
_reflns_shell.Rmerge_I_gt 
_reflns_shell.pdbx_redundancy 
_reflns_shell.pdbx_Rsym_value 
_reflns_shell.pdbx_chi_squared 
_reflns_shell.pdbx_netI_over_sigmaI_all 
_reflns_shell.pdbx_netI_over_sigmaI_obs 
_reflns_shell.pdbx_Rrim_I_all 
_reflns_shell.pdbx_Rpim_I_all 
_reflns_shell.pdbx_rejects 
_reflns_shell.pdbx_ordinal 
_reflns_shell.pdbx_diffrn_id 
_reflns_shell.pdbx_CC_half 
_reflns_shell.pdbx_CC_star 
_reflns_shell.pdbx_R_split 
1.800 1.840  ? ? 10544 ? ? ? 487 65.100 ? ? ? ? 1.359 ? ? ? ? ? ? ? ? 21.700 ? ? ? 2.700  1.392 0.293 ? 1 1 0.851 ? ? 
9.000 43.670 ? ? 4358  ? ? ? 137 99.500 ? ? ? ? 0.105 ? ? ? ? ? ? ? ? 31.800 ? ? ? 50.800 0.107 0.018 ? 2 1 0.999 ? ? 
# 
_refine.aniso_B[1][1]                            0.8500 
_refine.aniso_B[1][2]                            0.0000 
_refine.aniso_B[1][3]                            0.0000 
_refine.aniso_B[2][2]                            -1.5700 
_refine.aniso_B[2][3]                            0.0000 
_refine.aniso_B[3][3]                            0.7200 
_refine.B_iso_max                                65.880 
_refine.B_iso_mean                               19.9780 
_refine.B_iso_min                                8.730 
_refine.correlation_coeff_Fo_to_Fc               0.9490 
_refine.correlation_coeff_Fo_to_Fc_free          0.9340 
_refine.details                                  
'HYDROGENS HAVE BEEN ADDED IN THE RIDING POSITIONS U VALUES      : REFINED INDIVIDUALLY' 
_refine.diff_density_max                         ? 
_refine.diff_density_max_esd                     ? 
_refine.diff_density_min                         ? 
_refine.diff_density_min_esd                     ? 
_refine.diff_density_rms                         ? 
_refine.diff_density_rms_esd                     ? 
_refine.entry_id                                 7BMY 
_refine.pdbx_refine_id                           'X-RAY DIFFRACTION' 
_refine.ls_abs_structure_details                 ? 
_refine.ls_abs_structure_Flack                   ? 
_refine.ls_abs_structure_Flack_esd               ? 
_refine.ls_abs_structure_Rogers                  ? 
_refine.ls_abs_structure_Rogers_esd              ? 
_refine.ls_d_res_high                            1.8000 
_refine.ls_d_res_low                             43.670 
_refine.ls_extinction_coef                       ? 
_refine.ls_extinction_coef_esd                   ? 
_refine.ls_extinction_expression                 ? 
_refine.ls_extinction_method                     ? 
_refine.ls_goodness_of_fit_all                   ? 
_refine.ls_goodness_of_fit_all_esd               ? 
_refine.ls_goodness_of_fit_obs                   ? 
_refine.ls_goodness_of_fit_obs_esd               ? 
_refine.ls_hydrogen_treatment                    ? 
_refine.ls_matrix_type                           ? 
_refine.ls_number_constraints                    ? 
_refine.ls_number_parameters                     ? 
_refine.ls_number_reflns_all                     ? 
_refine.ls_number_reflns_obs                     12052 
_refine.ls_number_reflns_R_free                  599 
_refine.ls_number_reflns_R_work                  ? 
_refine.ls_number_restraints                     ? 
_refine.ls_percent_reflns_obs                    94.4900 
_refine.ls_percent_reflns_R_free                 4.7000 
_refine.ls_R_factor_all                          ? 
_refine.ls_R_factor_obs                          0.1847 
_refine.ls_R_factor_R_free                       0.2145 
_refine.ls_R_factor_R_free_error                 ? 
_refine.ls_R_factor_R_free_error_details         ? 
_refine.ls_R_factor_R_work                       0.1832 
_refine.ls_R_Fsqd_factor_obs                     ? 
_refine.ls_R_I_factor_obs                        ? 
_refine.ls_redundancy_reflns_all                 ? 
_refine.ls_redundancy_reflns_obs                 ? 
_refine.ls_restrained_S_all                      ? 
_refine.ls_restrained_S_obs                      ? 
_refine.ls_shift_over_esd_max                    ? 
_refine.ls_shift_over_esd_mean                   ? 
_refine.ls_structure_factor_coef                 ? 
_refine.ls_weighting_details                     ? 
_refine.ls_weighting_scheme                      ? 
_refine.ls_wR_factor_all                         ? 
_refine.ls_wR_factor_obs                         ? 
_refine.ls_wR_factor_R_free                      ? 
_refine.ls_wR_factor_R_work                      ? 
_refine.occupancy_max                            ? 
_refine.occupancy_min                            ? 
_refine.solvent_model_details                    MASK 
_refine.solvent_model_param_bsol                 ? 
_refine.solvent_model_param_ksol                 ? 
_refine.pdbx_R_complete                          ? 
_refine.ls_R_factor_gt                           ? 
_refine.ls_goodness_of_fit_gt                    ? 
_refine.ls_goodness_of_fit_ref                   ? 
_refine.ls_shift_over_su_max                     ? 
_refine.ls_shift_over_su_max_lt                  ? 
_refine.ls_shift_over_su_mean                    ? 
_refine.ls_shift_over_su_mean_lt                 ? 
_refine.pdbx_ls_sigma_I                          ? 
_refine.pdbx_ls_sigma_F                          0.000 
_refine.pdbx_ls_sigma_Fsqd                       ? 
_refine.pdbx_data_cutoff_high_absF               ? 
_refine.pdbx_data_cutoff_high_rms_absF           ? 
_refine.pdbx_data_cutoff_low_absF                ? 
_refine.pdbx_isotropic_thermal_model             ? 
_refine.pdbx_ls_cross_valid_method               THROUGHOUT 
_refine.pdbx_method_to_determine_struct          SAD 
_refine.pdbx_starting_model                      ? 
_refine.pdbx_stereochemistry_target_values       'MAXIMUM LIKELIHOOD' 
_refine.pdbx_R_Free_selection_details            RANDOM 
_refine.pdbx_stereochem_target_val_spec_case     ? 
_refine.pdbx_overall_ESU_R                       0.1300 
_refine.pdbx_overall_ESU_R_Free                  0.1210 
_refine.pdbx_solvent_vdw_probe_radii             1.2000 
_refine.pdbx_solvent_ion_probe_radii             0.8000 
_refine.pdbx_solvent_shrinkage_radii             0.8000 
_refine.pdbx_real_space_R                        ? 
_refine.pdbx_density_correlation                 ? 
_refine.pdbx_pd_number_of_powder_patterns        ? 
_refine.pdbx_pd_number_of_points                 ? 
_refine.pdbx_pd_meas_number_of_points            ? 
_refine.pdbx_pd_proc_ls_prof_R_factor            ? 
_refine.pdbx_pd_proc_ls_prof_wR_factor           ? 
_refine.pdbx_pd_Marquardt_correlation_coeff      ? 
_refine.pdbx_pd_Fsqrd_R_factor                   ? 
_refine.pdbx_pd_ls_matrix_band_width             ? 
_refine.pdbx_overall_phase_error                 ? 
_refine.pdbx_overall_SU_R_free_Cruickshank_DPI   ? 
_refine.pdbx_overall_SU_R_free_Blow_DPI          ? 
_refine.pdbx_overall_SU_R_Blow_DPI               ? 
_refine.pdbx_TLS_residual_ADP_flag               ? 
_refine.pdbx_diffrn_id                           1 
_refine.overall_SU_B                             2.3180 
_refine.overall_SU_ML                            0.0740 
_refine.overall_SU_R_Cruickshank_DPI             ? 
_refine.overall_SU_R_free                        ? 
_refine.overall_FOM_free_R_set                   ? 
_refine.overall_FOM_work_R_set                   ? 
_refine.pdbx_average_fsc_overall                 ? 
_refine.pdbx_average_fsc_work                    ? 
_refine.pdbx_average_fsc_free                    ? 
# 
_refine_hist.pdbx_refine_id                   'X-RAY DIFFRACTION' 
_refine_hist.cycle_id                         final 
_refine_hist.details                          ? 
_refine_hist.d_res_high                       1.8000 
_refine_hist.d_res_low                        43.670 
_refine_hist.number_atoms_solvent             168 
_refine_hist.number_atoms_total               1076 
_refine_hist.number_reflns_all                ? 
_refine_hist.number_reflns_obs                ? 
_refine_hist.number_reflns_R_free             ? 
_refine_hist.number_reflns_R_work             ? 
_refine_hist.R_factor_all                     ? 
_refine_hist.R_factor_obs                     ? 
_refine_hist.R_factor_R_free                  ? 
_refine_hist.R_factor_R_work                  ? 
_refine_hist.pdbx_number_residues_total       115 
_refine_hist.pdbx_B_iso_mean_ligand           40.36 
_refine_hist.pdbx_B_iso_mean_solvent          30.33 
_refine_hist.pdbx_number_atoms_protein        894 
_refine_hist.pdbx_number_atoms_nucleic_acid   0 
_refine_hist.pdbx_number_atoms_ligand         14 
_refine_hist.pdbx_number_atoms_lipid          ? 
_refine_hist.pdbx_number_atoms_carb           ? 
_refine_hist.pdbx_pseudo_atom_details         ? 
# 
loop_
_refine_ls_restr.pdbx_refine_id 
_refine_ls_restr.criterion 
_refine_ls_restr.dev_ideal 
_refine_ls_restr.dev_ideal_target 
_refine_ls_restr.number 
_refine_ls_restr.rejects 
_refine_ls_restr.type 
_refine_ls_restr.weight 
_refine_ls_restr.pdbx_restraint_function 
'X-RAY DIFFRACTION' ? 0.020  0.020  948  ? r_bond_refined_d       ? ? 
'X-RAY DIFFRACTION' ? 0.004  0.020  892  ? r_bond_other_d         ? ? 
'X-RAY DIFFRACTION' ? 2.108  1.992  1303 ? r_angle_refined_deg    ? ? 
'X-RAY DIFFRACTION' ? 1.136  3.000  2093 ? r_angle_other_deg      ? ? 
'X-RAY DIFFRACTION' ? 5.590  5.000  123  ? r_dihedral_angle_1_deg ? ? 
'X-RAY DIFFRACTION' ? 27.641 24.500 40   ? r_dihedral_angle_2_deg ? ? 
'X-RAY DIFFRACTION' ? 14.102 15.000 156  ? r_dihedral_angle_3_deg ? ? 
'X-RAY DIFFRACTION' ? 16.974 15.000 6    ? r_dihedral_angle_4_deg ? ? 
'X-RAY DIFFRACTION' ? 0.133  0.200  149  ? r_chiral_restr         ? ? 
'X-RAY DIFFRACTION' ? 0.010  0.021  1044 ? r_gen_planes_refined   ? ? 
'X-RAY DIFFRACTION' ? 0.003  0.020  174  ? r_gen_planes_other     ? ? 
# 
_refine_ls_shell.pdbx_refine_id                   'X-RAY DIFFRACTION' 
_refine_ls_shell.d_res_high                       1.8000 
_refine_ls_shell.d_res_low                        1.8470 
_refine_ls_shell.number_reflns_all                617 
_refine_ls_shell.number_reflns_obs                ? 
_refine_ls_shell.number_reflns_R_free             25 
_refine_ls_shell.number_reflns_R_work             592 
_refine_ls_shell.percent_reflns_obs               64.2700 
_refine_ls_shell.percent_reflns_R_free            ? 
_refine_ls_shell.R_factor_all                     ? 
_refine_ls_shell.R_factor_obs                     ? 
_refine_ls_shell.R_factor_R_free                  0.2150 
_refine_ls_shell.R_factor_R_free_error            0.0000 
_refine_ls_shell.R_factor_R_work                  0.2420 
_refine_ls_shell.redundancy_reflns_all            ? 
_refine_ls_shell.redundancy_reflns_obs            ? 
_refine_ls_shell.wR_factor_all                    ? 
_refine_ls_shell.wR_factor_obs                    ? 
_refine_ls_shell.wR_factor_R_free                 ? 
_refine_ls_shell.wR_factor_R_work                 ? 
_refine_ls_shell.pdbx_R_complete                  ? 
_refine_ls_shell.pdbx_total_number_of_bins_used   20 
_refine_ls_shell.pdbx_phase_error                 ? 
_refine_ls_shell.pdbx_fsc_work                    ? 
_refine_ls_shell.pdbx_fsc_free                    ? 
# 
_struct.entry_id                     7BMY 
_struct.title                        'p62PH in cesium chloride (0.7 M CsCl in crystallization condition and cryo protectant)' 
_struct.pdbx_model_details           ? 
_struct.pdbx_formula_weight          ? 
_struct.pdbx_formula_weight_method   ? 
_struct.pdbx_model_type_details      ? 
_struct.pdbx_CASP_flag               N 
# 
_struct_keywords.entry_id        7BMY 
_struct_keywords.text            'Cesium, Phasing, Pleckstrin homology domain, TRANSCRIPTION' 
_struct_keywords.pdbx_keywords   TRANSCRIPTION 
# 
loop_
_struct_asym.id 
_struct_asym.pdbx_blank_PDB_chainid_flag 
_struct_asym.pdbx_modified 
_struct_asym.entity_id 
_struct_asym.details 
A N N 1 ? 
B N N 2 ? 
C N N 2 ? 
D N N 2 ? 
E N N 2 ? 
F N N 2 ? 
G N N 2 ? 
H N N 2 ? 
I N N 2 ? 
J N N 3 ? 
K N N 3 ? 
L N N 3 ? 
M N N 3 ? 
N N N 3 ? 
O N N 3 ? 
P N N 4 ? 
# 
_struct_ref.id                         1 
_struct_ref.db_name                    UNP 
_struct_ref.db_code                    G0RZ08_CHATD 
_struct_ref.pdbx_db_accession          G0RZ08 
_struct_ref.pdbx_db_isoform            ? 
_struct_ref.entity_id                  1 
_struct_ref.pdbx_seq_one_letter_code   
;MSIPRSQTTYKKKEGILTLTEDRKFLIWTPLPATGPPTVSLALDNITNLQQTPPGSAKVILKFTERPRPNAEPGAPPPQY
MFQFTHPTDARAEANAIRDLLSQLLAAAR
;
_struct_ref.pdbx_align_begin           1 
# 
_struct_ref_seq.align_id                      1 
_struct_ref_seq.ref_id                        1 
_struct_ref_seq.pdbx_PDB_id_code              7BMY 
_struct_ref_seq.pdbx_strand_id                A 
_struct_ref_seq.seq_align_beg                 27 
_struct_ref_seq.pdbx_seq_align_beg_ins_code   ? 
_struct_ref_seq.seq_align_end                 135 
_struct_ref_seq.pdbx_seq_align_end_ins_code   ? 
_struct_ref_seq.pdbx_db_accession             G0RZ08 
_struct_ref_seq.db_align_beg                  1 
_struct_ref_seq.pdbx_db_align_beg_ins_code    ? 
_struct_ref_seq.db_align_end                  109 
_struct_ref_seq.pdbx_db_align_end_ins_code    ? 
_struct_ref_seq.pdbx_auth_seq_align_beg       1 
_struct_ref_seq.pdbx_auth_seq_align_end       109 
# 
loop_
_struct_ref_seq_dif.align_id 
_struct_ref_seq_dif.pdbx_pdb_id_code 
_struct_ref_seq_dif.mon_id 
_struct_ref_seq_dif.pdbx_pdb_strand_id 
_struct_ref_seq_dif.seq_num 
_struct_ref_seq_dif.pdbx_pdb_ins_code 
_struct_ref_seq_dif.pdbx_seq_db_name 
_struct_ref_seq_dif.pdbx_seq_db_accession_code 
_struct_ref_seq_dif.db_mon_id 
_struct_ref_seq_dif.pdbx_seq_db_seq_num 
_struct_ref_seq_dif.details 
_struct_ref_seq_dif.pdbx_auth_seq_num 
_struct_ref_seq_dif.pdbx_ordinal 
1 7BMY MET A 1  ? UNP G0RZ08 ? ? 'initiating methionine' -25 1  
1 7BMY LYS A 2  ? UNP G0RZ08 ? ? 'expression tag'        -24 2  
1 7BMY HIS A 3  ? UNP G0RZ08 ? ? 'expression tag'        -23 3  
1 7BMY HIS A 4  ? UNP G0RZ08 ? ? 'expression tag'        -22 4  
1 7BMY HIS A 5  ? UNP G0RZ08 ? ? 'expression tag'        -21 5  
1 7BMY HIS A 6  ? UNP G0RZ08 ? ? 'expression tag'        -20 6  
1 7BMY HIS A 7  ? UNP G0RZ08 ? ? 'expression tag'        -19 7  
1 7BMY HIS A 8  ? UNP G0RZ08 ? ? 'expression tag'        -18 8  
1 7BMY PRO A 9  ? UNP G0RZ08 ? ? 'expression tag'        -17 9  
1 7BMY MET A 10 ? UNP G0RZ08 ? ? 'expression tag'        -16 10 
1 7BMY SER A 11 ? UNP G0RZ08 ? ? 'expression tag'        -15 11 
1 7BMY ASP A 12 ? UNP G0RZ08 ? ? 'expression tag'        -14 12 
1 7BMY TYR A 13 ? UNP G0RZ08 ? ? 'expression tag'        -13 13 
1 7BMY ASP A 14 ? UNP G0RZ08 ? ? 'expression tag'        -12 14 
1 7BMY ILE A 15 ? UNP G0RZ08 ? ? 'expression tag'        -11 15 
1 7BMY PRO A 16 ? UNP G0RZ08 ? ? 'expression tag'        -10 16 
1 7BMY THR A 17 ? UNP G0RZ08 ? ? 'expression tag'        -9  17 
1 7BMY THR A 18 ? UNP G0RZ08 ? ? 'expression tag'        -8  18 
1 7BMY GLU A 19 ? UNP G0RZ08 ? ? 'expression tag'        -7  19 
1 7BMY ASN A 20 ? UNP G0RZ08 ? ? 'expression tag'        -6  20 
1 7BMY LEU A 21 ? UNP G0RZ08 ? ? 'expression tag'        -5  21 
1 7BMY TYR A 22 ? UNP G0RZ08 ? ? 'expression tag'        -4  22 
1 7BMY PHE A 23 ? UNP G0RZ08 ? ? 'expression tag'        -3  23 
1 7BMY GLN A 24 ? UNP G0RZ08 ? ? 'expression tag'        -2  24 
1 7BMY GLY A 25 ? UNP G0RZ08 ? ? 'expression tag'        -1  25 
1 7BMY ALA A 26 ? UNP G0RZ08 ? ? 'expression tag'        0   26 
# 
_pdbx_struct_assembly.id                   1 
_pdbx_struct_assembly.details              author_defined_assembly 
_pdbx_struct_assembly.method_details       ? 
_pdbx_struct_assembly.oligomeric_details   monomeric 
_pdbx_struct_assembly.oligomeric_count     1 
# 
loop_
_pdbx_struct_assembly_prop.biol_id 
_pdbx_struct_assembly_prop.type 
_pdbx_struct_assembly_prop.value 
_pdbx_struct_assembly_prop.details 
1 'ABSA (A^2)' 2560 ? 
1 MORE         -288 ? 
1 'SSA (A^2)'  7610 ? 
# 
_pdbx_struct_assembly_gen.assembly_id       1 
_pdbx_struct_assembly_gen.oper_expression   1 
_pdbx_struct_assembly_gen.asym_id_list      A,B,C,D,E,F,G,H,I,J,K,L,M,N,O,P 
# 
_pdbx_struct_assembly_auth_evidence.id                     1 
_pdbx_struct_assembly_auth_evidence.assembly_id            1 
_pdbx_struct_assembly_auth_evidence.experimental_support   'gel filtration' 
_pdbx_struct_assembly_auth_evidence.details                ? 
# 
_pdbx_struct_oper_list.id                   1 
_pdbx_struct_oper_list.type                 'identity operation' 
_pdbx_struct_oper_list.name                 1_555 
_pdbx_struct_oper_list.symmetry_operation   x,y,z 
_pdbx_struct_oper_list.matrix[1][1]         1.0000000000 
_pdbx_struct_oper_list.matrix[1][2]         0.0000000000 
_pdbx_struct_oper_list.matrix[1][3]         0.0000000000 
_pdbx_struct_oper_list.vector[1]            0.0000000000 
_pdbx_struct_oper_list.matrix[2][1]         0.0000000000 
_pdbx_struct_oper_list.matrix[2][2]         1.0000000000 
_pdbx_struct_oper_list.matrix[2][3]         0.0000000000 
_pdbx_struct_oper_list.vector[2]            0.0000000000 
_pdbx_struct_oper_list.matrix[3][1]         0.0000000000 
_pdbx_struct_oper_list.matrix[3][2]         0.0000000000 
_pdbx_struct_oper_list.matrix[3][3]         1.0000000000 
_pdbx_struct_oper_list.vector[3]            0.0000000000 
# 
_struct_conf.conf_type_id            HELX_P 
_struct_conf.id                      HELX_P1 
_struct_conf.pdbx_PDB_helix_id       AA1 
_struct_conf.beg_label_comp_id       ASP 
_struct_conf.beg_label_asym_id       A 
_struct_conf.beg_label_seq_id        115 
_struct_conf.pdbx_beg_PDB_ins_code   ? 
_struct_conf.end_label_comp_id       ALA 
_struct_conf.end_label_asym_id       A 
_struct_conf.end_label_seq_id        134 
_struct_conf.pdbx_end_PDB_ins_code   ? 
_struct_conf.beg_auth_comp_id        ASP 
_struct_conf.beg_auth_asym_id        A 
_struct_conf.beg_auth_seq_id         89 
_struct_conf.end_auth_comp_id        ALA 
_struct_conf.end_auth_asym_id        A 
_struct_conf.end_auth_seq_id         108 
_struct_conf.pdbx_PDB_helix_class    1 
_struct_conf.details                 ? 
_struct_conf.pdbx_PDB_helix_length   20 
# 
_struct_conf_type.id          HELX_P 
_struct_conf_type.criteria    ? 
_struct_conf_type.reference   ? 
# 
loop_
_struct_conn.id 
_struct_conn.conn_type_id 
_struct_conn.pdbx_leaving_atom_flag 
_struct_conn.pdbx_PDB_id 
_struct_conn.ptnr1_label_asym_id 
_struct_conn.ptnr1_label_comp_id 
_struct_conn.ptnr1_label_seq_id 
_struct_conn.ptnr1_label_atom_id 
_struct_conn.pdbx_ptnr1_label_alt_id 
_struct_conn.pdbx_ptnr1_PDB_ins_code 
_struct_conn.pdbx_ptnr1_standard_comp_id 
_struct_conn.ptnr1_symmetry 
_struct_conn.ptnr2_label_asym_id 
_struct_conn.ptnr2_label_comp_id 
_struct_conn.ptnr2_label_seq_id 
_struct_conn.ptnr2_label_atom_id 
_struct_conn.pdbx_ptnr2_label_alt_id 
_struct_conn.pdbx_ptnr2_PDB_ins_code 
_struct_conn.ptnr1_auth_asym_id 
_struct_conn.ptnr1_auth_comp_id 
_struct_conn.ptnr1_auth_seq_id 
_struct_conn.ptnr2_auth_asym_id 
_struct_conn.ptnr2_auth_comp_id 
_struct_conn.ptnr2_auth_seq_id 
_struct_conn.ptnr2_symmetry 
_struct_conn.pdbx_ptnr3_label_atom_id 
_struct_conn.pdbx_ptnr3_label_seq_id 
_struct_conn.pdbx_ptnr3_label_comp_id 
_struct_conn.pdbx_ptnr3_label_asym_id 
_struct_conn.pdbx_ptnr3_label_alt_id 
_struct_conn.pdbx_ptnr3_PDB_ins_code 
_struct_conn.details 
_struct_conn.pdbx_dist_value 
_struct_conn.pdbx_value_order 
_struct_conn.pdbx_role 
metalc1  metalc ? ? A ARG 31  O   ? ? ? 1_555 E CS  . CS ? ? A ARG 5   A CS  204 1_555 ? ? ? ? ? ? ? 3.196 ? ? 
metalc2  metalc ? ? A GLN 33  OE1 ? ? ? 1_555 I CS  . CS ? ? A GLN 7   A CS  208 1_555 ? ? ? ? ? ? ? 3.302 ? ? 
metalc3  metalc ? ? A TYR 36  OH  ? ? ? 1_555 G CS  . CS ? ? A TYR 10  A CS  206 1_555 ? ? ? ? ? ? ? 3.171 ? ? 
metalc4  metalc ? ? A LEU 69  O   ? ? ? 1_555 H CS  . CS ? ? A LEU 43  A CS  207 1_555 ? ? ? ? ? ? ? 3.214 ? ? 
metalc5  metalc ? ? A ILE 72  O   ? ? ? 1_555 H CS  . CS ? ? A ILE 46  A CS  207 1_555 ? ? ? ? ? ? ? 2.946 ? ? 
metalc6  metalc ? ? A THR 73  O   ? ? ? 1_555 F CS  . CS ? ? A THR 47  A CS  205 1_555 ? ? ? ? ? ? ? 2.794 ? ? 
metalc7  metalc ? ? A SER 82  O   ? ? ? 1_555 B CS  . CS ? ? A SER 56  A CS  201 1_555 ? ? ? ? ? ? ? 2.990 ? ? 
metalc8  metalc ? ? A SER 82  O   ? ? ? 1_555 B CS  . CS ? ? A SER 56  A CS  201 3_656 ? ? ? ? ? ? ? 2.968 ? ? 
metalc9  metalc ? ? A ARG 94  O   ? ? ? 1_555 D CS  . CS ? ? A ARG 68  A CS  203 1_555 ? ? ? ? ? ? ? 3.449 ? ? 
metalc10 metalc ? ? A ALA 97  O   ? ? ? 1_555 D CS  . CS ? ? A ALA 71  A CS  203 1_555 ? ? ? ? ? ? ? 3.275 ? ? 
metalc11 metalc ? ? A GLN 105 O   ? ? ? 1_555 G CS  . CS ? ? A GLN 79  A CS  206 1_555 ? ? ? ? ? ? ? 2.829 ? ? 
metalc12 metalc ? ? A THR 111 O   ? ? ? 1_555 I CS  . CS ? ? A THR 85  A CS  208 1_555 ? ? ? ? ? ? ? 3.447 ? ? 
metalc13 metalc ? ? A THR 111 OG1 ? ? ? 1_555 I CS  . CS ? ? A THR 85  A CS  208 1_555 ? ? ? ? ? ? ? 3.152 ? ? 
metalc14 metalc ? ? A ASP 115 OD2 ? ? ? 1_555 C CS  . CS ? ? A ASP 89  A CS  202 8_456 ? ? ? ? ? ? ? 3.144 ? ? 
metalc15 metalc ? ? A GLU 119 OE2 ? ? ? 1_555 E CS  . CS ? ? A GLU 93  A CS  204 1_555 ? ? ? ? ? ? ? 3.378 ? ? 
metalc16 metalc ? ? A ASP 125 OD2 ? ? ? 1_555 F CS  . CS ? ? A ASP 99  A CS  205 8_456 ? ? ? ? ? ? ? 3.323 ? ? 
metalc17 metalc ? ? A ALA 132 O   ? ? ? 1_555 C CS  . CS ? ? A ALA 106 A CS  202 1_555 ? ? ? ? ? ? ? 3.383 ? ? 
metalc18 metalc ? ? A ALA 133 O   ? ? ? 1_555 C CS  . CS ? ? A ALA 107 A CS  202 1_555 ? ? ? ? ? ? ? 3.017 ? ? 
metalc19 metalc ? ? B CS  .   CS  ? ? ? 1_555 P HOH . O  ? ? A CS  201 A HOH 370 1_555 ? ? ? ? ? ? ? 2.711 ? ? 
metalc20 metalc ? ? B CS  .   CS  ? ? ? 1_555 P HOH . O  ? ? A CS  201 A HOH 370 3_656 ? ? ? ? ? ? ? 2.666 ? ? 
metalc21 metalc ? ? C CS  .   CS  ? ? ? 1_555 P HOH . O  ? ? A CS  202 A HOH 347 1_555 ? ? ? ? ? ? ? 3.454 ? ? 
metalc22 metalc ? ? D CS  .   CS  ? ? ? 1_555 P HOH . O  ? ? A CS  203 A HOH 334 1_555 ? ? ? ? ? ? ? 2.778 ? ? 
metalc23 metalc ? ? E CS  .   CS  ? ? ? 1_555 P HOH . O  ? ? A CS  204 A HOH 303 1_555 ? ? ? ? ? ? ? 2.886 ? ? 
metalc24 metalc ? ? E CS  .   CS  ? ? ? 1_555 P HOH . O  ? ? A CS  204 A HOH 413 1_555 ? ? ? ? ? ? ? 3.225 ? ? 
metalc25 metalc ? ? E CS  .   CS  ? ? ? 1_555 P HOH . O  ? ? A CS  204 A HOH 467 1_555 ? ? ? ? ? ? ? 3.203 ? ? 
metalc26 metalc ? ? F CS  .   CS  ? ? ? 1_555 P HOH . O  ? ? A CS  205 A HOH 309 8_556 ? ? ? ? ? ? ? 3.301 ? ? 
metalc27 metalc ? ? F CS  .   CS  ? ? ? 1_555 P HOH . O  ? ? A CS  205 A HOH 457 8_556 ? ? ? ? ? ? ? 3.389 ? ? 
metalc28 metalc ? ? G CS  .   CS  ? ? ? 1_555 P HOH . O  ? ? A CS  206 A HOH 428 1_555 ? ? ? ? ? ? ? 3.473 ? ? 
metalc29 metalc ? ? G CS  .   CS  ? ? ? 1_555 P HOH . O  ? ? A CS  206 A HOH 429 1_555 ? ? ? ? ? ? ? 2.982 ? ? 
metalc30 metalc ? ? H CS  .   CS  ? ? ? 1_555 P HOH . O  ? ? A CS  207 A HOH 430 1_555 ? ? ? ? ? ? ? 3.063 ? ? 
metalc31 metalc ? ? I CS  .   CS  ? ? ? 1_555 P HOH . O  ? ? A CS  208 A HOH 308 1_555 ? ? ? ? ? ? ? 3.470 ? ? 
metalc32 metalc ? ? I CS  .   CS  ? ? ? 1_555 P HOH . O  ? ? A CS  208 A HOH 441 1_555 ? ? ? ? ? ? ? 3.088 ? ? 
# 
_struct_conn_type.id          metalc 
_struct_conn_type.criteria    ? 
_struct_conn_type.reference   ? 
# 
loop_
_pdbx_struct_conn_angle.id 
_pdbx_struct_conn_angle.ptnr1_label_atom_id 
_pdbx_struct_conn_angle.ptnr1_label_alt_id 
_pdbx_struct_conn_angle.ptnr1_label_asym_id 
_pdbx_struct_conn_angle.ptnr1_label_comp_id 
_pdbx_struct_conn_angle.ptnr1_label_seq_id 
_pdbx_struct_conn_angle.ptnr1_auth_atom_id 
_pdbx_struct_conn_angle.ptnr1_auth_asym_id 
_pdbx_struct_conn_angle.ptnr1_auth_comp_id 
_pdbx_struct_conn_angle.ptnr1_auth_seq_id 
_pdbx_struct_conn_angle.ptnr1_PDB_ins_code 
_pdbx_struct_conn_angle.ptnr1_symmetry 
_pdbx_struct_conn_angle.ptnr2_label_atom_id 
_pdbx_struct_conn_angle.ptnr2_label_alt_id 
_pdbx_struct_conn_angle.ptnr2_label_asym_id 
_pdbx_struct_conn_angle.ptnr2_label_comp_id 
_pdbx_struct_conn_angle.ptnr2_label_seq_id 
_pdbx_struct_conn_angle.ptnr2_auth_atom_id 
_pdbx_struct_conn_angle.ptnr2_auth_asym_id 
_pdbx_struct_conn_angle.ptnr2_auth_comp_id 
_pdbx_struct_conn_angle.ptnr2_auth_seq_id 
_pdbx_struct_conn_angle.ptnr2_PDB_ins_code 
_pdbx_struct_conn_angle.ptnr2_symmetry 
_pdbx_struct_conn_angle.ptnr3_label_atom_id 
_pdbx_struct_conn_angle.ptnr3_label_alt_id 
_pdbx_struct_conn_angle.ptnr3_label_asym_id 
_pdbx_struct_conn_angle.ptnr3_label_comp_id 
_pdbx_struct_conn_angle.ptnr3_label_seq_id 
_pdbx_struct_conn_angle.ptnr3_auth_atom_id 
_pdbx_struct_conn_angle.ptnr3_auth_asym_id 
_pdbx_struct_conn_angle.ptnr3_auth_comp_id 
_pdbx_struct_conn_angle.ptnr3_auth_seq_id 
_pdbx_struct_conn_angle.ptnr3_PDB_ins_code 
_pdbx_struct_conn_angle.ptnr3_symmetry 
_pdbx_struct_conn_angle.value 
_pdbx_struct_conn_angle.value_esd 
1  O   ? A ARG 31  ? A ARG 5   ? 1_555 CS ? E CS . ? A CS 204 ? 1_555 OE2 ? A GLU 119 ? A GLU 93  ? 1_555 111.8 ? 
2  O   ? A ARG 31  ? A ARG 5   ? 1_555 CS ? E CS . ? A CS 204 ? 1_555 O   ? P HOH .   ? A HOH 303 ? 1_555 67.8  ? 
3  OE2 ? A GLU 119 ? A GLU 93  ? 1_555 CS ? E CS . ? A CS 204 ? 1_555 O   ? P HOH .   ? A HOH 303 ? 1_555 72.3  ? 
4  O   ? A ARG 31  ? A ARG 5   ? 1_555 CS ? E CS . ? A CS 204 ? 1_555 O   ? P HOH .   ? A HOH 413 ? 1_555 69.6  ? 
5  OE2 ? A GLU 119 ? A GLU 93  ? 1_555 CS ? E CS . ? A CS 204 ? 1_555 O   ? P HOH .   ? A HOH 413 ? 1_555 154.6 ? 
6  O   ? P HOH .   ? A HOH 303 ? 1_555 CS ? E CS . ? A CS 204 ? 1_555 O   ? P HOH .   ? A HOH 413 ? 1_555 85.8  ? 
7  O   ? A ARG 31  ? A ARG 5   ? 1_555 CS ? E CS . ? A CS 204 ? 1_555 O   ? P HOH .   ? A HOH 467 ? 1_555 114.2 ? 
8  OE2 ? A GLU 119 ? A GLU 93  ? 1_555 CS ? E CS . ? A CS 204 ? 1_555 O   ? P HOH .   ? A HOH 467 ? 1_555 94.3  ? 
9  O   ? P HOH .   ? A HOH 303 ? 1_555 CS ? E CS . ? A CS 204 ? 1_555 O   ? P HOH .   ? A HOH 467 ? 1_555 64.8  ? 
10 O   ? P HOH .   ? A HOH 413 ? 1_555 CS ? E CS . ? A CS 204 ? 1_555 O   ? P HOH .   ? A HOH 467 ? 1_555 64.1  ? 
11 OE1 ? A GLN 33  ? A GLN 7   ? 1_555 CS ? I CS . ? A CS 208 ? 1_555 O   ? A THR 111 ? A THR 85  ? 1_555 86.2  ? 
12 OE1 ? A GLN 33  ? A GLN 7   ? 1_555 CS ? I CS . ? A CS 208 ? 1_555 OG1 ? A THR 111 ? A THR 85  ? 1_555 94.2  ? 
13 O   ? A THR 111 ? A THR 85  ? 1_555 CS ? I CS . ? A CS 208 ? 1_555 OG1 ? A THR 111 ? A THR 85  ? 1_555 64.1  ? 
14 OE1 ? A GLN 33  ? A GLN 7   ? 1_555 CS ? I CS . ? A CS 208 ? 1_555 O   ? P HOH .   ? A HOH 308 ? 1_555 157.0 ? 
15 O   ? A THR 111 ? A THR 85  ? 1_555 CS ? I CS . ? A CS 208 ? 1_555 O   ? P HOH .   ? A HOH 308 ? 1_555 101.6 ? 
16 OG1 ? A THR 111 ? A THR 85  ? 1_555 CS ? I CS . ? A CS 208 ? 1_555 O   ? P HOH .   ? A HOH 308 ? 1_555 70.6  ? 
17 OE1 ? A GLN 33  ? A GLN 7   ? 1_555 CS ? I CS . ? A CS 208 ? 1_555 O   ? P HOH .   ? A HOH 441 ? 1_555 74.6  ? 
18 O   ? A THR 111 ? A THR 85  ? 1_555 CS ? I CS . ? A CS 208 ? 1_555 O   ? P HOH .   ? A HOH 441 ? 1_555 150.6 ? 
19 OG1 ? A THR 111 ? A THR 85  ? 1_555 CS ? I CS . ? A CS 208 ? 1_555 O   ? P HOH .   ? A HOH 441 ? 1_555 94.9  ? 
20 O   ? P HOH .   ? A HOH 308 ? 1_555 CS ? I CS . ? A CS 208 ? 1_555 O   ? P HOH .   ? A HOH 441 ? 1_555 89.2  ? 
21 OH  ? A TYR 36  ? A TYR 10  ? 1_555 CS ? G CS . ? A CS 206 ? 1_555 O   ? A GLN 105 ? A GLN 79  ? 1_555 116.5 ? 
22 OH  ? A TYR 36  ? A TYR 10  ? 1_555 CS ? G CS . ? A CS 206 ? 1_555 O   ? P HOH .   ? A HOH 428 ? 1_555 147.6 ? 
23 O   ? A GLN 105 ? A GLN 79  ? 1_555 CS ? G CS . ? A CS 206 ? 1_555 O   ? P HOH .   ? A HOH 428 ? 1_555 69.3  ? 
24 OH  ? A TYR 36  ? A TYR 10  ? 1_555 CS ? G CS . ? A CS 206 ? 1_555 O   ? P HOH .   ? A HOH 429 ? 1_555 130.0 ? 
25 O   ? A GLN 105 ? A GLN 79  ? 1_555 CS ? G CS . ? A CS 206 ? 1_555 O   ? P HOH .   ? A HOH 429 ? 1_555 77.3  ? 
26 O   ? P HOH .   ? A HOH 428 ? 1_555 CS ? G CS . ? A CS 206 ? 1_555 O   ? P HOH .   ? A HOH 429 ? 1_555 82.2  ? 
27 O   ? A LEU 69  ? A LEU 43  ? 1_555 CS ? H CS . ? A CS 207 ? 1_555 O   ? A ILE 72  ? A ILE 46  ? 1_555 80.8  ? 
28 O   ? A LEU 69  ? A LEU 43  ? 1_555 CS ? H CS . ? A CS 207 ? 1_555 O   ? P HOH .   ? A HOH 430 ? 1_555 134.0 ? 
29 O   ? A ILE 72  ? A ILE 46  ? 1_555 CS ? H CS . ? A CS 207 ? 1_555 O   ? P HOH .   ? A HOH 430 ? 1_555 95.2  ? 
30 O   ? A THR 73  ? A THR 47  ? 1_555 CS ? F CS . ? A CS 205 ? 1_555 OD2 ? A ASP 125 ? A ASP 99  ? 1_555 75.6  ? 
31 O   ? A THR 73  ? A THR 47  ? 1_555 CS ? F CS . ? A CS 205 ? 1_555 O   ? P HOH .   ? A HOH 309 ? 8_556 64.6  ? 
32 OD2 ? A ASP 125 ? A ASP 99  ? 1_555 CS ? F CS . ? A CS 205 ? 1_555 O   ? P HOH .   ? A HOH 309 ? 8_556 65.7  ? 
33 O   ? A THR 73  ? A THR 47  ? 1_555 CS ? F CS . ? A CS 205 ? 1_555 O   ? P HOH .   ? A HOH 457 ? 8_556 123.8 ? 
34 OD2 ? A ASP 125 ? A ASP 99  ? 1_555 CS ? F CS . ? A CS 205 ? 1_555 O   ? P HOH .   ? A HOH 457 ? 8_556 48.3  ? 
35 O   ? P HOH .   ? A HOH 309 ? 8_556 CS ? F CS . ? A CS 205 ? 1_555 O   ? P HOH .   ? A HOH 457 ? 8_556 86.5  ? 
36 O   ? A SER 82  ? A SER 56  ? 1_555 CS ? B CS . ? A CS 201 ? 1_555 O   ? A SER 82  ? A SER 56  ? 1_555 0.0   ? 
37 O   ? A SER 82  ? A SER 56  ? 1_555 CS ? B CS . ? A CS 201 ? 1_555 O   ? P HOH .   ? A HOH 370 ? 1_555 59.9  ? 
38 O   ? A SER 82  ? A SER 56  ? 1_555 CS ? B CS . ? A CS 201 ? 1_555 O   ? P HOH .   ? A HOH 370 ? 1_555 59.9  ? 
39 O   ? A SER 82  ? A SER 56  ? 1_555 CS ? B CS . ? A CS 201 ? 1_555 O   ? P HOH .   ? A HOH 370 ? 3_656 122.9 ? 
40 O   ? A SER 82  ? A SER 56  ? 1_555 CS ? B CS . ? A CS 201 ? 1_555 O   ? P HOH .   ? A HOH 370 ? 3_656 122.9 ? 
41 O   ? P HOH .   ? A HOH 370 ? 1_555 CS ? B CS . ? A CS 201 ? 1_555 O   ? P HOH .   ? A HOH 370 ? 3_656 122.8 ? 
42 O   ? A ARG 94  ? A ARG 68  ? 1_555 CS ? D CS . ? A CS 203 ? 1_555 O   ? A ALA 97  ? A ALA 71  ? 1_555 91.8  ? 
43 O   ? A ARG 94  ? A ARG 68  ? 1_555 CS ? D CS . ? A CS 203 ? 1_555 O   ? P HOH .   ? A HOH 334 ? 1_555 143.7 ? 
44 O   ? A ALA 97  ? A ALA 71  ? 1_555 CS ? D CS . ? A CS 203 ? 1_555 O   ? P HOH .   ? A HOH 334 ? 1_555 52.8  ? 
45 OD2 ? A ASP 115 ? A ASP 89  ? 1_555 CS ? C CS . ? A CS 202 ? 8_456 O   ? A ALA 132 ? A ALA 106 ? 1_555 95.5  ? 
46 OD2 ? A ASP 115 ? A ASP 89  ? 1_555 CS ? C CS . ? A CS 202 ? 8_456 O   ? A ALA 133 ? A ALA 107 ? 1_555 97.1  ? 
47 O   ? A ALA 132 ? A ALA 106 ? 1_555 CS ? C CS . ? A CS 202 ? 8_456 O   ? A ALA 133 ? A ALA 107 ? 1_555 7.3   ? 
48 OD2 ? A ASP 115 ? A ASP 89  ? 1_555 CS ? C CS . ? A CS 202 ? 8_456 O   ? P HOH .   ? A HOH 347 ? 1_555 93.5  ? 
49 O   ? A ALA 132 ? A ALA 106 ? 1_555 CS ? C CS . ? A CS 202 ? 8_456 O   ? P HOH .   ? A HOH 347 ? 1_555 2.5   ? 
50 O   ? A ALA 133 ? A ALA 107 ? 1_555 CS ? C CS . ? A CS 202 ? 8_456 O   ? P HOH .   ? A HOH 347 ? 1_555 6.8   ? 
# 
_struct_mon_prot_cis.pdbx_id                1 
_struct_mon_prot_cis.label_comp_id          LEU 
_struct_mon_prot_cis.label_seq_id           57 
_struct_mon_prot_cis.label_asym_id          A 
_struct_mon_prot_cis.label_alt_id           . 
_struct_mon_prot_cis.pdbx_PDB_ins_code      ? 
_struct_mon_prot_cis.auth_comp_id           LEU 
_struct_mon_prot_cis.auth_seq_id            31 
_struct_mon_prot_cis.auth_asym_id           A 
_struct_mon_prot_cis.pdbx_label_comp_id_2   PRO 
_struct_mon_prot_cis.pdbx_label_seq_id_2    58 
_struct_mon_prot_cis.pdbx_label_asym_id_2   A 
_struct_mon_prot_cis.pdbx_PDB_ins_code_2    ? 
_struct_mon_prot_cis.pdbx_auth_comp_id_2    PRO 
_struct_mon_prot_cis.pdbx_auth_seq_id_2     32 
_struct_mon_prot_cis.pdbx_auth_asym_id_2    A 
_struct_mon_prot_cis.pdbx_PDB_model_num     1 
_struct_mon_prot_cis.pdbx_omega_angle       8.67 
# 
_struct_sheet.id               AA1 
_struct_sheet.type             ? 
_struct_sheet.number_strands   7 
_struct_sheet.details          ? 
# 
loop_
_struct_sheet_order.sheet_id 
_struct_sheet_order.range_id_1 
_struct_sheet_order.range_id_2 
_struct_sheet_order.offset 
_struct_sheet_order.sense 
AA1 1 2 ? anti-parallel 
AA1 2 3 ? anti-parallel 
AA1 3 4 ? anti-parallel 
AA1 4 5 ? anti-parallel 
AA1 5 6 ? anti-parallel 
AA1 6 7 ? anti-parallel 
# 
loop_
_struct_sheet_range.sheet_id 
_struct_sheet_range.id 
_struct_sheet_range.beg_label_comp_id 
_struct_sheet_range.beg_label_asym_id 
_struct_sheet_range.beg_label_seq_id 
_struct_sheet_range.pdbx_beg_PDB_ins_code 
_struct_sheet_range.end_label_comp_id 
_struct_sheet_range.end_label_asym_id 
_struct_sheet_range.end_label_seq_id 
_struct_sheet_range.pdbx_end_PDB_ins_code 
_struct_sheet_range.beg_auth_comp_id 
_struct_sheet_range.beg_auth_asym_id 
_struct_sheet_range.beg_auth_seq_id 
_struct_sheet_range.end_auth_comp_id 
_struct_sheet_range.end_auth_asym_id 
_struct_sheet_range.end_auth_seq_id 
AA1 1 VAL A 65  ? ALA A 68  ? VAL A 39 ALA A 42 
AA1 2 PHE A 51  ? PRO A 56  ? PHE A 25 PRO A 30 
AA1 3 LYS A 39  ? LEU A 45  ? LYS A 13 LEU A 19 
AA1 4 SER A 32  ? TYR A 36  ? SER A 6  TYR A 10 
AA1 5 GLN A 105 ? PHE A 110 ? GLN A 79 PHE A 84 
AA1 6 ILE A 86  ? GLU A 91  ? ILE A 60 GLU A 65 
AA1 7 ILE A 72  ? GLN A 77  ? ILE A 46 GLN A 51 
# 
loop_
_pdbx_struct_sheet_hbond.sheet_id 
_pdbx_struct_sheet_hbond.range_id_1 
_pdbx_struct_sheet_hbond.range_id_2 
_pdbx_struct_sheet_hbond.range_1_label_atom_id 
_pdbx_struct_sheet_hbond.range_1_label_comp_id 
_pdbx_struct_sheet_hbond.range_1_label_asym_id 
_pdbx_struct_sheet_hbond.range_1_label_seq_id 
_pdbx_struct_sheet_hbond.range_1_PDB_ins_code 
_pdbx_struct_sheet_hbond.range_1_auth_atom_id 
_pdbx_struct_sheet_hbond.range_1_auth_comp_id 
_pdbx_struct_sheet_hbond.range_1_auth_asym_id 
_pdbx_struct_sheet_hbond.range_1_auth_seq_id 
_pdbx_struct_sheet_hbond.range_2_label_atom_id 
_pdbx_struct_sheet_hbond.range_2_label_comp_id 
_pdbx_struct_sheet_hbond.range_2_label_asym_id 
_pdbx_struct_sheet_hbond.range_2_label_seq_id 
_pdbx_struct_sheet_hbond.range_2_PDB_ins_code 
_pdbx_struct_sheet_hbond.range_2_auth_atom_id 
_pdbx_struct_sheet_hbond.range_2_auth_comp_id 
_pdbx_struct_sheet_hbond.range_2_auth_asym_id 
_pdbx_struct_sheet_hbond.range_2_auth_seq_id 
AA1 1 2 O LEU A 67  ? O LEU A 41 N LEU A 52  ? N LEU A 26 
AA1 2 3 O ILE A 53  ? O ILE A 27 N THR A 44  ? N THR A 18 
AA1 3 4 O LEU A 43  ? O LEU A 17 N SER A 32  ? N SER A 6  
AA1 4 5 N THR A 35  ? N THR A 9  O GLN A 109 ? O GLN A 83 
AA1 5 6 O TYR A 106 ? O TYR A 80 N PHE A 89  ? N PHE A 63 
AA1 6 7 O THR A 90  ? O THR A 64 N THR A 73  ? N THR A 47 
# 
_pdbx_validate_symm_contact.id                1 
_pdbx_validate_symm_contact.PDB_model_num     1 
_pdbx_validate_symm_contact.auth_atom_id_1    O 
_pdbx_validate_symm_contact.auth_asym_id_1    A 
_pdbx_validate_symm_contact.auth_comp_id_1    HOH 
_pdbx_validate_symm_contact.auth_seq_id_1     365 
_pdbx_validate_symm_contact.PDB_ins_code_1    ? 
_pdbx_validate_symm_contact.label_alt_id_1    ? 
_pdbx_validate_symm_contact.site_symmetry_1   1_555 
_pdbx_validate_symm_contact.auth_atom_id_2    O 
_pdbx_validate_symm_contact.auth_asym_id_2    A 
_pdbx_validate_symm_contact.auth_comp_id_2    HOH 
_pdbx_validate_symm_contact.auth_seq_id_2     385 
_pdbx_validate_symm_contact.PDB_ins_code_2    ? 
_pdbx_validate_symm_contact.label_alt_id_2    ? 
_pdbx_validate_symm_contact.site_symmetry_2   8_556 
_pdbx_validate_symm_contact.dist              1.98 
# 
_pdbx_validate_rmsd_bond.id                        1 
_pdbx_validate_rmsd_bond.PDB_model_num             1 
_pdbx_validate_rmsd_bond.auth_atom_id_1            CA 
_pdbx_validate_rmsd_bond.auth_asym_id_1            A 
_pdbx_validate_rmsd_bond.auth_comp_id_1            PRO 
_pdbx_validate_rmsd_bond.auth_seq_id_1             32 
_pdbx_validate_rmsd_bond.PDB_ins_code_1            ? 
_pdbx_validate_rmsd_bond.label_alt_id_1            ? 
_pdbx_validate_rmsd_bond.auth_atom_id_2            C 
_pdbx_validate_rmsd_bond.auth_asym_id_2            A 
_pdbx_validate_rmsd_bond.auth_comp_id_2            PRO 
_pdbx_validate_rmsd_bond.auth_seq_id_2             32 
_pdbx_validate_rmsd_bond.PDB_ins_code_2            ? 
_pdbx_validate_rmsd_bond.label_alt_id_2            ? 
_pdbx_validate_rmsd_bond.bond_value                1.650 
_pdbx_validate_rmsd_bond.bond_target_value         1.524 
_pdbx_validate_rmsd_bond.bond_deviation            0.126 
_pdbx_validate_rmsd_bond.bond_standard_deviation   0.020 
_pdbx_validate_rmsd_bond.linker_flag               N 
# 
_pdbx_validate_rmsd_angle.id                         1 
_pdbx_validate_rmsd_angle.PDB_model_num              1 
_pdbx_validate_rmsd_angle.auth_atom_id_1             CB 
_pdbx_validate_rmsd_angle.auth_asym_id_1             A 
_pdbx_validate_rmsd_angle.auth_comp_id_1             ASP 
_pdbx_validate_rmsd_angle.auth_seq_id_1              99 
_pdbx_validate_rmsd_angle.PDB_ins_code_1             ? 
_pdbx_validate_rmsd_angle.label_alt_id_1             ? 
_pdbx_validate_rmsd_angle.auth_atom_id_2             CG 
_pdbx_validate_rmsd_angle.auth_asym_id_2             A 
_pdbx_validate_rmsd_angle.auth_comp_id_2             ASP 
_pdbx_validate_rmsd_angle.auth_seq_id_2              99 
_pdbx_validate_rmsd_angle.PDB_ins_code_2             ? 
_pdbx_validate_rmsd_angle.label_alt_id_2             ? 
_pdbx_validate_rmsd_angle.auth_atom_id_3             OD1 
_pdbx_validate_rmsd_angle.auth_asym_id_3             A 
_pdbx_validate_rmsd_angle.auth_comp_id_3             ASP 
_pdbx_validate_rmsd_angle.auth_seq_id_3              99 
_pdbx_validate_rmsd_angle.PDB_ins_code_3             ? 
_pdbx_validate_rmsd_angle.label_alt_id_3             ? 
_pdbx_validate_rmsd_angle.angle_value                123.72 
_pdbx_validate_rmsd_angle.angle_target_value         118.30 
_pdbx_validate_rmsd_angle.angle_deviation            5.42 
_pdbx_validate_rmsd_angle.angle_standard_deviation   0.90 
_pdbx_validate_rmsd_angle.linker_flag                N 
# 
_pdbx_validate_torsion.id              1 
_pdbx_validate_torsion.PDB_model_num   1 
_pdbx_validate_torsion.auth_comp_id    LYS 
_pdbx_validate_torsion.auth_asym_id    A 
_pdbx_validate_torsion.auth_seq_id     12 
_pdbx_validate_torsion.PDB_ins_code    ? 
_pdbx_validate_torsion.label_alt_id    ? 
_pdbx_validate_torsion.phi             59.80 
_pdbx_validate_torsion.psi             18.07 
# 
loop_
_pdbx_struct_special_symmetry.id 
_pdbx_struct_special_symmetry.PDB_model_num 
_pdbx_struct_special_symmetry.auth_asym_id 
_pdbx_struct_special_symmetry.auth_comp_id 
_pdbx_struct_special_symmetry.auth_seq_id 
_pdbx_struct_special_symmetry.PDB_ins_code 
_pdbx_struct_special_symmetry.label_asym_id 
_pdbx_struct_special_symmetry.label_comp_id 
_pdbx_struct_special_symmetry.label_seq_id 
1 1 A CS  201 ? B CS  . 
2 1 A HOH 402 ? P HOH . 
# 
_pdbx_entry_details.entry_id                 7BMY 
_pdbx_entry_details.has_ligand_of_interest   Y 
_pdbx_entry_details.compound_details         ? 
_pdbx_entry_details.source_details           ? 
_pdbx_entry_details.nonpolymer_details       ? 
_pdbx_entry_details.sequence_details         ? 
# 
_pdbx_distant_solvent_atoms.id                                1 
_pdbx_distant_solvent_atoms.PDB_model_num                     1 
_pdbx_distant_solvent_atoms.auth_atom_id                      O 
_pdbx_distant_solvent_atoms.label_alt_id                      ? 
_pdbx_distant_solvent_atoms.auth_asym_id                      A 
_pdbx_distant_solvent_atoms.auth_comp_id                      HOH 
_pdbx_distant_solvent_atoms.auth_seq_id                       468 
_pdbx_distant_solvent_atoms.PDB_ins_code                      ? 
_pdbx_distant_solvent_atoms.neighbor_macromolecule_distance   6.12 
_pdbx_distant_solvent_atoms.neighbor_ligand_distance          . 
# 
loop_
_pdbx_unobs_or_zero_occ_residues.id 
_pdbx_unobs_or_zero_occ_residues.PDB_model_num 
_pdbx_unobs_or_zero_occ_residues.polymer_flag 
_pdbx_unobs_or_zero_occ_residues.occupancy_flag 
_pdbx_unobs_or_zero_occ_residues.auth_asym_id 
_pdbx_unobs_or_zero_occ_residues.auth_comp_id 
_pdbx_unobs_or_zero_occ_residues.auth_seq_id 
_pdbx_unobs_or_zero_occ_residues.PDB_ins_code 
_pdbx_unobs_or_zero_occ_residues.label_asym_id 
_pdbx_unobs_or_zero_occ_residues.label_comp_id 
_pdbx_unobs_or_zero_occ_residues.label_seq_id 
1  1 Y 1 A MET -25 ? A MET 1   
2  1 Y 1 A LYS -24 ? A LYS 2   
3  1 Y 1 A HIS -23 ? A HIS 3   
4  1 Y 1 A HIS -22 ? A HIS 4   
5  1 Y 1 A HIS -21 ? A HIS 5   
6  1 Y 1 A HIS -20 ? A HIS 6   
7  1 Y 1 A HIS -19 ? A HIS 7   
8  1 Y 1 A HIS -18 ? A HIS 8   
9  1 Y 1 A PRO -17 ? A PRO 9   
10 1 Y 1 A MET -16 ? A MET 10  
11 1 Y 1 A SER -15 ? A SER 11  
12 1 Y 1 A ASP -14 ? A ASP 12  
13 1 Y 1 A TYR -13 ? A TYR 13  
14 1 Y 1 A ASP -12 ? A ASP 14  
15 1 Y 1 A ILE -11 ? A ILE 15  
16 1 Y 1 A PRO -10 ? A PRO 16  
17 1 Y 1 A THR -9  ? A THR 17  
18 1 Y 1 A THR -8  ? A THR 18  
19 1 Y 1 A GLU -7  ? A GLU 19  
20 1 Y 1 A ARG 109 ? A ARG 135 
# 
loop_
_chem_comp_atom.comp_id 
_chem_comp_atom.atom_id 
_chem_comp_atom.type_symbol 
_chem_comp_atom.pdbx_aromatic_flag 
_chem_comp_atom.pdbx_stereo_config 
_chem_comp_atom.pdbx_ordinal 
ALA N    N  N N 1   
ALA CA   C  N S 2   
ALA C    C  N N 3   
ALA O    O  N N 4   
ALA CB   C  N N 5   
ALA OXT  O  N N 6   
ALA H    H  N N 7   
ALA H2   H  N N 8   
ALA HA   H  N N 9   
ALA HB1  H  N N 10  
ALA HB2  H  N N 11  
ALA HB3  H  N N 12  
ALA HXT  H  N N 13  
ARG N    N  N N 14  
ARG CA   C  N S 15  
ARG C    C  N N 16  
ARG O    O  N N 17  
ARG CB   C  N N 18  
ARG CG   C  N N 19  
ARG CD   C  N N 20  
ARG NE   N  N N 21  
ARG CZ   C  N N 22  
ARG NH1  N  N N 23  
ARG NH2  N  N N 24  
ARG OXT  O  N N 25  
ARG H    H  N N 26  
ARG H2   H  N N 27  
ARG HA   H  N N 28  
ARG HB2  H  N N 29  
ARG HB3  H  N N 30  
ARG HG2  H  N N 31  
ARG HG3  H  N N 32  
ARG HD2  H  N N 33  
ARG HD3  H  N N 34  
ARG HE   H  N N 35  
ARG HH11 H  N N 36  
ARG HH12 H  N N 37  
ARG HH21 H  N N 38  
ARG HH22 H  N N 39  
ARG HXT  H  N N 40  
ASN N    N  N N 41  
ASN CA   C  N S 42  
ASN C    C  N N 43  
ASN O    O  N N 44  
ASN CB   C  N N 45  
ASN CG   C  N N 46  
ASN OD1  O  N N 47  
ASN ND2  N  N N 48  
ASN OXT  O  N N 49  
ASN H    H  N N 50  
ASN H2   H  N N 51  
ASN HA   H  N N 52  
ASN HB2  H  N N 53  
ASN HB3  H  N N 54  
ASN HD21 H  N N 55  
ASN HD22 H  N N 56  
ASN HXT  H  N N 57  
ASP N    N  N N 58  
ASP CA   C  N S 59  
ASP C    C  N N 60  
ASP O    O  N N 61  
ASP CB   C  N N 62  
ASP CG   C  N N 63  
ASP OD1  O  N N 64  
ASP OD2  O  N N 65  
ASP OXT  O  N N 66  
ASP H    H  N N 67  
ASP H2   H  N N 68  
ASP HA   H  N N 69  
ASP HB2  H  N N 70  
ASP HB3  H  N N 71  
ASP HD2  H  N N 72  
ASP HXT  H  N N 73  
CL  CL   CL N N 74  
CS  CS   CS N N 75  
GLN N    N  N N 76  
GLN CA   C  N S 77  
GLN C    C  N N 78  
GLN O    O  N N 79  
GLN CB   C  N N 80  
GLN CG   C  N N 81  
GLN CD   C  N N 82  
GLN OE1  O  N N 83  
GLN NE2  N  N N 84  
GLN OXT  O  N N 85  
GLN H    H  N N 86  
GLN H2   H  N N 87  
GLN HA   H  N N 88  
GLN HB2  H  N N 89  
GLN HB3  H  N N 90  
GLN HG2  H  N N 91  
GLN HG3  H  N N 92  
GLN HE21 H  N N 93  
GLN HE22 H  N N 94  
GLN HXT  H  N N 95  
GLU N    N  N N 96  
GLU CA   C  N S 97  
GLU C    C  N N 98  
GLU O    O  N N 99  
GLU CB   C  N N 100 
GLU CG   C  N N 101 
GLU CD   C  N N 102 
GLU OE1  O  N N 103 
GLU OE2  O  N N 104 
GLU OXT  O  N N 105 
GLU H    H  N N 106 
GLU H2   H  N N 107 
GLU HA   H  N N 108 
GLU HB2  H  N N 109 
GLU HB3  H  N N 110 
GLU HG2  H  N N 111 
GLU HG3  H  N N 112 
GLU HE2  H  N N 113 
GLU HXT  H  N N 114 
GLY N    N  N N 115 
GLY CA   C  N N 116 
GLY C    C  N N 117 
GLY O    O  N N 118 
GLY OXT  O  N N 119 
GLY H    H  N N 120 
GLY H2   H  N N 121 
GLY HA2  H  N N 122 
GLY HA3  H  N N 123 
GLY HXT  H  N N 124 
HIS N    N  N N 125 
HIS CA   C  N S 126 
HIS C    C  N N 127 
HIS O    O  N N 128 
HIS CB   C  N N 129 
HIS CG   C  Y N 130 
HIS ND1  N  Y N 131 
HIS CD2  C  Y N 132 
HIS CE1  C  Y N 133 
HIS NE2  N  Y N 134 
HIS OXT  O  N N 135 
HIS H    H  N N 136 
HIS H2   H  N N 137 
HIS HA   H  N N 138 
HIS HB2  H  N N 139 
HIS HB3  H  N N 140 
HIS HD1  H  N N 141 
HIS HD2  H  N N 142 
HIS HE1  H  N N 143 
HIS HE2  H  N N 144 
HIS HXT  H  N N 145 
HOH O    O  N N 146 
HOH H1   H  N N 147 
HOH H2   H  N N 148 
ILE N    N  N N 149 
ILE CA   C  N S 150 
ILE C    C  N N 151 
ILE O    O  N N 152 
ILE CB   C  N S 153 
ILE CG1  C  N N 154 
ILE CG2  C  N N 155 
ILE CD1  C  N N 156 
ILE OXT  O  N N 157 
ILE H    H  N N 158 
ILE H2   H  N N 159 
ILE HA   H  N N 160 
ILE HB   H  N N 161 
ILE HG12 H  N N 162 
ILE HG13 H  N N 163 
ILE HG21 H  N N 164 
ILE HG22 H  N N 165 
ILE HG23 H  N N 166 
ILE HD11 H  N N 167 
ILE HD12 H  N N 168 
ILE HD13 H  N N 169 
ILE HXT  H  N N 170 
LEU N    N  N N 171 
LEU CA   C  N S 172 
LEU C    C  N N 173 
LEU O    O  N N 174 
LEU CB   C  N N 175 
LEU CG   C  N N 176 
LEU CD1  C  N N 177 
LEU CD2  C  N N 178 
LEU OXT  O  N N 179 
LEU H    H  N N 180 
LEU H2   H  N N 181 
LEU HA   H  N N 182 
LEU HB2  H  N N 183 
LEU HB3  H  N N 184 
LEU HG   H  N N 185 
LEU HD11 H  N N 186 
LEU HD12 H  N N 187 
LEU HD13 H  N N 188 
LEU HD21 H  N N 189 
LEU HD22 H  N N 190 
LEU HD23 H  N N 191 
LEU HXT  H  N N 192 
LYS N    N  N N 193 
LYS CA   C  N S 194 
LYS C    C  N N 195 
LYS O    O  N N 196 
LYS CB   C  N N 197 
LYS CG   C  N N 198 
LYS CD   C  N N 199 
LYS CE   C  N N 200 
LYS NZ   N  N N 201 
LYS OXT  O  N N 202 
LYS H    H  N N 203 
LYS H2   H  N N 204 
LYS HA   H  N N 205 
LYS HB2  H  N N 206 
LYS HB3  H  N N 207 
LYS HG2  H  N N 208 
LYS HG3  H  N N 209 
LYS HD2  H  N N 210 
LYS HD3  H  N N 211 
LYS HE2  H  N N 212 
LYS HE3  H  N N 213 
LYS HZ1  H  N N 214 
LYS HZ2  H  N N 215 
LYS HZ3  H  N N 216 
LYS HXT  H  N N 217 
MET N    N  N N 218 
MET CA   C  N S 219 
MET C    C  N N 220 
MET O    O  N N 221 
MET CB   C  N N 222 
MET CG   C  N N 223 
MET SD   S  N N 224 
MET CE   C  N N 225 
MET OXT  O  N N 226 
MET H    H  N N 227 
MET H2   H  N N 228 
MET HA   H  N N 229 
MET HB2  H  N N 230 
MET HB3  H  N N 231 
MET HG2  H  N N 232 
MET HG3  H  N N 233 
MET HE1  H  N N 234 
MET HE2  H  N N 235 
MET HE3  H  N N 236 
MET HXT  H  N N 237 
PHE N    N  N N 238 
PHE CA   C  N S 239 
PHE C    C  N N 240 
PHE O    O  N N 241 
PHE CB   C  N N 242 
PHE CG   C  Y N 243 
PHE CD1  C  Y N 244 
PHE CD2  C  Y N 245 
PHE CE1  C  Y N 246 
PHE CE2  C  Y N 247 
PHE CZ   C  Y N 248 
PHE OXT  O  N N 249 
PHE H    H  N N 250 
PHE H2   H  N N 251 
PHE HA   H  N N 252 
PHE HB2  H  N N 253 
PHE HB3  H  N N 254 
PHE HD1  H  N N 255 
PHE HD2  H  N N 256 
PHE HE1  H  N N 257 
PHE HE2  H  N N 258 
PHE HZ   H  N N 259 
PHE HXT  H  N N 260 
PRO N    N  N N 261 
PRO CA   C  N S 262 
PRO C    C  N N 263 
PRO O    O  N N 264 
PRO CB   C  N N 265 
PRO CG   C  N N 266 
PRO CD   C  N N 267 
PRO OXT  O  N N 268 
PRO H    H  N N 269 
PRO HA   H  N N 270 
PRO HB2  H  N N 271 
PRO HB3  H  N N 272 
PRO HG2  H  N N 273 
PRO HG3  H  N N 274 
PRO HD2  H  N N 275 
PRO HD3  H  N N 276 
PRO HXT  H  N N 277 
SER N    N  N N 278 
SER CA   C  N S 279 
SER C    C  N N 280 
SER O    O  N N 281 
SER CB   C  N N 282 
SER OG   O  N N 283 
SER OXT  O  N N 284 
SER H    H  N N 285 
SER H2   H  N N 286 
SER HA   H  N N 287 
SER HB2  H  N N 288 
SER HB3  H  N N 289 
SER HG   H  N N 290 
SER HXT  H  N N 291 
THR N    N  N N 292 
THR CA   C  N S 293 
THR C    C  N N 294 
THR O    O  N N 295 
THR CB   C  N R 296 
THR OG1  O  N N 297 
THR CG2  C  N N 298 
THR OXT  O  N N 299 
THR H    H  N N 300 
THR H2   H  N N 301 
THR HA   H  N N 302 
THR HB   H  N N 303 
THR HG1  H  N N 304 
THR HG21 H  N N 305 
THR HG22 H  N N 306 
THR HG23 H  N N 307 
THR HXT  H  N N 308 
TRP N    N  N N 309 
TRP CA   C  N S 310 
TRP C    C  N N 311 
TRP O    O  N N 312 
TRP CB   C  N N 313 
TRP CG   C  Y N 314 
TRP CD1  C  Y N 315 
TRP CD2  C  Y N 316 
TRP NE1  N  Y N 317 
TRP CE2  C  Y N 318 
TRP CE3  C  Y N 319 
TRP CZ2  C  Y N 320 
TRP CZ3  C  Y N 321 
TRP CH2  C  Y N 322 
TRP OXT  O  N N 323 
TRP H    H  N N 324 
TRP H2   H  N N 325 
TRP HA   H  N N 326 
TRP HB2  H  N N 327 
TRP HB3  H  N N 328 
TRP HD1  H  N N 329 
TRP HE1  H  N N 330 
TRP HE3  H  N N 331 
TRP HZ2  H  N N 332 
TRP HZ3  H  N N 333 
TRP HH2  H  N N 334 
TRP HXT  H  N N 335 
TYR N    N  N N 336 
TYR CA   C  N S 337 
TYR C    C  N N 338 
TYR O    O  N N 339 
TYR CB   C  N N 340 
TYR CG   C  Y N 341 
TYR CD1  C  Y N 342 
TYR CD2  C  Y N 343 
TYR CE1  C  Y N 344 
TYR CE2  C  Y N 345 
TYR CZ   C  Y N 346 
TYR OH   O  N N 347 
TYR OXT  O  N N 348 
TYR H    H  N N 349 
TYR H2   H  N N 350 
TYR HA   H  N N 351 
TYR HB2  H  N N 352 
TYR HB3  H  N N 353 
TYR HD1  H  N N 354 
TYR HD2  H  N N 355 
TYR HE1  H  N N 356 
TYR HE2  H  N N 357 
TYR HH   H  N N 358 
TYR HXT  H  N N 359 
VAL N    N  N N 360 
VAL CA   C  N S 361 
VAL C    C  N N 362 
VAL O    O  N N 363 
VAL CB   C  N N 364 
VAL CG1  C  N N 365 
VAL CG2  C  N N 366 
VAL OXT  O  N N 367 
VAL H    H  N N 368 
VAL H2   H  N N 369 
VAL HA   H  N N 370 
VAL HB   H  N N 371 
VAL HG11 H  N N 372 
VAL HG12 H  N N 373 
VAL HG13 H  N N 374 
VAL HG21 H  N N 375 
VAL HG22 H  N N 376 
VAL HG23 H  N N 377 
VAL HXT  H  N N 378 
# 
loop_
_chem_comp_bond.comp_id 
_chem_comp_bond.atom_id_1 
_chem_comp_bond.atom_id_2 
_chem_comp_bond.value_order 
_chem_comp_bond.pdbx_aromatic_flag 
_chem_comp_bond.pdbx_stereo_config 
_chem_comp_bond.pdbx_ordinal 
ALA N   CA   sing N N 1   
ALA N   H    sing N N 2   
ALA N   H2   sing N N 3   
ALA CA  C    sing N N 4   
ALA CA  CB   sing N N 5   
ALA CA  HA   sing N N 6   
ALA C   O    doub N N 7   
ALA C   OXT  sing N N 8   
ALA CB  HB1  sing N N 9   
ALA CB  HB2  sing N N 10  
ALA CB  HB3  sing N N 11  
ALA OXT HXT  sing N N 12  
ARG N   CA   sing N N 13  
ARG N   H    sing N N 14  
ARG N   H2   sing N N 15  
ARG CA  C    sing N N 16  
ARG CA  CB   sing N N 17  
ARG CA  HA   sing N N 18  
ARG C   O    doub N N 19  
ARG C   OXT  sing N N 20  
ARG CB  CG   sing N N 21  
ARG CB  HB2  sing N N 22  
ARG CB  HB3  sing N N 23  
ARG CG  CD   sing N N 24  
ARG CG  HG2  sing N N 25  
ARG CG  HG3  sing N N 26  
ARG CD  NE   sing N N 27  
ARG CD  HD2  sing N N 28  
ARG CD  HD3  sing N N 29  
ARG NE  CZ   sing N N 30  
ARG NE  HE   sing N N 31  
ARG CZ  NH1  sing N N 32  
ARG CZ  NH2  doub N N 33  
ARG NH1 HH11 sing N N 34  
ARG NH1 HH12 sing N N 35  
ARG NH2 HH21 sing N N 36  
ARG NH2 HH22 sing N N 37  
ARG OXT HXT  sing N N 38  
ASN N   CA   sing N N 39  
ASN N   H    sing N N 40  
ASN N   H2   sing N N 41  
ASN CA  C    sing N N 42  
ASN CA  CB   sing N N 43  
ASN CA  HA   sing N N 44  
ASN C   O    doub N N 45  
ASN C   OXT  sing N N 46  
ASN CB  CG   sing N N 47  
ASN CB  HB2  sing N N 48  
ASN CB  HB3  sing N N 49  
ASN CG  OD1  doub N N 50  
ASN CG  ND2  sing N N 51  
ASN ND2 HD21 sing N N 52  
ASN ND2 HD22 sing N N 53  
ASN OXT HXT  sing N N 54  
ASP N   CA   sing N N 55  
ASP N   H    sing N N 56  
ASP N   H2   sing N N 57  
ASP CA  C    sing N N 58  
ASP CA  CB   sing N N 59  
ASP CA  HA   sing N N 60  
ASP C   O    doub N N 61  
ASP C   OXT  sing N N 62  
ASP CB  CG   sing N N 63  
ASP CB  HB2  sing N N 64  
ASP CB  HB3  sing N N 65  
ASP CG  OD1  doub N N 66  
ASP CG  OD2  sing N N 67  
ASP OD2 HD2  sing N N 68  
ASP OXT HXT  sing N N 69  
GLN N   CA   sing N N 70  
GLN N   H    sing N N 71  
GLN N   H2   sing N N 72  
GLN CA  C    sing N N 73  
GLN CA  CB   sing N N 74  
GLN CA  HA   sing N N 75  
GLN C   O    doub N N 76  
GLN C   OXT  sing N N 77  
GLN CB  CG   sing N N 78  
GLN CB  HB2  sing N N 79  
GLN CB  HB3  sing N N 80  
GLN CG  CD   sing N N 81  
GLN CG  HG2  sing N N 82  
GLN CG  HG3  sing N N 83  
GLN CD  OE1  doub N N 84  
GLN CD  NE2  sing N N 85  
GLN NE2 HE21 sing N N 86  
GLN NE2 HE22 sing N N 87  
GLN OXT HXT  sing N N 88  
GLU N   CA   sing N N 89  
GLU N   H    sing N N 90  
GLU N   H2   sing N N 91  
GLU CA  C    sing N N 92  
GLU CA  CB   sing N N 93  
GLU CA  HA   sing N N 94  
GLU C   O    doub N N 95  
GLU C   OXT  sing N N 96  
GLU CB  CG   sing N N 97  
GLU CB  HB2  sing N N 98  
GLU CB  HB3  sing N N 99  
GLU CG  CD   sing N N 100 
GLU CG  HG2  sing N N 101 
GLU CG  HG3  sing N N 102 
GLU CD  OE1  doub N N 103 
GLU CD  OE2  sing N N 104 
GLU OE2 HE2  sing N N 105 
GLU OXT HXT  sing N N 106 
GLY N   CA   sing N N 107 
GLY N   H    sing N N 108 
GLY N   H2   sing N N 109 
GLY CA  C    sing N N 110 
GLY CA  HA2  sing N N 111 
GLY CA  HA3  sing N N 112 
GLY C   O    doub N N 113 
GLY C   OXT  sing N N 114 
GLY OXT HXT  sing N N 115 
HIS N   CA   sing N N 116 
HIS N   H    sing N N 117 
HIS N   H2   sing N N 118 
HIS CA  C    sing N N 119 
HIS CA  CB   sing N N 120 
HIS CA  HA   sing N N 121 
HIS C   O    doub N N 122 
HIS C   OXT  sing N N 123 
HIS CB  CG   sing N N 124 
HIS CB  HB2  sing N N 125 
HIS CB  HB3  sing N N 126 
HIS CG  ND1  sing Y N 127 
HIS CG  CD2  doub Y N 128 
HIS ND1 CE1  doub Y N 129 
HIS ND1 HD1  sing N N 130 
HIS CD2 NE2  sing Y N 131 
HIS CD2 HD2  sing N N 132 
HIS CE1 NE2  sing Y N 133 
HIS CE1 HE1  sing N N 134 
HIS NE2 HE2  sing N N 135 
HIS OXT HXT  sing N N 136 
HOH O   H1   sing N N 137 
HOH O   H2   sing N N 138 
ILE N   CA   sing N N 139 
ILE N   H    sing N N 140 
ILE N   H2   sing N N 141 
ILE CA  C    sing N N 142 
ILE CA  CB   sing N N 143 
ILE CA  HA   sing N N 144 
ILE C   O    doub N N 145 
ILE C   OXT  sing N N 146 
ILE CB  CG1  sing N N 147 
ILE CB  CG2  sing N N 148 
ILE CB  HB   sing N N 149 
ILE CG1 CD1  sing N N 150 
ILE CG1 HG12 sing N N 151 
ILE CG1 HG13 sing N N 152 
ILE CG2 HG21 sing N N 153 
ILE CG2 HG22 sing N N 154 
ILE CG2 HG23 sing N N 155 
ILE CD1 HD11 sing N N 156 
ILE CD1 HD12 sing N N 157 
ILE CD1 HD13 sing N N 158 
ILE OXT HXT  sing N N 159 
LEU N   CA   sing N N 160 
LEU N   H    sing N N 161 
LEU N   H2   sing N N 162 
LEU CA  C    sing N N 163 
LEU CA  CB   sing N N 164 
LEU CA  HA   sing N N 165 
LEU C   O    doub N N 166 
LEU C   OXT  sing N N 167 
LEU CB  CG   sing N N 168 
LEU CB  HB2  sing N N 169 
LEU CB  HB3  sing N N 170 
LEU CG  CD1  sing N N 171 
LEU CG  CD2  sing N N 172 
LEU CG  HG   sing N N 173 
LEU CD1 HD11 sing N N 174 
LEU CD1 HD12 sing N N 175 
LEU CD1 HD13 sing N N 176 
LEU CD2 HD21 sing N N 177 
LEU CD2 HD22 sing N N 178 
LEU CD2 HD23 sing N N 179 
LEU OXT HXT  sing N N 180 
LYS N   CA   sing N N 181 
LYS N   H    sing N N 182 
LYS N   H2   sing N N 183 
LYS CA  C    sing N N 184 
LYS CA  CB   sing N N 185 
LYS CA  HA   sing N N 186 
LYS C   O    doub N N 187 
LYS C   OXT  sing N N 188 
LYS CB  CG   sing N N 189 
LYS CB  HB2  sing N N 190 
LYS CB  HB3  sing N N 191 
LYS CG  CD   sing N N 192 
LYS CG  HG2  sing N N 193 
LYS CG  HG3  sing N N 194 
LYS CD  CE   sing N N 195 
LYS CD  HD2  sing N N 196 
LYS CD  HD3  sing N N 197 
LYS CE  NZ   sing N N 198 
LYS CE  HE2  sing N N 199 
LYS CE  HE3  sing N N 200 
LYS NZ  HZ1  sing N N 201 
LYS NZ  HZ2  sing N N 202 
LYS NZ  HZ3  sing N N 203 
LYS OXT HXT  sing N N 204 
MET N   CA   sing N N 205 
MET N   H    sing N N 206 
MET N   H2   sing N N 207 
MET CA  C    sing N N 208 
MET CA  CB   sing N N 209 
MET CA  HA   sing N N 210 
MET C   O    doub N N 211 
MET C   OXT  sing N N 212 
MET CB  CG   sing N N 213 
MET CB  HB2  sing N N 214 
MET CB  HB3  sing N N 215 
MET CG  SD   sing N N 216 
MET CG  HG2  sing N N 217 
MET CG  HG3  sing N N 218 
MET SD  CE   sing N N 219 
MET CE  HE1  sing N N 220 
MET CE  HE2  sing N N 221 
MET CE  HE3  sing N N 222 
MET OXT HXT  sing N N 223 
PHE N   CA   sing N N 224 
PHE N   H    sing N N 225 
PHE N   H2   sing N N 226 
PHE CA  C    sing N N 227 
PHE CA  CB   sing N N 228 
PHE CA  HA   sing N N 229 
PHE C   O    doub N N 230 
PHE C   OXT  sing N N 231 
PHE CB  CG   sing N N 232 
PHE CB  HB2  sing N N 233 
PHE CB  HB3  sing N N 234 
PHE CG  CD1  doub Y N 235 
PHE CG  CD2  sing Y N 236 
PHE CD1 CE1  sing Y N 237 
PHE CD1 HD1  sing N N 238 
PHE CD2 CE2  doub Y N 239 
PHE CD2 HD2  sing N N 240 
PHE CE1 CZ   doub Y N 241 
PHE CE1 HE1  sing N N 242 
PHE CE2 CZ   sing Y N 243 
PHE CE2 HE2  sing N N 244 
PHE CZ  HZ   sing N N 245 
PHE OXT HXT  sing N N 246 
PRO N   CA   sing N N 247 
PRO N   CD   sing N N 248 
PRO N   H    sing N N 249 
PRO CA  C    sing N N 250 
PRO CA  CB   sing N N 251 
PRO CA  HA   sing N N 252 
PRO C   O    doub N N 253 
PRO C   OXT  sing N N 254 
PRO CB  CG   sing N N 255 
PRO CB  HB2  sing N N 256 
PRO CB  HB3  sing N N 257 
PRO CG  CD   sing N N 258 
PRO CG  HG2  sing N N 259 
PRO CG  HG3  sing N N 260 
PRO CD  HD2  sing N N 261 
PRO CD  HD3  sing N N 262 
PRO OXT HXT  sing N N 263 
SER N   CA   sing N N 264 
SER N   H    sing N N 265 
SER N   H2   sing N N 266 
SER CA  C    sing N N 267 
SER CA  CB   sing N N 268 
SER CA  HA   sing N N 269 
SER C   O    doub N N 270 
SER C   OXT  sing N N 271 
SER CB  OG   sing N N 272 
SER CB  HB2  sing N N 273 
SER CB  HB3  sing N N 274 
SER OG  HG   sing N N 275 
SER OXT HXT  sing N N 276 
THR N   CA   sing N N 277 
THR N   H    sing N N 278 
THR N   H2   sing N N 279 
THR CA  C    sing N N 280 
THR CA  CB   sing N N 281 
THR CA  HA   sing N N 282 
THR C   O    doub N N 283 
THR C   OXT  sing N N 284 
THR CB  OG1  sing N N 285 
THR CB  CG2  sing N N 286 
THR CB  HB   sing N N 287 
THR OG1 HG1  sing N N 288 
THR CG2 HG21 sing N N 289 
THR CG2 HG22 sing N N 290 
THR CG2 HG23 sing N N 291 
THR OXT HXT  sing N N 292 
TRP N   CA   sing N N 293 
TRP N   H    sing N N 294 
TRP N   H2   sing N N 295 
TRP CA  C    sing N N 296 
TRP CA  CB   sing N N 297 
TRP CA  HA   sing N N 298 
TRP C   O    doub N N 299 
TRP C   OXT  sing N N 300 
TRP CB  CG   sing N N 301 
TRP CB  HB2  sing N N 302 
TRP CB  HB3  sing N N 303 
TRP CG  CD1  doub Y N 304 
TRP CG  CD2  sing Y N 305 
TRP CD1 NE1  sing Y N 306 
TRP CD1 HD1  sing N N 307 
TRP CD2 CE2  doub Y N 308 
TRP CD2 CE3  sing Y N 309 
TRP NE1 CE2  sing Y N 310 
TRP NE1 HE1  sing N N 311 
TRP CE2 CZ2  sing Y N 312 
TRP CE3 CZ3  doub Y N 313 
TRP CE3 HE3  sing N N 314 
TRP CZ2 CH2  doub Y N 315 
TRP CZ2 HZ2  sing N N 316 
TRP CZ3 CH2  sing Y N 317 
TRP CZ3 HZ3  sing N N 318 
TRP CH2 HH2  sing N N 319 
TRP OXT HXT  sing N N 320 
TYR N   CA   sing N N 321 
TYR N   H    sing N N 322 
TYR N   H2   sing N N 323 
TYR CA  C    sing N N 324 
TYR CA  CB   sing N N 325 
TYR CA  HA   sing N N 326 
TYR C   O    doub N N 327 
TYR C   OXT  sing N N 328 
TYR CB  CG   sing N N 329 
TYR CB  HB2  sing N N 330 
TYR CB  HB3  sing N N 331 
TYR CG  CD1  doub Y N 332 
TYR CG  CD2  sing Y N 333 
TYR CD1 CE1  sing Y N 334 
TYR CD1 HD1  sing N N 335 
TYR CD2 CE2  doub Y N 336 
TYR CD2 HD2  sing N N 337 
TYR CE1 CZ   doub Y N 338 
TYR CE1 HE1  sing N N 339 
TYR CE2 CZ   sing Y N 340 
TYR CE2 HE2  sing N N 341 
TYR CZ  OH   sing N N 342 
TYR OH  HH   sing N N 343 
TYR OXT HXT  sing N N 344 
VAL N   CA   sing N N 345 
VAL N   H    sing N N 346 
VAL N   H2   sing N N 347 
VAL CA  C    sing N N 348 
VAL CA  CB   sing N N 349 
VAL CA  HA   sing N N 350 
VAL C   O    doub N N 351 
VAL C   OXT  sing N N 352 
VAL CB  CG1  sing N N 353 
VAL CB  CG2  sing N N 354 
VAL CB  HB   sing N N 355 
VAL CG1 HG11 sing N N 356 
VAL CG1 HG12 sing N N 357 
VAL CG1 HG13 sing N N 358 
VAL CG2 HG21 sing N N 359 
VAL CG2 HG22 sing N N 360 
VAL CG2 HG23 sing N N 361 
VAL OXT HXT  sing N N 362 
# 
_pdbx_audit_support.funding_organization   'German Research Foundation (DFG)' 
_pdbx_audit_support.country                Germany 
_pdbx_audit_support.grant_number           'KI 562/11-2' 
_pdbx_audit_support.ordinal                1 
# 
_pdbx_entity_instance_feature.ordinal        1 
_pdbx_entity_instance_feature.comp_id        CS 
_pdbx_entity_instance_feature.asym_id        ? 
_pdbx_entity_instance_feature.seq_num        ? 
_pdbx_entity_instance_feature.auth_comp_id   CS 
_pdbx_entity_instance_feature.auth_asym_id   ? 
_pdbx_entity_instance_feature.auth_seq_num   ? 
_pdbx_entity_instance_feature.feature_type   'SUBJECT OF INVESTIGATION' 
_pdbx_entity_instance_feature.details        ? 
# 
_atom_sites.entry_id                    7BMY 
_atom_sites.Cartn_transf_matrix[1][1]   ? 
_atom_sites.Cartn_transf_matrix[1][2]   ? 
_atom_sites.Cartn_transf_matrix[1][3]   ? 
_atom_sites.Cartn_transf_matrix[2][1]   ? 
_atom_sites.Cartn_transf_matrix[2][2]   ? 
_atom_sites.Cartn_transf_matrix[2][3]   ? 
_atom_sites.Cartn_transf_matrix[3][1]   ? 
_atom_sites.Cartn_transf_matrix[3][2]   ? 
_atom_sites.Cartn_transf_matrix[3][3]   ? 
_atom_sites.Cartn_transf_vector[1]      ? 
_atom_sites.Cartn_transf_vector[2]      ? 
_atom_sites.Cartn_transf_vector[3]      ? 
_atom_sites.fract_transf_matrix[1][1]   -0.00552158 
_atom_sites.fract_transf_matrix[1][2]   0.01332226 
_atom_sites.fract_transf_matrix[1][3]   0.02521539 
_atom_sites.fract_transf_matrix[2][1]   0.00845580 
_atom_sites.fract_transf_matrix[2][2]   0.00401392 
_atom_sites.fract_transf_matrix[2][3]   -0.00026908 
_atom_sites.fract_transf_matrix[3][1]   -0.00507794 
_atom_sites.fract_transf_matrix[3][2]   0.01025938 
_atom_sites.fract_transf_matrix[3][3]   -0.00653238 
_atom_sites.fract_transf_vector[1]      0.508388 
_atom_sites.fract_transf_vector[2]      0.348542 
_atom_sites.fract_transf_vector[3]      0.515365 
_atom_sites.solution_primary            ? 
_atom_sites.solution_secondary          ? 
_atom_sites.solution_hydrogens          ? 
_atom_sites.special_details             ? 
# 
loop_
_atom_type.symbol 
C  
CL 
CS 
N  
O  
S  
# 
loop_
_atom_site.group_PDB 
_atom_site.id 
_atom_site.type_symbol 
_atom_site.label_atom_id 
_atom_site.label_alt_id 
_atom_site.label_comp_id 
_atom_site.label_asym_id 
_atom_site.label_entity_id 
_atom_site.label_seq_id 
_atom_site.pdbx_PDB_ins_code 
_atom_site.Cartn_x 
_atom_site.Cartn_y 
_atom_site.Cartn_z 
_atom_site.occupancy 
_atom_site.B_iso_or_equiv 
_atom_site.pdbx_formal_charge 
_atom_site.auth_seq_id 
_atom_site.auth_comp_id 
_atom_site.auth_asym_id 
_atom_site.auth_atom_id 
_atom_site.pdbx_PDB_model_num 
ATOM   1    N  N   . ASN A 1 20  ? -16.159 -26.846 5.979   1.00 41.41 ? -6  ASN A N   1 
ATOM   2    C  CA  . ASN A 1 20  ? -14.786 -26.781 6.569   1.00 42.14 ? -6  ASN A CA  1 
ATOM   3    C  C   . ASN A 1 20  ? -13.672 -26.303 5.581   1.00 37.82 ? -6  ASN A C   1 
ATOM   4    O  O   . ASN A 1 20  ? -12.481 -26.312 5.934   1.00 33.32 ? -6  ASN A O   1 
ATOM   5    C  CB  . ASN A 1 20  ? -14.434 -28.150 7.192   1.00 51.99 ? -6  ASN A CB  1 
ATOM   6    C  CG  . ASN A 1 20  ? -15.120 -28.380 8.545   1.00 59.57 ? -6  ASN A CG  1 
ATOM   7    O  OD1 . ASN A 1 20  ? -16.018 -27.625 8.938   1.00 65.88 ? -6  ASN A OD1 1 
ATOM   8    N  ND2 . ASN A 1 20  ? -14.691 -29.425 9.263   1.00 64.00 ? -6  ASN A ND2 1 
ATOM   9    N  N   . LEU A 1 21  ? -14.065 -25.811 4.398   1.00 33.15 ? -5  LEU A N   1 
ATOM   10   C  CA  . LEU A 1 21  ? -13.095 -25.343 3.377   1.00 30.25 ? -5  LEU A CA  1 
ATOM   11   C  C   . LEU A 1 21  ? -12.402 -24.054 3.794   1.00 30.86 ? -5  LEU A C   1 
ATOM   12   O  O   . LEU A 1 21  ? -12.985 -23.216 4.500   1.00 32.98 ? -5  LEU A O   1 
ATOM   13   C  CB  . LEU A 1 21  ? -13.768 -25.093 2.013   1.00 27.94 ? -5  LEU A CB  1 
ATOM   14   C  CG  . LEU A 1 21  ? -14.490 -26.240 1.323   1.00 32.96 ? -5  LEU A CG  1 
ATOM   15   C  CD1 . LEU A 1 21  ? -15.244 -25.749 0.087   1.00 32.69 ? -5  LEU A CD1 1 
ATOM   16   C  CD2 . LEU A 1 21  ? -13.491 -27.291 0.881   1.00 31.51 ? -5  LEU A CD2 1 
ATOM   17   N  N   . TYR A 1 22  ? -11.168 -23.883 3.338   1.00 26.67 ? -4  TYR A N   1 
ATOM   18   C  CA  . TYR A 1 22  ? -10.432 -22.648 3.577   1.00 28.88 ? -4  TYR A CA  1 
ATOM   19   C  C   . TYR A 1 22  ? -10.029 -22.133 2.209   1.00 26.23 ? -4  TYR A C   1 
ATOM   20   O  O   . TYR A 1 22  ? -9.548  -22.906 1.355   1.00 24.02 ? -4  TYR A O   1 
ATOM   21   C  CB  . TYR A 1 22  ? -9.233  -22.901 4.475   1.00 32.23 ? -4  TYR A CB  1 
ATOM   22   C  CG  . TYR A 1 22  ? -8.252  -21.758 4.551   1.00 36.25 ? -4  TYR A CG  1 
ATOM   23   C  CD1 . TYR A 1 22  ? -8.465  -20.686 5.409   1.00 39.83 ? -4  TYR A CD1 1 
ATOM   24   C  CD2 . TYR A 1 22  ? -7.102  -21.761 3.769   1.00 37.10 ? -4  TYR A CD2 1 
ATOM   25   C  CE1 . TYR A 1 22  ? -7.575  -19.618 5.466   1.00 40.67 ? -4  TYR A CE1 1 
ATOM   26   C  CE2 . TYR A 1 22  ? -6.201  -20.712 3.822   1.00 43.27 ? -4  TYR A CE2 1 
ATOM   27   C  CZ  . TYR A 1 22  ? -6.444  -19.640 4.667   1.00 41.73 ? -4  TYR A CZ  1 
ATOM   28   O  OH  . TYR A 1 22  ? -5.531  -18.610 4.712   1.00 45.45 ? -4  TYR A OH  1 
ATOM   29   N  N   . PHE A 1 23  ? -10.261 -20.842 1.999   1.00 23.69 ? -3  PHE A N   1 
ATOM   30   C  CA  . PHE A 1 23  ? -9.901  -20.161 0.754   1.00 21.76 ? -3  PHE A CA  1 
ATOM   31   C  C   . PHE A 1 23  ? -8.935  -19.024 0.984   1.00 23.82 ? -3  PHE A C   1 
ATOM   32   O  O   . PHE A 1 23  ? -9.025  -18.325 1.973   1.00 25.93 ? -3  PHE A O   1 
ATOM   33   C  CB  . PHE A 1 23  ? -11.142 -19.602 0.118   1.00 23.01 ? -3  PHE A CB  1 
ATOM   34   C  CG  . PHE A 1 23  ? -12.000 -20.638 -0.524  1.00 20.64 ? -3  PHE A CG  1 
ATOM   35   C  CD1 . PHE A 1 23  ? -11.770 -21.002 -1.843  1.00 19.70 ? -3  PHE A CD1 1 
ATOM   36   C  CD2 . PHE A 1 23  ? -13.028 -21.233 0.187   1.00 19.10 ? -3  PHE A CD2 1 
ATOM   37   C  CE1 . PHE A 1 23  ? -12.553 -21.960 -2.440  1.00 19.69 ? -3  PHE A CE1 1 
ATOM   38   C  CE2 . PHE A 1 23  ? -13.807 -22.204 -0.408  1.00 22.31 ? -3  PHE A CE2 1 
ATOM   39   C  CZ  . PHE A 1 23  ? -13.556 -22.560 -1.721  1.00 19.40 ? -3  PHE A CZ  1 
ATOM   40   N  N   . GLN A 1 24  ? -7.986  -18.894 0.095   1.00 20.20 ? -2  GLN A N   1 
ATOM   41   C  CA  . GLN A 1 24  ? -7.111  -17.731 0.080   1.00 22.74 ? -2  GLN A CA  1 
ATOM   42   C  C   . GLN A 1 24  ? -7.520  -16.885 -1.070  1.00 20.18 ? -2  GLN A C   1 
ATOM   43   O  O   . GLN A 1 24  ? -8.143  -17.360 -2.029  1.00 21.24 ? -2  GLN A O   1 
ATOM   44   C  CB  . GLN A 1 24  ? -5.635  -18.127 -0.008  1.00 23.45 ? -2  GLN A CB  1 
ATOM   45   C  CG  . GLN A 1 24  ? -5.229  -18.943 -1.246  1.00 24.54 ? -2  GLN A CG  1 
ATOM   46   C  CD  . GLN A 1 24  ? -3.806  -19.505 -1.187  1.00 27.85 ? -2  GLN A CD  1 
ATOM   47   O  OE1 . GLN A 1 24  ? -3.327  -20.078 -2.153  1.00 26.52 ? -2  GLN A OE1 1 
ATOM   48   N  NE2 . GLN A 1 24  ? -3.114  -19.299 -0.051  1.00 27.68 ? -2  GLN A NE2 1 
ATOM   49   N  N   . GLY A 1 25  ? -7.176  -15.605 -1.017  1.00 20.11 ? -1  GLY A N   1 
ATOM   50   C  CA  . GLY A 1 25  ? -7.402  -14.711 -2.160  1.00 18.86 ? -1  GLY A CA  1 
ATOM   51   C  C   . GLY A 1 25  ? -6.625  -15.118 -3.409  1.00 19.31 ? -1  GLY A C   1 
ATOM   52   O  O   . GLY A 1 25  ? -5.531  -15.679 -3.341  1.00 23.60 ? -1  GLY A O   1 
ATOM   53   N  N   . ALA A 1 26  ? -7.258  -14.923 -4.555  1.00 17.43 ? 0   ALA A N   1 
ATOM   54   C  CA  . ALA A 1 26  ? -6.745  -15.344 -5.877  1.00 16.30 ? 0   ALA A CA  1 
ATOM   55   C  C   . ALA A 1 26  ? -6.704  -14.291 -6.966  1.00 17.55 ? 0   ALA A C   1 
ATOM   56   O  O   . ALA A 1 26  ? -6.378  -14.582 -8.150  1.00 20.45 ? 0   ALA A O   1 
ATOM   57   C  CB  . ALA A 1 26  ? -7.489  -16.638 -6.344  1.00 16.72 ? 0   ALA A CB  1 
ATOM   58   N  N   . MET A 1 27  ? -6.844  -13.036 -6.541  1.00 16.75 ? 1   MET A N   1 
ATOM   59   C  CA  . MET A 1 27  ? -6.707  -11.905 -7.443  1.00 21.33 ? 1   MET A CA  1 
ATOM   60   C  C   . MET A 1 27  ? -5.219  -11.674 -7.637  1.00 18.75 ? 1   MET A C   1 
ATOM   61   O  O   . MET A 1 27  ? -4.447  -11.930 -6.743  1.00 15.07 ? 1   MET A O   1 
ATOM   62   C  CB  . MET A 1 27  ? -7.332  -10.658 -6.813  1.00 24.78 ? 1   MET A CB  1 
ATOM   63   C  CG  . MET A 1 27  ? -8.821  -10.734 -6.485  1.00 31.19 ? 1   MET A CG  1 
ATOM   64   S  SD  . MET A 1 27  ? -9.937  -10.753 -7.899  0.97 34.55 ? 1   MET A SD  1 
ATOM   65   C  CE  . MET A 1 27  ? -9.013  -10.495 -9.400  1.00 30.86 ? 1   MET A CE  1 
ATOM   66   N  N   . SER A 1 28  ? -4.820  -11.262 -8.832  1.00 21.20 ? 2   SER A N   1 
ATOM   67   C  CA  . SER A 1 28  ? -3.414  -10.991 -9.108  1.00 22.09 ? 2   SER A CA  1 
ATOM   68   C  C   . SER A 1 28  ? -2.930  -9.741  -8.384  1.00 18.57 ? 2   SER A C   1 
ATOM   69   O  O   . SER A 1 28  ? -3.723  -8.905  -7.985  1.00 18.20 ? 2   SER A O   1 
ATOM   70   C  CB  . SER A 1 28  ? -3.171  -10.797 -10.568 1.00 22.64 ? 2   SER A CB  1 
ATOM   71   O  OG  . SER A 1 28  ? -3.980  -9.690  -10.935 1.00 26.85 ? 2   SER A OG  1 
ATOM   72   N  N   . ILE A 1 29  ? -1.619  -9.693  -8.170  1.00 18.35 ? 3   ILE A N   1 
ATOM   73   C  CA  . ILE A 1 29  ? -1.003  -8.574  -7.507  1.00 16.56 ? 3   ILE A CA  1 
ATOM   74   C  C   . ILE A 1 29  ? -0.836  -7.447  -8.538  1.00 18.61 ? 3   ILE A C   1 
ATOM   75   O  O   . ILE A 1 29  ? -0.140  -7.632  -9.539  1.00 18.23 ? 3   ILE A O   1 
ATOM   76   C  CB  . ILE A 1 29  ? 0.371   -8.943  -6.971  1.00 16.20 ? 3   ILE A CB  1 
ATOM   77   C  CG1 . ILE A 1 29  ? 0.281   -10.079 -5.933  1.00 14.28 ? 3   ILE A CG1 1 
ATOM   78   C  CG2 . ILE A 1 29  ? 1.064   -7.692  -6.383  1.00 15.14 ? 3   ILE A CG2 1 
ATOM   79   C  CD1 . ILE A 1 29  ? 1.629   -10.668 -5.542  1.00 15.37 ? 3   ILE A CD1 1 
ATOM   80   N  N   . PRO A 1 30  ? -1.394  -6.296  -8.268  1.00 18.12 ? 4   PRO A N   1 
ATOM   81   C  CA  . PRO A 1 30  ? -1.196  -5.173  -9.210  1.00 21.46 ? 4   PRO A CA  1 
ATOM   82   C  C   . PRO A 1 30  ? 0.185   -4.473  -9.042  1.00 18.59 ? 4   PRO A C   1 
ATOM   83   O  O   . PRO A 1 30  ? 0.785   -4.630  -7.997  1.00 17.22 ? 4   PRO A O   1 
ATOM   84   C  CB  . PRO A 1 30  ? -2.277  -4.205  -8.814  1.00 20.66 ? 4   PRO A CB  1 
ATOM   85   C  CG  . PRO A 1 30  ? -2.973  -4.741  -7.643  1.00 23.56 ? 4   PRO A CG  1 
ATOM   86   C  CD  . PRO A 1 30  ? -2.288  -5.940  -7.155  1.00 21.32 ? 4   PRO A CD  1 
ATOM   87   N  N   . ARG A 1 31  ? 0.648   -3.779  -10.083 1.00 19.42 ? 5   ARG A N   1 
ATOM   88   C  CA  . ARG A 1 31  ? 1.844   -2.897  -10.068 1.00 17.13 ? 5   ARG A CA  1 
ATOM   89   C  C   . ARG A 1 31  ? 1.270   -1.549  -10.477 1.00 16.79 ? 5   ARG A C   1 
ATOM   90   O  O   . ARG A 1 31  ? 0.914   -1.392  -11.654 1.00 17.52 ? 5   ARG A O   1 
ATOM   91   C  CB  . ARG A 1 31  ? 2.915   -3.349  -11.138 1.00 19.34 ? 5   ARG A CB  1 
ATOM   92   C  CG  . ARG A 1 31  ? 3.685   -4.648  -10.833 1.00 21.10 ? 5   ARG A CG  1 
ATOM   93   C  CD  . ARG A 1 31  ? 4.712   -5.074  -11.877 1.00 21.88 ? 5   ARG A CD  1 
ATOM   94   N  NE  . ARG A 1 31  ? 5.942   -4.250  -11.786 1.00 20.42 ? 5   ARG A NE  1 
ATOM   95   C  CZ  . ARG A 1 31  ? 6.252   -3.239  -12.574 1.00 20.88 ? 5   ARG A CZ  1 
ATOM   96   N  NH1 . ARG A 1 31  ? 5.462   -2.905  -13.612 1.00 23.22 ? 5   ARG A NH1 1 
ATOM   97   N  NH2 . ARG A 1 31  ? 7.345   -2.551  -12.359 1.00 21.38 ? 5   ARG A NH2 1 
ATOM   98   N  N   . SER A 1 32  ? 1.117   -0.579  -9.556  1.00 14.20 ? 6   SER A N   1 
ATOM   99   C  CA  . SER A 1 32  ? 0.412   0.603   -9.897  1.00 15.11 ? 6   SER A CA  1 
ATOM   100  C  C   . SER A 1 32  ? 1.350   1.813   -9.898  1.00 12.81 ? 6   SER A C   1 
ATOM   101  O  O   . SER A 1 32  ? 2.168   1.940   -8.978  1.00 9.96  ? 6   SER A O   1 
ATOM   102  C  CB  . SER A 1 32  ? -0.714  0.866   -8.962  1.00 17.41 ? 6   SER A CB  1 
ATOM   103  O  OG  . SER A 1 32  ? -1.530  -0.322  -8.884  1.00 21.53 ? 6   SER A OG  1 
ATOM   104  N  N   . GLN A 1 33  ? 1.133   2.635   -10.926 1.00 11.93 ? 7   GLN A N   1 
ATOM   105  C  CA  . GLN A 1 33  ? 1.852   3.923   -11.095 1.00 12.65 ? 7   GLN A CA  1 
ATOM   106  C  C   . GLN A 1 33  ? 1.497   4.851   -9.927  1.00 10.68 ? 7   GLN A C   1 
ATOM   107  O  O   . GLN A 1 33  ? 0.344   5.255   -9.729  1.00 11.69 ? 7   GLN A O   1 
ATOM   108  C  CB  . GLN A 1 33  ? 1.519   4.513   -12.445 1.00 15.54 ? 7   GLN A CB  1 
ATOM   109  C  CG  . GLN A 1 33  ? 2.185   3.781   -13.593 1.00 19.36 ? 7   GLN A CG  1 
ATOM   110  C  CD  . GLN A 1 33  ? 1.517   4.139   -14.922 1.00 24.28 ? 7   GLN A CD  1 
ATOM   111  O  OE1 . GLN A 1 33  ? 1.066   5.283   -15.122 1.00 27.72 ? 7   GLN A OE1 1 
ATOM   112  N  NE2 . GLN A 1 33  ? 1.494   3.185   -15.853 1.00 36.27 ? 7   GLN A NE2 1 
ATOM   113  N  N   . THR A 1 34  ? 2.454   5.196   -9.114  1.00 10.66 ? 8   THR A N   1 
ATOM   114  C  CA  . THR A 1 34  ? 2.193   5.982   -7.942  1.00 11.85 ? 8   THR A CA  1 
ATOM   115  C  C   . THR A 1 34  ? 3.375   6.890   -7.600  1.00 11.76 ? 8   THR A C   1 
ATOM   116  O  O   . THR A 1 34  ? 4.555   6.492   -7.771  1.00 12.57 ? 8   THR A O   1 
ATOM   117  C  CB  . THR A 1 34  ? 1.992   5.095   -6.701  1.00 10.89 ? 8   THR A CB  1 
ATOM   118  O  OG1 . THR A 1 34  ? 3.030   4.125   -6.598  1.00 11.50 ? 8   THR A OG1 1 
ATOM   119  C  CG2 . THR A 1 34  ? 0.666   4.357   -6.642  1.00 10.84 ? 8   THR A CG2 1 
ATOM   120  N  N   . THR A 1 35  ? 3.058   8.059   -7.008  1.00 12.52 ? 9   THR A N   1 
ATOM   121  C  CA  . THR A 1 35  ? 4.016   9.016   -6.493  1.00 13.38 ? 9   THR A CA  1 
ATOM   122  C  C   . THR A 1 35  ? 4.124   8.934   -4.995  1.00 13.19 ? 9   THR A C   1 
ATOM   123  O  O   . THR A 1 35  ? 3.120   8.846   -4.301  1.00 12.32 ? 9   THR A O   1 
ATOM   124  C  CB  . THR A 1 35  ? 3.701   10.410  -6.967  1.00 13.69 ? 9   THR A CB  1 
ATOM   125  O  OG1 . THR A 1 35  ? 3.866   10.441  -8.394  1.00 16.47 ? 9   THR A OG1 1 
ATOM   126  C  CG2 . THR A 1 35  ? 4.495   11.520  -6.320  1.00 15.44 ? 9   THR A CG2 1 
ATOM   127  N  N   . TYR A 1 36  ? 5.370   8.901   -4.544  1.00 11.90 ? 10  TYR A N   1 
ATOM   128  C  CA  . TYR A 1 36  ? 5.711   8.843   -3.161  1.00 12.17 ? 10  TYR A CA  1 
ATOM   129  C  C   . TYR A 1 36  ? 6.787   9.894   -2.895  1.00 13.36 ? 10  TYR A C   1 
ATOM   130  O  O   . TYR A 1 36  ? 7.838   9.934   -3.577  1.00 13.06 ? 10  TYR A O   1 
ATOM   131  C  CB  . TYR A 1 36  ? 6.238   7.474   -2.763  1.00 13.38 ? 10  TYR A CB  1 
ATOM   132  C  CG  . TYR A 1 36  ? 6.674   7.395   -1.327  1.00 13.58 ? 10  TYR A CG  1 
ATOM   133  C  CD1 . TYR A 1 36  ? 5.745   7.497   -0.281  1.00 13.74 ? 10  TYR A CD1 1 
ATOM   134  C  CD2 . TYR A 1 36  ? 8.009   7.260   -0.998  1.00 14.26 ? 10  TYR A CD2 1 
ATOM   135  C  CE1 . TYR A 1 36  ? 6.125   7.448   1.064   1.00 13.62 ? 10  TYR A CE1 1 
ATOM   136  C  CE2 . TYR A 1 36  ? 8.414   7.196   0.354   1.00 14.77 ? 10  TYR A CE2 1 
ATOM   137  C  CZ  . TYR A 1 36  ? 7.494   7.316   1.375   1.00 15.57 ? 10  TYR A CZ  1 
ATOM   138  O  OH  . TYR A 1 36  ? 7.937   7.302   2.672   1.00 15.27 ? 10  TYR A OH  1 
ATOM   139  N  N   . LYS A 1 37  ? 6.473   10.745  -1.932  1.00 14.22 ? 11  LYS A N   1 
ATOM   140  C  CA  . LYS A 1 37  ? 7.359   11.879  -1.571  1.00 18.39 ? 11  LYS A CA  1 
ATOM   141  C  C   . LYS A 1 37  ? 7.843   12.584  -2.826  1.00 18.00 ? 11  LYS A C   1 
ATOM   142  O  O   . LYS A 1 37  ? 9.080   12.795  -3.003  1.00 20.28 ? 11  LYS A O   1 
ATOM   143  C  CB  . LYS A 1 37  ? 8.505   11.415  -0.720  1.00 19.95 ? 11  LYS A CB  1 
ATOM   144  C  CG  . LYS A 1 37  ? 8.023   10.991  0.684   1.00 23.98 ? 11  LYS A CG  1 
ATOM   145  C  CD  . LYS A 1 37  ? 9.140   10.715  1.655   1.00 27.73 ? 11  LYS A CD  1 
ATOM   146  C  CE  . LYS A 1 37  ? 8.967   11.572  2.922   1.00 34.07 ? 11  LYS A CE  1 
ATOM   147  N  NZ  . LYS A 1 37  ? 9.959   11.203  3.983   1.00 38.47 ? 11  LYS A NZ  1 
ATOM   148  N  N   . LYS A 1 38  ? 6.859   12.903  -3.672  1.00 16.17 ? 12  LYS A N   1 
ATOM   149  C  CA  . LYS A 1 38  ? 7.012   13.602  -4.943  1.00 21.63 ? 12  LYS A CA  1 
ATOM   150  C  C   . LYS A 1 38  ? 7.909   12.924  -5.994  1.00 20.50 ? 12  LYS A C   1 
ATOM   151  O  O   . LYS A 1 38  ? 8.424   13.614  -6.857  1.00 24.58 ? 12  LYS A O   1 
ATOM   152  C  CB  . LYS A 1 38  ? 7.569   15.032  -4.703  1.00 25.54 ? 12  LYS A CB  1 
ATOM   153  C  CG  . LYS A 1 38  ? 6.861   15.788  -3.574  1.00 30.16 ? 12  LYS A CG  1 
ATOM   154  C  CD  . LYS A 1 38  ? 7.641   17.050  -3.210  1.00 36.19 ? 12  LYS A CD  1 
ATOM   155  C  CE  . LYS A 1 38  ? 6.888   17.915  -2.204  1.00 42.36 ? 12  LYS A CE  1 
ATOM   156  N  NZ  . LYS A 1 38  ? 7.444   19.308  -2.186  1.00 48.68 ? 12  LYS A NZ  1 
ATOM   157  N  N   . LYS A 1 39  ? 8.201   11.643  -5.889  1.00 17.43 ? 13  LYS A N   1 
ATOM   158  C  CA  . LYS A 1 39  ? 8.914   10.917  -6.979  1.00 15.17 ? 13  LYS A CA  1 
ATOM   159  C  C   . LYS A 1 39  ? 7.939   9.879   -7.574  1.00 14.68 ? 13  LYS A C   1 
ATOM   160  O  O   . LYS A 1 39  ? 7.173   9.323   -6.825  1.00 13.37 ? 13  LYS A O   1 
ATOM   161  C  CB  . LYS A 1 39  ? 10.137  10.193  -6.421  1.00 18.65 ? 13  LYS A CB  1 
ATOM   162  C  CG  . LYS A 1 39  ? 11.173  11.035  -5.634  1.00 24.22 ? 13  LYS A CG  1 
ATOM   163  C  CD  . LYS A 1 39  ? 11.954  11.942  -6.567  1.00 28.56 ? 13  LYS A CD  1 
ATOM   164  C  CE  . LYS A 1 39  ? 13.010  12.788  -5.835  1.00 33.12 ? 13  LYS A CE  1 
ATOM   165  N  NZ  . LYS A 1 39  ? 13.578  13.774  -6.791  1.00 37.45 ? 13  LYS A NZ  1 
ATOM   166  N  N   . GLU A 1 40  ? 8.008   9.607   -8.880  1.00 14.97 ? 14  GLU A N   1 
ATOM   167  C  CA  . GLU A 1 40  ? 7.166   8.606   -9.539  1.00 15.44 ? 14  GLU A CA  1 
ATOM   168  C  C   . GLU A 1 40  ? 7.757   7.244   -9.386  1.00 12.55 ? 14  GLU A C   1 
ATOM   169  O  O   . GLU A 1 40  ? 9.028   7.051   -9.417  1.00 10.80 ? 14  GLU A O   1 
ATOM   170  C  CB  . GLU A 1 40  ? 7.026   8.909   -11.049 1.00 19.20 ? 14  GLU A CB  1 
ATOM   171  C  CG  . GLU A 1 40  ? 6.595   10.333  -11.459 1.00 25.53 ? 14  GLU A CG  1 
ATOM   172  C  CD  . GLU A 1 40  ? 6.466   10.494  -12.993 1.00 33.47 ? 14  GLU A CD  1 
ATOM   173  O  OE1 . GLU A 1 40  ? 7.164   9.793   -13.764 1.00 40.90 ? 14  GLU A OE1 1 
ATOM   174  O  OE2 . GLU A 1 40  ? 5.660   11.335  -13.463 1.00 43.41 ? 14  GLU A OE2 1 
ATOM   175  N  N   . GLY A 1 41  ? 6.878   6.237   -9.165  1.00 11.27 ? 15  GLY A N   1 
ATOM   176  C  CA  . GLY A 1 41  ? 7.298   4.900   -9.064  1.00 9.70  ? 15  GLY A CA  1 
ATOM   177  C  C   . GLY A 1 41  ? 6.177   3.889   -9.173  1.00 10.45 ? 15  GLY A C   1 
ATOM   178  O  O   . GLY A 1 41  ? 5.135   4.190   -9.788  1.00 10.07 ? 15  GLY A O   1 
ATOM   179  N  N   . ILE A 1 42  ? 6.443   2.722   -8.579  1.00 10.44 ? 16  ILE A N   1 
ATOM   180  C  CA  . ILE A 1 42  ? 5.492   1.559   -8.674  1.00 11.36 ? 16  ILE A CA  1 
ATOM   181  C  C   . ILE A 1 42  ? 5.214   1.026   -7.311  1.00 10.23 ? 16  ILE A C   1 
ATOM   182  O  O   . ILE A 1 42  ? 6.126   0.761   -6.540  1.00 10.69 ? 16  ILE A O   1 
ATOM   183  C  CB  . ILE A 1 42  ? 6.089   0.430   -9.486  1.00 12.29 ? 16  ILE A CB  1 
ATOM   184  C  CG1 . ILE A 1 42  ? 6.303   0.938   -10.944 1.00 13.42 ? 16  ILE A CG1 1 
ATOM   185  C  CG2 . ILE A 1 42  ? 5.279   -0.885  -9.378  1.00 13.11 ? 16  ILE A CG2 1 
ATOM   186  C  CD1 . ILE A 1 42  ? 5.099   1.234   -11.813 1.00 15.32 ? 16  ILE A CD1 1 
ATOM   187  N  N   . LEU A 1 43  ? 3.939   0.903   -6.985  1.00 9.86  ? 17  LEU A N   1 
ATOM   188  C  CA  . LEU A 1 43  ? 3.532   0.320   -5.720  1.00 8.73  ? 17  LEU A CA  1 
ATOM   189  C  C   . LEU A 1 43  ? 3.072   -1.078  -6.077  1.00 9.94  ? 17  LEU A C   1 
ATOM   190  O  O   . LEU A 1 43  ? 2.267   -1.256  -7.086  1.00 11.24 ? 17  LEU A O   1 
ATOM   191  C  CB  . LEU A 1 43  ? 2.414   1.169   -5.123  1.00 9.47  ? 17  LEU A CB  1 
ATOM   192  C  CG  . LEU A 1 43  ? 1.882   0.671   -3.792  1.00 9.97  ? 17  LEU A CG  1 
ATOM   193  C  CD1 . LEU A 1 43  ? 2.929   0.907   -2.706  1.00 11.29 ? 17  LEU A CD1 1 
ATOM   194  C  CD2 . LEU A 1 43  ? 0.592   1.396   -3.429  1.00 11.21 ? 17  LEU A CD2 1 
ATOM   195  N  N   . THR A 1 44  ? 3.528   -2.032  -5.300  1.00 10.09 ? 18  THR A N   1 
ATOM   196  C  CA  . THR A 1 44  ? 3.100   -3.447  -5.452  1.00 11.78 ? 18  THR A CA  1 
ATOM   197  C  C   . THR A 1 44  ? 3.252   -4.225  -4.160  1.00 11.91 ? 18  THR A C   1 
ATOM   198  O  O   . THR A 1 44  ? 3.493   -3.592  -3.082  1.00 10.49 ? 18  THR A O   1 
ATOM   199  C  CB  . THR A 1 44  ? 3.783   -4.084  -6.693  1.00 13.08 ? 18  THR A CB  1 
ATOM   200  O  OG1 . THR A 1 44  ? 3.062   -5.267  -7.055  1.00 13.44 ? 18  THR A OG1 1 
ATOM   201  C  CG2 . THR A 1 44  ? 5.252   -4.400  -6.433  1.00 13.66 ? 18  THR A CG2 1 
ATOM   202  N  N   . LEU A 1 45  ? 3.070   -5.551  -4.199  1.00 11.94 ? 19  LEU A N   1 
ATOM   203  C  CA  A LEU A 1 45  ? 3.350   -6.441  -3.075  0.80 12.65 ? 19  LEU A CA  1 
ATOM   204  C  CA  B LEU A 1 45  ? 3.331   -6.422  -3.068  0.20 11.98 ? 19  LEU A CA  1 
ATOM   205  C  C   . LEU A 1 45  ? 4.382   -7.420  -3.510  1.00 12.94 ? 19  LEU A C   1 
ATOM   206  O  O   . LEU A 1 45  ? 4.488   -7.735  -4.739  1.00 13.53 ? 19  LEU A O   1 
ATOM   207  C  CB  A LEU A 1 45  ? 2.136   -7.293  -2.618  0.80 14.27 ? 19  LEU A CB  1 
ATOM   208  C  CB  B LEU A 1 45  ? 2.059   -7.167  -2.607  0.20 11.61 ? 19  LEU A CB  1 
ATOM   209  C  CG  A LEU A 1 45  ? 0.984   -6.621  -1.911  0.80 15.19 ? 19  LEU A CG  1 
ATOM   210  C  CG  B LEU A 1 45  ? 0.921   -6.346  -1.987  0.20 11.11 ? 19  LEU A CG  1 
ATOM   211  C  CD1 A LEU A 1 45  ? 0.237   -5.726  -2.859  0.80 18.00 ? 19  LEU A CD1 1 
ATOM   212  C  CD1 B LEU A 1 45  ? -0.383  -7.133  -2.005  0.20 11.12 ? 19  LEU A CD1 1 
ATOM   213  C  CD2 A LEU A 1 45  ? -0.002  -7.663  -1.443  0.80 17.06 ? 19  LEU A CD2 1 
ATOM   214  C  CD2 B LEU A 1 45  ? 1.206   -5.889  -0.564  0.20 10.78 ? 19  LEU A CD2 1 
ATOM   215  N  N   . THR A 1 46  ? 5.178   -7.870  -2.545  1.00 12.70 ? 20  THR A N   1 
ATOM   216  C  CA  . THR A 1 46  ? 6.094   -9.000  -2.738  1.00 14.01 ? 20  THR A CA  1 
ATOM   217  C  C   . THR A 1 46  ? 5.262   -10.278 -3.125  1.00 14.38 ? 20  THR A C   1 
ATOM   218  O  O   . THR A 1 46  ? 4.054   -10.326 -2.910  1.00 11.97 ? 20  THR A O   1 
ATOM   219  C  CB  . THR A 1 46  ? 6.993   -9.279  -1.550  1.00 14.86 ? 20  THR A CB  1 
ATOM   220  O  OG1 . THR A 1 46  ? 6.178   -9.453  -0.375  1.00 14.29 ? 20  THR A OG1 1 
ATOM   221  C  CG2 . THR A 1 46  ? 8.015   -8.097  -1.398  1.00 14.86 ? 20  THR A CG2 1 
ATOM   222  N  N   . GLU A 1 47  ? 5.921   -11.241 -3.765  1.00 16.38 ? 21  GLU A N   1 
ATOM   223  C  CA  A GLU A 1 47  ? 5.190   -12.435 -4.259  0.80 20.90 ? 21  GLU A CA  1 
ATOM   224  C  CA  B GLU A 1 47  ? 5.263   -12.485 -4.261  0.20 17.52 ? 21  GLU A CA  1 
ATOM   225  C  C   . GLU A 1 47  ? 4.547   -13.241 -3.132  1.00 18.02 ? 21  GLU A C   1 
ATOM   226  O  O   . GLU A 1 47  ? 3.523   -13.863 -3.346  1.00 18.63 ? 21  GLU A O   1 
ATOM   227  C  CB  A GLU A 1 47  ? 6.121   -13.353 -5.008  0.80 24.83 ? 21  GLU A CB  1 
ATOM   228  C  CB  B GLU A 1 47  ? 6.296   -13.412 -4.953  0.20 17.83 ? 21  GLU A CB  1 
ATOM   229  C  CG  A GLU A 1 47  ? 6.472   -12.961 -6.407  0.80 32.55 ? 21  GLU A CG  1 
ATOM   230  C  CG  B GLU A 1 47  ? 5.741   -14.697 -5.609  0.20 18.28 ? 21  GLU A CG  1 
ATOM   231  C  CD  A GLU A 1 47  ? 7.605   -13.824 -6.954  0.80 42.97 ? 21  GLU A CD  1 
ATOM   232  C  CD  B GLU A 1 47  ? 6.798   -15.784 -5.886  0.20 19.27 ? 21  GLU A CD  1 
ATOM   233  O  OE1 A GLU A 1 47  ? 7.517   -15.092 -6.828  0.80 46.42 ? 21  GLU A OE1 1 
ATOM   234  O  OE1 B GLU A 1 47  ? 7.799   -15.883 -5.141  0.20 19.95 ? 21  GLU A OE1 1 
ATOM   235  O  OE2 A GLU A 1 47  ? 8.581   -13.226 -7.502  0.80 53.82 ? 21  GLU A OE2 1 
ATOM   236  O  OE2 B GLU A 1 47  ? 6.622   -16.575 -6.857  0.20 19.62 ? 21  GLU A OE2 1 
ATOM   237  N  N   . ASP A 1 48  ? 5.123   -13.179 -1.948  1.00 17.67 ? 22  ASP A N   1 
ATOM   238  C  CA  . ASP A 1 48  ? 4.565   -13.852 -0.780  1.00 18.67 ? 22  ASP A CA  1 
ATOM   239  C  C   . ASP A 1 48  ? 3.372   -13.142 -0.153  1.00 17.19 ? 22  ASP A C   1 
ATOM   240  O  O   . ASP A 1 48  ? 2.792   -13.650 0.821   1.00 16.46 ? 22  ASP A O   1 
ATOM   241  C  CB  . ASP A 1 48  ? 5.665   -14.184 0.257   1.00 20.45 ? 22  ASP A CB  1 
ATOM   242  C  CG  . ASP A 1 48  ? 6.343   -12.961 0.869   1.00 22.33 ? 22  ASP A CG  1 
ATOM   243  O  OD1 . ASP A 1 48  ? 5.979   -11.844 0.539   1.00 19.62 ? 22  ASP A OD1 1 
ATOM   244  O  OD2 . ASP A 1 48  ? 7.280   -13.134 1.677   1.00 26.44 ? 22  ASP A OD2 1 
ATOM   245  N  N   . ARG A 1 49  ? 3.119   -11.913 -0.622  1.00 15.93 ? 23  ARG A N   1 
ATOM   246  C  CA  . ARG A 1 49  ? 2.050   -11.008 -0.169  1.00 14.41 ? 23  ARG A CA  1 
ATOM   247  C  C   . ARG A 1 49  ? 2.235   -10.617 1.313   1.00 15.66 ? 23  ARG A C   1 
ATOM   248  O  O   . ARG A 1 49  ? 1.258   -10.258 1.944   1.00 15.52 ? 23  ARG A O   1 
ATOM   249  C  CB  . ARG A 1 49  ? 0.615   -11.508 -0.487  1.00 16.58 ? 23  ARG A CB  1 
ATOM   250  C  CG  . ARG A 1 49  ? 0.480   -12.056 -1.906  1.00 16.15 ? 23  ARG A CG  1 
ATOM   251  C  CD  . ARG A 1 49  ? -0.931  -12.516 -2.293  1.00 18.86 ? 23  ARG A CD  1 
ATOM   252  N  NE  . ARG A 1 49  ? -0.982  -12.906 -3.732  1.00 18.11 ? 23  ARG A NE  1 
ATOM   253  C  CZ  . ARG A 1 49  ? -2.038  -12.747 -4.531  1.00 18.29 ? 23  ARG A CZ  1 
ATOM   254  N  NH1 . ARG A 1 49  ? -3.198  -12.251 -4.065  1.00 16.50 ? 23  ARG A NH1 1 
ATOM   255  N  NH2 . ARG A 1 49  ? -1.953  -13.083 -5.813  1.00 19.62 ? 23  ARG A NH2 1 
ATOM   256  N  N   . LYS A 1 50  ? 3.476   -10.616 1.798   1.00 14.92 ? 24  LYS A N   1 
ATOM   257  C  CA  . LYS A 1 50  ? 3.806   -10.157 3.130   1.00 16.39 ? 24  LYS A CA  1 
ATOM   258  C  C   . LYS A 1 50  ? 4.262   -8.695  3.218   1.00 14.59 ? 24  LYS A C   1 
ATOM   259  O  O   . LYS A 1 50  ? 4.210   -8.121  4.310   1.00 14.56 ? 24  LYS A O   1 
ATOM   260  C  CB  . LYS A 1 50  ? 4.864   -11.089 3.778   1.00 17.94 ? 24  LYS A CB  1 
ATOM   261  C  CG  . LYS A 1 50  ? 4.244   -12.468 4.013   1.00 22.13 ? 24  LYS A CG  1 
ATOM   262  C  CD  . LYS A 1 50  ? 5.081   -13.356 4.919   1.00 31.15 ? 24  LYS A CD  1 
ATOM   263  C  CE  . LYS A 1 50  ? 4.459   -14.755 5.117   1.00 35.13 ? 24  LYS A CE  1 
ATOM   264  N  NZ  . LYS A 1 50  ? 2.955   -14.843 4.990   1.00 41.50 ? 24  LYS A NZ  1 
ATOM   265  N  N   . PHE A 1 51  ? 4.674   -8.099  2.114   1.00 12.70 ? 25  PHE A N   1 
ATOM   266  C  CA  . PHE A 1 51  ? 5.228   -6.716  2.142   1.00 13.34 ? 25  PHE A CA  1 
ATOM   267  C  C   . PHE A 1 51  ? 4.634   -5.875  1.027   1.00 11.43 ? 25  PHE A C   1 
ATOM   268  O  O   . PHE A 1 51  ? 4.531   -6.350  -0.100  1.00 11.81 ? 25  PHE A O   1 
ATOM   269  C  CB  . PHE A 1 51  ? 6.728   -6.739  1.987   1.00 14.84 ? 25  PHE A CB  1 
ATOM   270  C  CG  . PHE A 1 51  ? 7.424   -7.330  3.128   1.00 17.71 ? 25  PHE A CG  1 
ATOM   271  C  CD1 . PHE A 1 51  ? 7.632   -8.697  3.182   1.00 21.44 ? 25  PHE A CD1 1 
ATOM   272  C  CD2 . PHE A 1 51  ? 7.898   -6.540  4.163   1.00 21.27 ? 25  PHE A CD2 1 
ATOM   273  C  CE1 . PHE A 1 51  ? 8.295   -9.268  4.249   1.00 26.82 ? 25  PHE A CE1 1 
ATOM   274  C  CE2 . PHE A 1 51  ? 8.549   -7.118  5.243   1.00 22.90 ? 25  PHE A CE2 1 
ATOM   275  C  CZ  . PHE A 1 51  ? 8.749   -8.481  5.271   1.00 23.23 ? 25  PHE A CZ  1 
ATOM   276  N  N   . LEU A 1 52  ? 4.205   -4.676  1.369   1.00 11.06 ? 26  LEU A N   1 
ATOM   277  C  CA  . LEU A 1 52  ? 3.815   -3.583  0.488   1.00 12.06 ? 26  LEU A CA  1 
ATOM   278  C  C   . LEU A 1 52  ? 5.079   -2.822  0.114   1.00 12.90 ? 26  LEU A C   1 
ATOM   279  O  O   . LEU A 1 52  ? 5.792   -2.340  1.001   1.00 12.18 ? 26  LEU A O   1 
ATOM   280  C  CB  . LEU A 1 52  ? 2.855   -2.618  1.187   1.00 12.06 ? 26  LEU A CB  1 
ATOM   281  C  CG  . LEU A 1 52  ? 2.301   -1.484  0.348   1.00 13.49 ? 26  LEU A CG  1 
ATOM   282  C  CD1 . LEU A 1 52  ? 1.373   -1.849  -0.799  1.00 12.79 ? 26  LEU A CD1 1 
ATOM   283  C  CD2 . LEU A 1 52  ? 1.632   -0.364  1.207   1.00 13.92 ? 26  LEU A CD2 1 
ATOM   284  N  N   . ILE A 1 53  ? 5.438   -2.838  -1.166  1.00 11.61 ? 27  ILE A N   1 
ATOM   285  C  CA  . ILE A 1 53  ? 6.716   -2.249  -1.563  1.00 11.63 ? 27  ILE A CA  1 
ATOM   286  C  C   . ILE A 1 53  ? 6.534   -1.153  -2.640  1.00 11.11 ? 27  ILE A C   1 
ATOM   287  O  O   . ILE A 1 53  ? 5.716   -1.278  -3.549  1.00 10.85 ? 27  ILE A O   1 
ATOM   288  C  CB  . ILE A 1 53  ? 7.677   -3.362  -2.096  1.00 11.40 ? 27  ILE A CB  1 
ATOM   289  C  CG1 . ILE A 1 53  ? 6.984   -4.298  -3.114  1.00 11.42 ? 27  ILE A CG1 1 
ATOM   290  C  CG2 . ILE A 1 53  ? 8.348   -4.130  -0.936  1.00 12.45 ? 27  ILE A CG2 1 
ATOM   291  C  CD1 . ILE A 1 53  ? 7.965   -5.099  -4.033  1.00 11.88 ? 27  ILE A CD1 1 
ATOM   292  N  N   . TRP A 1 54  ? 7.225   -0.020  -2.494  1.00 10.75 ? 28  TRP A N   1 
ATOM   293  C  CA  . TRP A 1 54  ? 7.251   1.040   -3.475  1.00 10.61 ? 28  TRP A CA  1 
ATOM   294  C  C   . TRP A 1 54  ? 8.692   1.224   -3.970  1.00 10.40 ? 28  TRP A C   1 
ATOM   295  O  O   . TRP A 1 54  ? 9.600   1.274   -3.184  1.00 11.09 ? 28  TRP A O   1 
ATOM   296  C  CB  . TRP A 1 54  ? 6.730   2.383   -2.916  1.00 10.81 ? 28  TRP A CB  1 
ATOM   297  C  CG  . TRP A 1 54  ? 6.559   3.417   -3.870  1.00 10.66 ? 28  TRP A CG  1 
ATOM   298  C  CD1 . TRP A 1 54  ? 5.431   3.689   -4.660  1.00 10.43 ? 28  TRP A CD1 1 
ATOM   299  C  CD2 . TRP A 1 54  ? 7.540   4.381   -4.262  1.00 10.08 ? 28  TRP A CD2 1 
ATOM   300  N  NE1 . TRP A 1 54  ? 5.698   4.703   -5.486  1.00 12.28 ? 28  TRP A NE1 1 
ATOM   301  C  CE2 . TRP A 1 54  ? 6.971   5.174   -5.264  1.00 9.83  ? 28  TRP A CE2 1 
ATOM   302  C  CE3 . TRP A 1 54  ? 8.797   4.688   -3.789  1.00 10.09 ? 28  TRP A CE3 1 
ATOM   303  C  CZ2 . TRP A 1 54  ? 7.627   6.282   -5.832  1.00 9.74  ? 28  TRP A CZ2 1 
ATOM   304  C  CZ3 . TRP A 1 54  ? 9.502   5.767   -4.412  1.00 9.88  ? 28  TRP A CZ3 1 
ATOM   305  C  CH2 . TRP A 1 54  ? 8.907   6.531   -5.401  1.00 10.16 ? 28  TRP A CH2 1 
ATOM   306  N  N   . THR A 1 55  ? 8.858   1.252   -5.282  1.00 11.09 ? 29  THR A N   1 
ATOM   307  C  CA  . THR A 1 55  ? 10.147  1.372   -5.964  1.00 10.86 ? 29  THR A CA  1 
ATOM   308  C  C   . THR A 1 55  ? 10.064  2.522   -6.925  1.00 11.57 ? 29  THR A C   1 
ATOM   309  O  O   . THR A 1 55  ? 9.151   2.623   -7.722  1.00 10.77 ? 29  THR A O   1 
ATOM   310  C  CB  . THR A 1 55  ? 10.476  0.095   -6.746  1.00 11.23 ? 29  THR A CB  1 
ATOM   311  O  OG1 . THR A 1 55  ? 10.329  -1.052  -5.894  1.00 11.60 ? 29  THR A OG1 1 
ATOM   312  C  CG2 . THR A 1 55  ? 11.856  0.145   -7.376  1.00 11.71 ? 29  THR A CG2 1 
ATOM   313  N  N   . PRO A 1 56  ? 11.001  3.476   -6.838  1.00 12.07 ? 30  PRO A N   1 
ATOM   314  C  CA  . PRO A 1 56  ? 10.979  4.534   -7.791  1.00 11.28 ? 30  PRO A CA  1 
ATOM   315  C  C   . PRO A 1 56  ? 11.339  4.132   -9.251  1.00 12.51 ? 30  PRO A C   1 
ATOM   316  O  O   . PRO A 1 56  ? 12.076  3.161   -9.493  1.00 13.89 ? 30  PRO A O   1 
ATOM   317  C  CB  . PRO A 1 56  ? 11.940  5.565   -7.230  1.00 12.85 ? 30  PRO A CB  1 
ATOM   318  C  CG  . PRO A 1 56  ? 12.877  4.762   -6.469  1.00 12.98 ? 30  PRO A CG  1 
ATOM   319  C  CD  . PRO A 1 56  ? 12.139  3.539   -5.941  1.00 12.19 ? 30  PRO A CD  1 
ATOM   320  N  N   . LEU A 1 57  ? 10.779  4.872   -10.193 1.00 12.73 ? 31  LEU A N   1 
ATOM   321  C  CA  . LEU A 1 57  ? 11.045  4.612   -11.638 1.00 14.48 ? 31  LEU A CA  1 
ATOM   322  C  C   . LEU A 1 57  ? 12.528  4.900   -11.831 1.00 16.46 ? 31  LEU A C   1 
ATOM   323  O  O   . LEU A 1 57  ? 13.048  5.856   -11.223 1.00 14.40 ? 31  LEU A O   1 
ATOM   324  C  CB  . LEU A 1 57  ? 10.264  5.513   -12.533 1.00 17.95 ? 31  LEU A CB  1 
ATOM   325  C  CG  . LEU A 1 57  ? 8.763   5.256   -12.540 1.00 19.40 ? 31  LEU A CG  1 
ATOM   326  C  CD1 . LEU A 1 57  ? 8.220   6.108   -13.656 1.00 21.96 ? 31  LEU A CD1 1 
ATOM   327  C  CD2 . LEU A 1 57  ? 8.503   3.781   -12.746 1.00 22.23 ? 31  LEU A CD2 1 
ATOM   328  N  N   . PRO A 1 58  ? 13.233  4.124   -12.642 1.00 19.93 ? 32  PRO A N   1 
ATOM   329  C  CA  . PRO A 1 58  ? 12.830  3.068   -13.576 1.00 20.84 ? 32  PRO A CA  1 
ATOM   330  C  C   . PRO A 1 58  ? 12.232  1.609   -13.091 1.00 21.33 ? 32  PRO A C   1 
ATOM   331  O  O   . PRO A 1 58  ? 11.674  0.747   -13.894 1.00 27.31 ? 32  PRO A O   1 
ATOM   332  C  CB  . PRO A 1 58  ? 14.139  2.953   -14.444 1.00 21.34 ? 32  PRO A CB  1 
ATOM   333  C  CG  . PRO A 1 58  ? 15.203  3.681   -13.744 1.00 22.21 ? 32  PRO A CG  1 
ATOM   334  C  CD  . PRO A 1 58  ? 14.514  4.785   -13.034 1.00 22.17 ? 32  PRO A CD  1 
ATOM   335  N  N   . ALA A 1 59  ? 12.254  1.446   -11.787 1.00 18.48 ? 33  ALA A N   1 
ATOM   336  C  CA  . ALA A 1 59  ? 11.859  0.329   -11.016 1.00 17.83 ? 33  ALA A CA  1 
ATOM   337  C  C   . ALA A 1 59  ? 12.754  -0.894  -11.140 1.00 20.71 ? 33  ALA A C   1 
ATOM   338  O  O   . ALA A 1 59  ? 12.313  -1.963  -10.798 1.00 19.36 ? 33  ALA A O   1 
ATOM   339  C  CB  . ALA A 1 59  ? 10.375  -0.031  -11.253 1.00 19.30 ? 33  ALA A CB  1 
ATOM   340  N  N   . THR A 1 60  ? 14.032  -0.698  -11.481 1.00 19.04 ? 34  THR A N   1 
ATOM   341  C  CA  . THR A 1 60  ? 14.997  -1.831  -11.518 1.00 19.99 ? 34  THR A CA  1 
ATOM   342  C  C   . THR A 1 60  ? 15.899  -1.864  -10.303 1.00 18.78 ? 34  THR A C   1 
ATOM   343  O  O   . THR A 1 60  ? 16.630  -2.823  -10.104 1.00 22.57 ? 34  THR A O   1 
ATOM   344  C  CB  . THR A 1 60  ? 15.860  -1.719  -12.776 1.00 23.94 ? 34  THR A CB  1 
ATOM   345  O  OG1 . THR A 1 60  ? 16.423  -0.428  -12.798 1.00 23.38 ? 34  THR A OG1 1 
ATOM   346  C  CG2 . THR A 1 60  ? 15.029  -1.933  -13.992 1.00 24.14 ? 34  THR A CG2 1 
ATOM   347  N  N   . GLY A 1 61  ? 15.828  -0.844  -9.441  1.00 15.61 ? 35  GLY A N   1 
ATOM   348  C  CA  . GLY A 1 61  ? 16.475  -0.864  -8.194  1.00 14.01 ? 35  GLY A CA  1 
ATOM   349  C  C   . GLY A 1 61  ? 15.628  -1.465  -7.097  1.00 15.67 ? 35  GLY A C   1 
ATOM   350  O  O   . GLY A 1 61  ? 14.505  -1.915  -7.358  1.00 15.96 ? 35  GLY A O   1 
ATOM   351  N  N   . PRO A 1 62  ? 16.124  -1.461  -5.872  1.00 14.07 ? 36  PRO A N   1 
ATOM   352  C  CA  . PRO A 1 62  ? 15.354  -2.008  -4.777  1.00 13.44 ? 36  PRO A CA  1 
ATOM   353  C  C   . PRO A 1 62  ? 14.292  -1.043  -4.301  1.00 13.51 ? 36  PRO A C   1 
ATOM   354  O  O   . PRO A 1 62  ? 14.355  0.130   -4.607  1.00 11.71 ? 36  PRO A O   1 
ATOM   355  C  CB  . PRO A 1 62  ? 16.403  -2.285  -3.686  1.00 15.71 ? 36  PRO A CB  1 
ATOM   356  C  CG  . PRO A 1 62  ? 17.405  -1.239  -3.959  1.00 15.07 ? 36  PRO A CG  1 
ATOM   357  C  CD  . PRO A 1 62  ? 17.462  -1.015  -5.433  1.00 14.90 ? 36  PRO A CD  1 
ATOM   358  N  N   . PRO A 1 63  ? 13.275  -1.567  -3.581  1.00 13.32 ? 37  PRO A N   1 
ATOM   359  C  CA  . PRO A 1 63  ? 12.255  -0.727  -3.034  1.00 13.27 ? 37  PRO A CA  1 
ATOM   360  C  C   . PRO A 1 63  ? 12.818  0.310   -2.106  1.00 13.64 ? 37  PRO A C   1 
ATOM   361  O  O   . PRO A 1 63  ? 13.826  0.033   -1.442  1.00 13.45 ? 37  PRO A O   1 
ATOM   362  C  CB  . PRO A 1 63  ? 11.411  -1.688  -2.220  1.00 13.34 ? 37  PRO A CB  1 
ATOM   363  C  CG  . PRO A 1 63  ? 11.569  -3.001  -2.835  1.00 14.20 ? 37  PRO A CG  1 
ATOM   364  C  CD  . PRO A 1 63  ? 13.017  -2.984  -3.303  1.00 13.56 ? 37  PRO A CD  1 
ATOM   365  N  N   . THR A 1 64  ? 12.216  1.472   -2.094  1.00 12.92 ? 38  THR A N   1 
ATOM   366  C  CA  . THR A 1 64  ? 12.583  2.497   -1.080  1.00 15.29 ? 38  THR A CA  1 
ATOM   367  C  C   . THR A 1 64  ? 11.632  2.475   0.110   1.00 15.02 ? 38  THR A C   1 
ATOM   368  O  O   . THR A 1 64  ? 11.886  3.069   1.205   1.00 14.24 ? 38  THR A O   1 
ATOM   369  C  CB  . THR A 1 64  ? 12.733  3.863   -1.720  1.00 18.23 ? 38  THR A CB  1 
ATOM   370  O  OG1 . THR A 1 64  ? 11.494  4.290   -2.244  1.00 19.62 ? 38  THR A OG1 1 
ATOM   371  C  CG2 . THR A 1 64  ? 13.872  3.879   -2.761  1.00 18.76 ? 38  THR A CG2 1 
ATOM   372  N  N   . VAL A 1 65  ? 10.493  1.808   -0.061  1.00 12.84 ? 39  VAL A N   1 
ATOM   373  C  CA  . VAL A 1 65  ? 9.564   1.614   1.025   1.00 13.67 ? 39  VAL A CA  1 
ATOM   374  C  C   . VAL A 1 65  ? 9.243   0.127   1.043   1.00 14.18 ? 39  VAL A C   1 
ATOM   375  O  O   . VAL A 1 65  ? 8.883   -0.469  -0.036  1.00 12.57 ? 39  VAL A O   1 
ATOM   376  C  CB  . VAL A 1 65  ? 8.244   2.427   0.879   1.00 14.34 ? 39  VAL A CB  1 
ATOM   377  C  CG1 . VAL A 1 65  ? 7.320   2.119   2.056   1.00 16.19 ? 39  VAL A CG1 1 
ATOM   378  C  CG2 . VAL A 1 65  ? 8.403   3.936   0.832   1.00 14.62 ? 39  VAL A CG2 1 
ATOM   379  N  N   . SER A 1 66  ? 9.326   -0.480  2.237   1.00 15.34 ? 40  SER A N   1 
ATOM   380  C  CA  . SER A 1 66  ? 8.982   -1.882  2.424   1.00 17.41 ? 40  SER A CA  1 
ATOM   381  C  C   . SER A 1 66  ? 8.252   -1.956  3.774   1.00 21.07 ? 40  SER A C   1 
ATOM   382  O  O   . SER A 1 66  ? 8.855   -1.798  4.852   1.00 22.88 ? 40  SER A O   1 
ATOM   383  C  CB  . SER A 1 66  ? 10.207  -2.800  2.296   1.00 21.04 ? 40  SER A CB  1 
ATOM   384  O  OG  . SER A 1 66  ? 9.866   -4.192  2.431   1.00 26.72 ? 40  SER A OG  1 
ATOM   385  N  N   . LEU A 1 67  ? 6.940   -2.130  3.694   1.00 16.01 ? 41  LEU A N   1 
ATOM   386  C  CA  . LEU A 1 67  ? 6.062   -2.152  4.875   1.00 18.14 ? 41  LEU A CA  1 
ATOM   387  C  C   . LEU A 1 67  ? 5.484   -3.525  5.038   1.00 16.48 ? 41  LEU A C   1 
ATOM   388  O  O   . LEU A 1 67  ? 4.754   -4.025  4.140   1.00 13.22 ? 41  LEU A O   1 
ATOM   389  C  CB  . LEU A 1 67  ? 4.903   -1.188  4.740   1.00 20.56 ? 41  LEU A CB  1 
ATOM   390  C  CG  . LEU A 1 67  ? 4.774   0.208   5.292   1.00 30.79 ? 41  LEU A CG  1 
ATOM   391  C  CD1 . LEU A 1 67  ? 6.006   0.986   4.869   1.00 29.39 ? 41  LEU A CD1 1 
ATOM   392  C  CD2 . LEU A 1 67  ? 3.430   0.893   4.946   1.00 29.02 ? 41  LEU A CD2 1 
ATOM   393  N  N   . ALA A 1 68  ? 5.833   -4.163  6.156   1.00 15.91 ? 42  ALA A N   1 
ATOM   394  C  CA  . ALA A 1 68  ? 5.293   -5.489  6.471   1.00 16.77 ? 42  ALA A CA  1 
ATOM   395  C  C   . ALA A 1 68  ? 3.799   -5.329  6.697   1.00 17.44 ? 42  ALA A C   1 
ATOM   396  O  O   . ALA A 1 68  ? 3.381   -4.415  7.368   1.00 16.84 ? 42  ALA A O   1 
ATOM   397  C  CB  . ALA A 1 68  ? 5.967   -6.127  7.681   1.00 17.13 ? 42  ALA A CB  1 
ATOM   398  N  N   . LEU A 1 69  ? 2.991   -6.138  6.035   1.00 17.11 ? 43  LEU A N   1 
ATOM   399  C  CA  . LEU A 1 69  ? 1.555   -6.108  6.280   1.00 16.90 ? 43  LEU A CA  1 
ATOM   400  C  C   . LEU A 1 69  ? 1.250   -6.336  7.803   1.00 17.39 ? 43  LEU A C   1 
ATOM   401  O  O   . LEU A 1 69  ? 0.334   -5.722  8.346   1.00 17.92 ? 43  LEU A O   1 
ATOM   402  C  CB  . LEU A 1 69  ? 0.856   -7.199  5.456   1.00 17.28 ? 43  LEU A CB  1 
ATOM   403  C  CG  . LEU A 1 69  ? 0.291   -6.589  4.173   1.00 17.44 ? 43  LEU A CG  1 
ATOM   404  C  CD1 . LEU A 1 69  ? 1.421   -6.099  3.279   1.00 17.00 ? 43  LEU A CD1 1 
ATOM   405  C  CD2 . LEU A 1 69  ? -0.615  -7.553  3.387   1.00 19.58 ? 43  LEU A CD2 1 
ATOM   406  N  N   . ASP A 1 70  ? 2.070   -7.142  8.476   1.00 19.48 ? 44  ASP A N   1 
ATOM   407  C  CA  A ASP A 1 70  ? 1.987   -7.365  9.938   0.50 20.12 ? 44  ASP A CA  1 
ATOM   408  C  CA  B ASP A 1 70  ? 1.850   -7.337  9.922   0.50 19.68 ? 44  ASP A CA  1 
ATOM   409  C  C   . ASP A 1 70  ? 2.109   -6.095  10.776  1.00 20.67 ? 44  ASP A C   1 
ATOM   410  O  O   . ASP A 1 70  ? 1.654   -6.063  11.932  1.00 22.24 ? 44  ASP A O   1 
ATOM   411  C  CB  A ASP A 1 70  ? 3.042   -8.398  10.384  0.50 23.34 ? 44  ASP A CB  1 
ATOM   412  C  CB  B ASP A 1 70  ? 2.524   -8.591  10.472  0.50 22.53 ? 44  ASP A CB  1 
ATOM   413  C  CG  A ASP A 1 70  ? 2.561   -9.825  10.162  0.50 24.80 ? 44  ASP A CG  1 
ATOM   414  C  CG  B ASP A 1 70  ? 4.023   -8.475  10.628  0.50 20.68 ? 44  ASP A CG  1 
ATOM   415  O  OD1 A ASP A 1 70  ? 1.383   -9.972  9.782   0.50 29.09 ? 44  ASP A OD1 1 
ATOM   416  O  OD1 B ASP A 1 70  ? 4.614   -7.381  10.600  0.50 23.66 ? 44  ASP A OD1 1 
ATOM   417  O  OD2 A ASP A 1 70  ? 3.319   -10.780 10.402  0.50 28.85 ? 44  ASP A OD2 1 
ATOM   418  O  OD2 B ASP A 1 70  ? 4.631   -9.536  10.785  0.50 27.29 ? 44  ASP A OD2 1 
ATOM   419  N  N   . ASN A 1 71  ? 2.761   -5.056  10.220  1.00 18.77 ? 45  ASN A N   1 
ATOM   420  C  CA  . ASN A 1 71  ? 2.916   -3.772  10.892  1.00 17.82 ? 45  ASN A CA  1 
ATOM   421  C  C   . ASN A 1 71  ? 1.964   -2.672  10.487  1.00 16.56 ? 45  ASN A C   1 
ATOM   422  O  O   . ASN A 1 71  ? 2.114   -1.547  10.940  1.00 17.37 ? 45  ASN A O   1 
ATOM   423  C  CB  . ASN A 1 71  ? 4.368   -3.250  10.709  1.00 19.59 ? 45  ASN A CB  1 
ATOM   424  C  CG  . ASN A 1 71  ? 5.412   -4.146  11.363  1.00 23.66 ? 45  ASN A CG  1 
ATOM   425  O  OD1 . ASN A 1 71  ? 6.588   -4.249  10.874  1.00 26.87 ? 45  ASN A OD1 1 
ATOM   426  N  ND2 . ASN A 1 71  ? 5.025   -4.825  12.425  1.00 24.93 ? 45  ASN A ND2 1 
ATOM   427  N  N   . ILE A 1 72  ? 1.100   -2.925  9.506   1.00 13.83 ? 46  ILE A N   1 
ATOM   428  C  CA  . ILE A 1 72  ? 0.139   -1.949  9.075   1.00 16.45 ? 46  ILE A CA  1 
ATOM   429  C  C   . ILE A 1 72  ? -1.089  -1.860  9.970   1.00 17.27 ? 46  ILE A C   1 
ATOM   430  O  O   . ILE A 1 72  ? -1.790  -2.890  10.204  1.00 18.13 ? 46  ILE A O   1 
ATOM   431  C  CB  . ILE A 1 72  ? -0.310  -2.199  7.624   1.00 16.00 ? 46  ILE A CB  1 
ATOM   432  C  CG1 . ILE A 1 72  ? 0.844   -2.027  6.666   1.00 19.69 ? 46  ILE A CG1 1 
ATOM   433  C  CG2 . ILE A 1 72  ? -1.524  -1.340  7.298   1.00 15.79 ? 46  ILE A CG2 1 
ATOM   434  C  CD1 . ILE A 1 72  ? 0.517   -2.424  5.259   1.00 19.55 ? 46  ILE A CD1 1 
ATOM   435  N  N   . THR A 1 73  ? -1.370  -0.686  10.492  1.00 16.70 ? 47  THR A N   1 
ATOM   436  C  CA  . THR A 1 73  ? -2.482  -0.524  11.437  1.00 18.15 ? 47  THR A CA  1 
ATOM   437  C  C   . THR A 1 73  ? -3.734  0.180   10.923  1.00 17.33 ? 47  THR A C   1 
ATOM   438  O  O   . THR A 1 73  ? -4.845  0.151   11.565  1.00 17.25 ? 47  THR A O   1 
ATOM   439  C  CB  . THR A 1 73  ? -2.000  0.152   12.701  1.00 18.12 ? 47  THR A CB  1 
ATOM   440  O  OG1 . THR A 1 73  ? -1.657  1.506   12.420  1.00 19.74 ? 47  THR A OG1 1 
ATOM   441  C  CG2 . THR A 1 73  ? -0.808  -0.554  13.202  1.00 21.12 ? 47  THR A CG2 1 
ATOM   442  N  N   . ASN A 1 74  ? -3.632  0.837   9.770   1.00 14.88 ? 48  ASN A N   1 
ATOM   443  C  CA  . ASN A 1 74  ? -4.773  1.503   9.208   1.00 14.20 ? 48  ASN A CA  1 
ATOM   444  C  C   . ASN A 1 74  ? -4.499  1.711   7.722   1.00 14.63 ? 48  ASN A C   1 
ATOM   445  O  O   . ASN A 1 74  ? -3.333  1.789   7.277   1.00 12.98 ? 48  ASN A O   1 
ATOM   446  C  CB  . ASN A 1 74  ? -5.062  2.863   9.897   1.00 15.99 ? 48  ASN A CB  1 
ATOM   447  C  CG  . ASN A 1 74  ? -6.493  3.348   9.678   1.00 16.63 ? 48  ASN A CG  1 
ATOM   448  O  OD1 . ASN A 1 74  ? -7.336  2.631   9.178   1.00 19.68 ? 48  ASN A OD1 1 
ATOM   449  N  ND2 . ASN A 1 74  ? -6.736  4.590   10.004  1.00 19.09 ? 48  ASN A ND2 1 
ATOM   450  N  N   . LEU A 1 75  ? -5.582  1.912   7.019   1.00 14.53 ? 49  LEU A N   1 
ATOM   451  C  CA  . LEU A 1 75  ? -5.595  2.159   5.553   1.00 16.04 ? 49  LEU A CA  1 
ATOM   452  C  C   . LEU A 1 75  ? -6.693  3.203   5.356   1.00 17.08 ? 49  LEU A C   1 
ATOM   453  O  O   . LEU A 1 75  ? -7.831  3.045   5.871   1.00 16.25 ? 49  LEU A O   1 
ATOM   454  C  CB  . LEU A 1 75  ? -5.886  0.822   4.855   1.00 17.52 ? 49  LEU A CB  1 
ATOM   455  C  CG  . LEU A 1 75  ? -6.291  0.723   3.399   1.00 20.15 ? 49  LEU A CG  1 
ATOM   456  C  CD1 . LEU A 1 75  ? -5.402  1.644   2.612   1.00 20.80 ? 49  LEU A CD1 1 
ATOM   457  C  CD2 . LEU A 1 75  ? -6.205  -0.676  2.835   1.00 21.08 ? 49  LEU A CD2 1 
ATOM   458  N  N   . GLN A 1 76  ? -6.335  4.334   4.756   1.00 14.57 ? 50  GLN A N   1 
ATOM   459  C  CA  . GLN A 1 76  ? -7.278  5.411   4.536   1.00 14.32 ? 50  GLN A CA  1 
ATOM   460  C  C   . GLN A 1 76  ? -7.150  5.834   3.064   1.00 16.43 ? 50  GLN A C   1 
ATOM   461  O  O   . GLN A 1 76  ? -6.114  5.528   2.439   1.00 13.88 ? 50  GLN A O   1 
ATOM   462  C  CB  . GLN A 1 76  ? -7.010  6.586   5.403   1.00 15.24 ? 50  GLN A CB  1 
ATOM   463  C  CG  . GLN A 1 76  ? -6.964  6.308   6.897   1.00 16.37 ? 50  GLN A CG  1 
ATOM   464  C  CD  . GLN A 1 76  ? -6.384  7.453   7.661   1.00 18.62 ? 50  GLN A CD  1 
ATOM   465  O  OE1 . GLN A 1 76  ? -5.199  7.476   7.967   1.00 22.08 ? 50  GLN A OE1 1 
ATOM   466  N  NE2 . GLN A 1 76  ? -7.211  8.420   7.987   1.00 25.69 ? 50  GLN A NE2 1 
ATOM   467  N  N   . GLN A 1 77  ? -8.139  6.538   2.554   1.00 16.09 ? 51  GLN A N   1 
ATOM   468  C  CA  . GLN A 1 77  ? -8.133  7.021   1.135   1.00 15.36 ? 51  GLN A CA  1 
ATOM   469  C  C   . GLN A 1 77  ? -8.729  8.413   0.994   1.00 17.37 ? 51  GLN A C   1 
ATOM   470  O  O   . GLN A 1 77  ? -9.542  8.818   1.801   1.00 17.33 ? 51  GLN A O   1 
ATOM   471  C  CB  . GLN A 1 77  ? -8.877  6.037   0.251   1.00 15.56 ? 51  GLN A CB  1 
ATOM   472  C  CG  . GLN A 1 77  ? -10.393 6.100   0.469   1.00 17.72 ? 51  GLN A CG  1 
ATOM   473  C  CD  . GLN A 1 77  ? -11.175 5.099   -0.293  1.00 22.06 ? 51  GLN A CD  1 
ATOM   474  O  OE1 . GLN A 1 77  ? -10.667 4.109   -0.819  1.00 20.70 ? 51  GLN A OE1 1 
ATOM   475  N  NE2 . GLN A 1 77  ? -12.501 5.396   -0.418  1.00 26.44 ? 51  GLN A NE2 1 
ATOM   476  N  N   . THR A 1 78  ? -8.330  9.177   -0.033  1.00 13.95 ? 52  THR A N   1 
ATOM   477  C  CA  . THR A 1 78  ? -9.019  10.405  -0.326  1.00 15.41 ? 52  THR A CA  1 
ATOM   478  C  C   . THR A 1 78  ? -10.371 9.956   -0.870  1.00 14.34 ? 52  THR A C   1 
ATOM   479  O  O   . THR A 1 78  ? -10.502 8.939   -1.548  1.00 14.42 ? 52  THR A O   1 
ATOM   480  C  CB  . THR A 1 78  ? -8.279  11.287  -1.347  1.00 13.65 ? 52  THR A CB  1 
ATOM   481  O  OG1 . THR A 1 78  ? -8.008  10.476  -2.488  1.00 12.57 ? 52  THR A OG1 1 
ATOM   482  C  CG2 . THR A 1 78  ? -7.052  11.815  -0.719  1.00 15.02 ? 52  THR A CG2 1 
ATOM   483  N  N   . PRO A 1 79  ? -11.428 10.633  -0.463  1.00 16.26 ? 53  PRO A N   1 
ATOM   484  C  CA  . PRO A 1 79  ? -12.710 10.300  -1.062  1.00 17.72 ? 53  PRO A CA  1 
ATOM   485  C  C   . PRO A 1 79  ? -12.833 10.525  -2.587  1.00 14.89 ? 53  PRO A C   1 
ATOM   486  O  O   . PRO A 1 79  ? -12.140 11.406  -3.151  1.00 15.49 ? 53  PRO A O   1 
ATOM   487  C  CB  . PRO A 1 79  ? -13.688 11.112  -0.244  1.00 18.58 ? 53  PRO A CB  1 
ATOM   488  C  CG  . PRO A 1 79  ? -12.876 12.208  0.358   1.00 21.36 ? 53  PRO A CG  1 
ATOM   489  C  CD  . PRO A 1 79  ? -11.479 11.746  0.472   1.00 19.58 ? 53  PRO A CD  1 
ATOM   490  N  N   . PRO A 1 80  ? -13.642 9.707   -3.301  1.00 16.52 ? 54  PRO A N   1 
ATOM   491  C  CA  . PRO A 1 80  ? -13.877 9.949   -4.724  1.00 17.66 ? 54  PRO A CA  1 
ATOM   492  C  C   . PRO A 1 80  ? -14.243 11.436  -5.009  1.00 19.56 ? 54  PRO A C   1 
ATOM   493  O  O   . PRO A 1 80  ? -14.968 12.060  -4.218  1.00 19.01 ? 54  PRO A O   1 
ATOM   494  C  CB  . PRO A 1 80  ? -15.052 9.030   -5.028  1.00 20.97 ? 54  PRO A CB  1 
ATOM   495  C  CG  . PRO A 1 80  ? -14.745 7.846   -4.151  1.00 20.40 ? 54  PRO A CG  1 
ATOM   496  C  CD  . PRO A 1 80  ? -14.387 8.498   -2.874  1.00 18.62 ? 54  PRO A CD  1 
ATOM   497  N  N   . GLY A 1 81  ? -13.669 11.976  -6.088  1.00 17.93 ? 55  GLY A N   1 
ATOM   498  C  CA  . GLY A 1 81  ? -13.863 13.368  -6.454  1.00 19.09 ? 55  GLY A CA  1 
ATOM   499  C  C   . GLY A 1 81  ? -12.911 14.387  -5.863  1.00 17.91 ? 55  GLY A C   1 
ATOM   500  O  O   . GLY A 1 81  ? -13.002 15.558  -6.190  1.00 15.72 ? 55  GLY A O   1 
ATOM   501  N  N   . SER A 1 82  ? -11.960 13.902  -5.043  1.00 14.18 ? 56  SER A N   1 
ATOM   502  C  CA  . SER A 1 82  ? -10.885 14.657  -4.481  1.00 13.66 ? 56  SER A CA  1 
ATOM   503  C  C   . SER A 1 82  ? -9.945  15.044  -5.635  1.00 13.62 ? 56  SER A C   1 
ATOM   504  O  O   . SER A 1 82  ? -9.904  14.384  -6.731  1.00 13.94 ? 56  SER A O   1 
ATOM   505  C  CB  . SER A 1 82  ? -10.105 13.866  -3.420  1.00 16.31 ? 56  SER A CB  1 
ATOM   506  O  OG  . SER A 1 82  ? -10.916 13.539  -2.315  1.00 18.01 ? 56  SER A OG  1 
ATOM   507  N  N   . ALA A 1 83  ? -9.148  16.073  -5.408  1.00 13.71 ? 57  ALA A N   1 
ATOM   508  C  CA  . ALA A 1 83  ? -8.159  16.417  -6.412  1.00 12.16 ? 57  ALA A CA  1 
ATOM   509  C  C   . ALA A 1 83  ? -7.150  15.327  -6.751  1.00 12.66 ? 57  ALA A C   1 
ATOM   510  O  O   . ALA A 1 83  ? -6.795  15.193  -7.956  1.00 16.05 ? 57  ALA A O   1 
ATOM   511  C  CB  . ALA A 1 83  ? -7.431  17.700  -6.086  1.00 13.19 ? 57  ALA A CB  1 
ATOM   512  N  N   . LYS A 1 84  ? -6.709  14.585  -5.745  1.00 12.05 ? 58  LYS A N   1 
ATOM   513  C  CA  . LYS A 1 84  ? -5.785  13.510  -5.875  1.00 13.49 ? 58  LYS A CA  1 
ATOM   514  C  C   . LYS A 1 84  ? -6.383  12.196  -5.374  1.00 11.84 ? 58  LYS A C   1 
ATOM   515  O  O   . LYS A 1 84  ? -7.088  12.201  -4.415  1.00 12.81 ? 58  LYS A O   1 
ATOM   516  C  CB  . LYS A 1 84  ? -4.540  13.788  -5.035  1.00 13.01 ? 58  LYS A CB  1 
ATOM   517  C  CG  . LYS A 1 84  ? -3.818  15.049  -5.505  1.00 15.87 ? 58  LYS A CG  1 
ATOM   518  C  CD  . LYS A 1 84  ? -2.712  15.402  -4.548  1.00 18.10 ? 58  LYS A CD  1 
ATOM   519  C  CE  . LYS A 1 84  ? -1.857  16.530  -5.150  1.00 20.94 ? 58  LYS A CE  1 
ATOM   520  N  NZ  . LYS A 1 84  ? -0.776  16.966  -4.208  1.00 23.82 ? 58  LYS A NZ  1 
ATOM   521  N  N   . VAL A 1 85  ? -6.030  11.101  -6.032  1.00 11.03 ? 59  VAL A N   1 
ATOM   522  C  CA  . VAL A 1 85  ? -6.307  9.770   -5.565  1.00 12.19 ? 59  VAL A CA  1 
ATOM   523  C  C   . VAL A 1 85  ? -5.113  9.370   -4.698  1.00 12.39 ? 59  VAL A C   1 
ATOM   524  O  O   . VAL A 1 85  ? -4.019  9.148   -5.197  1.00 13.66 ? 59  VAL A O   1 
ATOM   525  C  CB  . VAL A 1 85  ? -6.440  8.733   -6.722  1.00 11.78 ? 59  VAL A CB  1 
ATOM   526  C  CG1 . VAL A 1 85  ? -6.807  7.338   -6.236  1.00 12.65 ? 59  VAL A CG1 1 
ATOM   527  C  CG2 . VAL A 1 85  ? -7.434  9.186   -7.740  1.00 14.44 ? 59  VAL A CG2 1 
ATOM   528  N  N   . ILE A 1 86  ? -5.332  9.226   -3.400  1.00 11.82 ? 60  ILE A N   1 
ATOM   529  C  CA  . ILE A 1 86  ? -4.246  8.884   -2.486  1.00 12.61 ? 60  ILE A CA  1 
ATOM   530  C  C   . ILE A 1 86  ? -4.702  7.764   -1.535  1.00 11.94 ? 60  ILE A C   1 
ATOM   531  O  O   . ILE A 1 86  ? -5.832  7.874   -1.053  1.00 12.61 ? 60  ILE A O   1 
ATOM   532  C  CB  . ILE A 1 86  ? -3.767  10.080  -1.657  1.00 12.00 ? 60  ILE A CB  1 
ATOM   533  C  CG1 . ILE A 1 86  ? -3.372  11.244  -2.595  1.00 13.47 ? 60  ILE A CG1 1 
ATOM   534  C  CG2 . ILE A 1 86  ? -2.673  9.618   -0.721  1.00 12.85 ? 60  ILE A CG2 1 
ATOM   535  C  CD1 . ILE A 1 86  ? -3.087  12.563  -1.928  1.00 14.31 ? 60  ILE A CD1 1 
ATOM   536  N  N   . LEU A 1 87  ? -3.861  6.742   -1.323  1.00 11.20 ? 61  LEU A N   1 
ATOM   537  C  CA  . LEU A 1 87  ? -4.009  5.779   -0.208  1.00 12.52 ? 61  LEU A CA  1 
ATOM   538  C  C   . LEU A 1 87  ? -2.982  6.102   0.828   1.00 14.85 ? 61  LEU A C   1 
ATOM   539  O  O   . LEU A 1 87  ? -1.802  6.306   0.482   1.00 11.12 ? 61  LEU A O   1 
ATOM   540  C  CB  . LEU A 1 87  ? -3.825  4.339   -0.627  1.00 13.07 ? 61  LEU A CB  1 
ATOM   541  C  CG  . LEU A 1 87  ? -4.843  3.784   -1.611  1.00 12.37 ? 61  LEU A CG  1 
ATOM   542  C  CD1 . LEU A 1 87  ? -4.577  2.301   -1.850  1.00 13.04 ? 61  LEU A CD1 1 
ATOM   543  C  CD2 . LEU A 1 87  ? -6.273  4.017   -1.106  1.00 12.54 ? 61  LEU A CD2 1 
ATOM   544  N  N   . LYS A 1 88  ? -3.394  6.129   2.093   1.00 12.52 ? 62  LYS A N   1 
ATOM   545  C  CA  . LYS A 1 88  ? -2.483  6.399   3.201   1.00 14.25 ? 62  LYS A CA  1 
ATOM   546  C  C   . LYS A 1 88  ? -2.433  5.211   4.118   1.00 14.78 ? 62  LYS A C   1 
ATOM   547  O  O   . LYS A 1 88  ? -3.472  4.758   4.567   1.00 14.04 ? 62  LYS A O   1 
ATOM   548  C  CB  . LYS A 1 88  ? -2.890  7.648   3.950   1.00 15.67 ? 62  LYS A CB  1 
ATOM   549  C  CG  . LYS A 1 88  ? -1.956  7.884   5.120   1.00 19.08 ? 62  LYS A CG  1 
ATOM   550  C  CD  . LYS A 1 88  ? -2.033  9.295   5.673   1.00 25.85 ? 62  LYS A CD  1 
ATOM   551  C  CE  . LYS A 1 88  ? -3.251  9.457   6.533   1.00 29.62 ? 62  LYS A CE  1 
ATOM   552  N  NZ  . LYS A 1 88  ? -3.263  10.844  7.065   1.00 32.00 ? 62  LYS A NZ  1 
ATOM   553  N  N   . PHE A 1 89  ? -1.257  4.630   4.310   1.00 12.82 ? 63  PHE A N   1 
ATOM   554  C  CA  . PHE A 1 89  ? -1.045  3.456   5.186   1.00 12.76 ? 63  PHE A CA  1 
ATOM   555  C  C   . PHE A 1 89  ? -0.357  3.970   6.456   1.00 13.61 ? 63  PHE A C   1 
ATOM   556  O  O   . PHE A 1 89  ? 0.585   4.803   6.396   1.00 13.46 ? 63  PHE A O   1 
ATOM   557  C  CB  . PHE A 1 89  ? -0.127  2.461   4.519   1.00 13.58 ? 63  PHE A CB  1 
ATOM   558  C  CG  . PHE A 1 89  ? -0.688  1.891   3.281   1.00 14.83 ? 63  PHE A CG  1 
ATOM   559  C  CD1 . PHE A 1 89  ? -0.615  2.571   2.107   1.00 15.76 ? 63  PHE A CD1 1 
ATOM   560  C  CD2 . PHE A 1 89  ? -1.339  0.669   3.326   1.00 16.76 ? 63  PHE A CD2 1 
ATOM   561  C  CE1 . PHE A 1 89  ? -1.198  1.993   0.915   1.00 16.73 ? 63  PHE A CE1 1 
ATOM   562  C  CE2 . PHE A 1 89  ? -1.882  0.080   2.169   1.00 18.78 ? 63  PHE A CE2 1 
ATOM   563  C  CZ  . PHE A 1 89  ? -1.823  0.764   0.984   1.00 16.28 ? 63  PHE A CZ  1 
ATOM   564  N  N   . THR A 1 90  ? -0.900  3.571   7.579   1.00 13.81 ? 64  THR A N   1 
ATOM   565  C  CA  . THR A 1 90  ? -0.319  3.856   8.921   1.00 14.42 ? 64  THR A CA  1 
ATOM   566  C  C   . THR A 1 90  ? 0.343   2.578   9.428   1.00 15.83 ? 64  THR A C   1 
ATOM   567  O  O   . THR A 1 90  ? -0.182  1.429   9.350   1.00 13.78 ? 64  THR A O   1 
ATOM   568  C  CB  . THR A 1 90  ? -1.430  4.371   9.843   1.00 16.06 ? 64  THR A CB  1 
ATOM   569  O  OG1 . THR A 1 90  ? -1.971  5.560   9.319   1.00 18.02 ? 64  THR A OG1 1 
ATOM   570  C  CG2 . THR A 1 90  ? -0.920  4.668   11.252  1.00 17.67 ? 64  THR A CG2 1 
ATOM   571  N  N   . GLU A 1 91  ? 1.488   2.765   10.065  1.00 17.53 ? 65  GLU A N   1 
ATOM   572  C  CA  . GLU A 1 91  ? 2.253   1.693   10.565  1.00 19.91 ? 65  GLU A CA  1 
ATOM   573  C  C   . GLU A 1 91  ? 2.256   1.775   12.121  1.00 19.97 ? 65  GLU A C   1 
ATOM   574  O  O   . GLU A 1 91  ? 1.994   2.860   12.706  1.00 18.79 ? 65  GLU A O   1 
ATOM   575  C  CB  . GLU A 1 91  ? 3.633   1.890   10.031  1.00 25.22 ? 65  GLU A CB  1 
ATOM   576  C  CG  . GLU A 1 91  ? 4.681   0.931   10.440  1.00 27.97 ? 65  GLU A CG  1 
ATOM   577  C  CD  . GLU A 1 91  ? 5.769   0.936   9.394   1.00 34.37 ? 65  GLU A CD  1 
ATOM   578  O  OE1 . GLU A 1 91  ? 6.614   1.859   9.383   1.00 31.30 ? 65  GLU A OE1 1 
ATOM   579  O  OE2 . GLU A 1 91  ? 5.706   0.016   8.555   1.00 46.56 ? 65  GLU A OE2 1 
ATOM   580  N  N   . ARG A 1 92  ? 2.525   0.639   12.743  1.00 21.45 ? 66  ARG A N   1 
ATOM   581  C  CA  . ARG A 1 92  ? 2.720   0.563   14.226  1.00 23.62 ? 66  ARG A CA  1 
ATOM   582  C  C   . ARG A 1 92  ? 3.808   1.516   14.652  1.00 20.16 ? 66  ARG A C   1 
ATOM   583  O  O   . ARG A 1 92  ? 4.771   1.649   13.945  1.00 19.49 ? 66  ARG A O   1 
ATOM   584  C  CB  . ARG A 1 92  ? 3.151   -0.842  14.668  1.00 28.63 ? 66  ARG A CB  1 
ATOM   585  C  CG  . ARG A 1 92  ? 2.191   -1.919  14.254  1.00 35.11 ? 66  ARG A CG  1 
ATOM   586  C  CD  . ARG A 1 92  ? 2.409   -3.275  14.918  1.00 42.36 ? 66  ARG A CD  1 
ATOM   587  N  NE  . ARG A 1 92  ? 1.338   -4.189  14.506  1.00 45.70 ? 66  ARG A NE  1 
ATOM   588  C  CZ  . ARG A 1 92  ? 0.066   -4.144  14.926  1.00 55.19 ? 66  ARG A CZ  1 
ATOM   589  N  NH1 . ARG A 1 92  ? -0.363  -3.229  15.797  1.00 56.97 ? 66  ARG A NH1 1 
ATOM   590  N  NH2 . ARG A 1 92  ? -0.810  -5.029  14.460  1.00 60.83 ? 66  ARG A NH2 1 
ATOM   591  N  N   . PRO A 1 93  ? 3.695   2.143   15.851  1.00 22.35 ? 67  PRO A N   1 
ATOM   592  C  CA  . PRO A 1 93  ? 4.781   2.988   16.272  1.00 24.70 ? 67  PRO A CA  1 
ATOM   593  C  C   . PRO A 1 93  ? 6.090   2.236   16.412  1.00 24.30 ? 67  PRO A C   1 
ATOM   594  O  O   . PRO A 1 93  ? 6.095   1.077   16.826  1.00 24.13 ? 67  PRO A O   1 
ATOM   595  C  CB  . PRO A 1 93  ? 4.337   3.519   17.623  1.00 25.04 ? 67  PRO A CB  1 
ATOM   596  C  CG  . PRO A 1 93  ? 2.887   3.478   17.596  1.00 26.91 ? 67  PRO A CG  1 
ATOM   597  C  CD  . PRO A 1 93  ? 2.504   2.327   16.704  1.00 25.44 ? 67  PRO A CD  1 
ATOM   598  N  N   . ARG A 1 94  ? 7.149   2.915   16.027  1.00 24.50 ? 68  ARG A N   1 
ATOM   599  C  CA  . ARG A 1 94  ? 8.513   2.452   16.191  1.00 31.01 ? 68  ARG A CA  1 
ATOM   600  C  C   . ARG A 1 94  ? 8.877   2.259   17.699  1.00 33.62 ? 68  ARG A C   1 
ATOM   601  O  O   . ARG A 1 94  ? 8.252   2.874   18.596  1.00 22.92 ? 68  ARG A O   1 
ATOM   602  C  CB  . ARG A 1 94  ? 9.477   3.407   15.474  1.00 33.90 ? 68  ARG A CB  1 
ATOM   603  C  CG  . ARG A 1 94  ? 9.139   3.588   13.985  1.00 41.00 ? 68  ARG A CG  1 
ATOM   604  C  CD  . ARG A 1 94  ? 10.332  3.451   13.043  1.00 49.36 ? 68  ARG A CD  1 
ATOM   605  N  NE  . ARG A 1 94  ? 9.871   3.068   11.708  1.00 56.01 ? 68  ARG A NE  1 
ATOM   606  C  CZ  . ARG A 1 94  ? 9.494   3.905   10.737  1.00 55.70 ? 68  ARG A CZ  1 
ATOM   607  N  NH1 . ARG A 1 94  ? 9.529   5.243   10.885  1.00 52.57 ? 68  ARG A NH1 1 
ATOM   608  N  NH2 . ARG A 1 94  ? 9.075   3.385   9.586   1.00 55.22 ? 68  ARG A NH2 1 
ATOM   609  N  N   . PRO A 1 95  ? 9.848   1.350   17.981  1.00 36.12 ? 69  PRO A N   1 
ATOM   610  C  CA  . PRO A 1 95  ? 10.070  0.941   19.396  1.00 38.21 ? 69  PRO A CA  1 
ATOM   611  C  C   . PRO A 1 95  ? 10.415  2.079   20.337  1.00 32.06 ? 69  PRO A C   1 
ATOM   612  O  O   . PRO A 1 95  ? 9.958   2.078   21.484  1.00 38.15 ? 69  PRO A O   1 
ATOM   613  C  CB  . PRO A 1 95  ? 11.255  -0.048  19.318  1.00 42.76 ? 69  PRO A CB  1 
ATOM   614  C  CG  . PRO A 1 95  ? 11.297  -0.505  17.895  1.00 44.29 ? 69  PRO A CG  1 
ATOM   615  C  CD  . PRO A 1 95  ? 10.712  0.601   17.043  1.00 42.19 ? 69  PRO A CD  1 
ATOM   616  N  N   . ASN A 1 96  ? 11.202  3.032   19.862  1.00 33.71 ? 70  ASN A N   1 
ATOM   617  C  CA  . ASN A 1 96  ? 11.676  4.128   20.721  1.00 33.24 ? 70  ASN A CA  1 
ATOM   618  C  C   . ASN A 1 96  ? 10.962  5.464   20.450  1.00 28.70 ? 70  ASN A C   1 
ATOM   619  O  O   . ASN A 1 96  ? 11.459  6.537   20.759  1.00 27.76 ? 70  ASN A O   1 
ATOM   620  C  CB  . ASN A 1 96  ? 13.183  4.240   20.551  1.00 41.05 ? 70  ASN A CB  1 
ATOM   621  C  CG  . ASN A 1 96  ? 13.912  2.977   21.014  1.00 45.20 ? 70  ASN A CG  1 
ATOM   622  O  OD1 . ASN A 1 96  ? 13.534  2.339   22.021  1.00 49.99 ? 70  ASN A OD1 1 
ATOM   623  N  ND2 . ASN A 1 96  ? 14.961  2.604   20.276  1.00 57.05 ? 70  ASN A ND2 1 
ATOM   624  N  N   . ALA A 1 97  ? 9.802   5.401   19.830  1.00 21.95 ? 71  ALA A N   1 
ATOM   625  C  CA  . ALA A 1 97  ? 9.035   6.633   19.647  1.00 20.91 ? 71  ALA A CA  1 
ATOM   626  C  C   . ALA A 1 97  ? 8.506   7.153   20.999  1.00 16.59 ? 71  ALA A C   1 
ATOM   627  O  O   . ALA A 1 97  ? 8.169   6.393   21.902  1.00 16.74 ? 71  ALA A O   1 
ATOM   628  C  CB  . ALA A 1 97  ? 7.904   6.456   18.632  1.00 20.14 ? 71  ALA A CB  1 
ATOM   629  N  N   . GLU A 1 98  ? 8.390   8.446   21.066  1.00 15.86 ? 72  GLU A N   1 
ATOM   630  C  CA  . GLU A 1 98  ? 7.812   9.136   22.204  1.00 15.45 ? 72  GLU A CA  1 
ATOM   631  C  C   . GLU A 1 98  ? 6.289   8.941   22.139  1.00 15.99 ? 72  GLU A C   1 
ATOM   632  O  O   . GLU A 1 98  ? 5.753   8.836   21.068  1.00 15.19 ? 72  GLU A O   1 
ATOM   633  C  CB  . GLU A 1 98  ? 8.190   10.580  22.134  1.00 15.85 ? 72  GLU A CB  1 
ATOM   634  C  CG  . GLU A 1 98  ? 9.692   10.802  22.398  1.00 18.26 ? 72  GLU A CG  1 
ATOM   635  C  CD  . GLU A 1 98  ? 10.105  10.449  23.799  1.00 20.17 ? 72  GLU A CD  1 
ATOM   636  O  OE1 . GLU A 1 98  ? 9.309   10.632  24.762  1.00 23.64 ? 72  GLU A OE1 1 
ATOM   637  O  OE2 . GLU A 1 98  ? 11.266  9.938   24.001  1.00 23.87 ? 72  GLU A OE2 1 
ATOM   638  N  N   . PRO A 1 99  ? 5.646   8.814   23.289  1.00 16.90 ? 73  PRO A N   1 
ATOM   639  C  CA  . PRO A 1 99  ? 4.214   8.531   23.344  1.00 16.59 ? 73  PRO A CA  1 
ATOM   640  C  C   . PRO A 1 99  ? 3.269   9.556   22.689  1.00 17.44 ? 73  PRO A C   1 
ATOM   641  O  O   . PRO A 1 99  ? 2.144   9.188   22.270  1.00 17.61 ? 73  PRO A O   1 
ATOM   642  C  CB  . PRO A 1 99  ? 3.964   8.343   24.813  1.00 16.99 ? 73  PRO A CB  1 
ATOM   643  C  CG  . PRO A 1 99  ? 4.968   9.218   25.498  1.00 17.04 ? 73  PRO A CG  1 
ATOM   644  C  CD  . PRO A 1 99  ? 6.177   9.232   24.605  1.00 18.50 ? 73  PRO A CD  1 
ATOM   645  N  N   . GLY A 1 100 ? 3.702   10.815  22.490  1.00 15.37 ? 74  GLY A N   1 
ATOM   646  C  CA  . GLY A 1 100 ? 2.860   11.769  21.843  1.00 15.44 ? 74  GLY A CA  1 
ATOM   647  C  C   . GLY A 1 100 ? 3.016   11.840  20.335  1.00 14.42 ? 74  GLY A C   1 
ATOM   648  O  O   . GLY A 1 100 ? 2.274   12.524  19.709  1.00 16.27 ? 74  GLY A O   1 
ATOM   649  N  N   . ALA A 1 101 ? 3.986   11.110  19.806  1.00 15.15 ? 75  ALA A N   1 
ATOM   650  C  CA  . ALA A 1 101 ? 4.438   11.243  18.435  1.00 16.70 ? 75  ALA A CA  1 
ATOM   651  C  C   . ALA A 1 101 ? 3.433   10.569  17.514  1.00 16.67 ? 75  ALA A C   1 
ATOM   652  O  O   . ALA A 1 101 ? 2.872   9.507   17.861  1.00 16.86 ? 75  ALA A O   1 
ATOM   653  C  CB  . ALA A 1 101 ? 5.774   10.587  18.293  1.00 17.05 ? 75  ALA A CB  1 
ATOM   654  N  N   . PRO A 1 102 ? 3.203   11.170  16.347  1.00 18.95 ? 76  PRO A N   1 
ATOM   655  C  CA  . PRO A 1 102 ? 2.297   10.492  15.419  1.00 19.90 ? 76  PRO A CA  1 
ATOM   656  C  C   . PRO A 1 102 ? 2.906   9.170   14.889  1.00 20.16 ? 76  PRO A C   1 
ATOM   657  O  O   . PRO A 1 102 ? 4.105   9.025   14.865  1.00 20.37 ? 76  PRO A O   1 
ATOM   658  C  CB  . PRO A 1 102 ? 2.125   11.490  14.280  1.00 20.86 ? 76  PRO A CB  1 
ATOM   659  C  CG  . PRO A 1 102 ? 3.327   12.358  14.334  1.00 20.53 ? 76  PRO A CG  1 
ATOM   660  C  CD  . PRO A 1 102 ? 3.761   12.394  15.772  1.00 18.60 ? 76  PRO A CD  1 
ATOM   661  N  N   . PRO A 1 103 ? 2.069   8.237   14.448  1.00 18.78 ? 77  PRO A N   1 
ATOM   662  C  CA  . PRO A 1 103 ? 2.669   6.966   14.049  1.00 19.59 ? 77  PRO A CA  1 
ATOM   663  C  C   . PRO A 1 103 ? 3.255   7.130   12.626  1.00 17.88 ? 77  PRO A C   1 
ATOM   664  O  O   . PRO A 1 103 ? 2.903   8.092   11.980  1.00 21.86 ? 77  PRO A O   1 
ATOM   665  C  CB  . PRO A 1 103 ? 1.512   6.045   14.050  1.00 19.09 ? 77  PRO A CB  1 
ATOM   666  C  CG  . PRO A 1 103 ? 0.323   6.872   13.782  1.00 21.91 ? 77  PRO A CG  1 
ATOM   667  C  CD  . PRO A 1 103 ? 0.597   8.173   14.502  1.00 20.41 ? 77  PRO A CD  1 
ATOM   668  N  N   . PRO A 1 104 ? 4.132   6.223   12.175  1.00 17.77 ? 78  PRO A N   1 
ATOM   669  C  CA  . PRO A 1 104 ? 4.618   6.417   10.801  1.00 16.15 ? 78  PRO A CA  1 
ATOM   670  C  C   . PRO A 1 104 ? 3.513   6.265   9.794   1.00 13.49 ? 78  PRO A C   1 
ATOM   671  O  O   . PRO A 1 104 ? 2.632   5.413   9.968   1.00 15.13 ? 78  PRO A O   1 
ATOM   672  C  CB  . PRO A 1 104 ? 5.618   5.260   10.588  1.00 17.26 ? 78  PRO A CB  1 
ATOM   673  C  CG  . PRO A 1 104 ? 5.952   4.794   11.954  1.00 20.45 ? 78  PRO A CG  1 
ATOM   674  C  CD  . PRO A 1 104 ? 4.709   5.028   12.768  1.00 18.48 ? 78  PRO A CD  1 
ATOM   675  N  N   . GLN A 1 105 ? 3.575   7.056   8.742   1.00 14.00 ? 79  GLN A N   1 
ATOM   676  C  CA  . GLN A 1 105 ? 2.527   7.005   7.670   1.00 14.98 ? 79  GLN A CA  1 
ATOM   677  C  C   . GLN A 1 105 ? 3.118   7.146   6.316   1.00 14.94 ? 79  GLN A C   1 
ATOM   678  O  O   . GLN A 1 105 ? 4.217   7.764   6.136   1.00 14.95 ? 79  GLN A O   1 
ATOM   679  C  CB  . GLN A 1 105 ? 1.487   8.073   7.841   1.00 19.71 ? 79  GLN A CB  1 
ATOM   680  C  CG  . GLN A 1 105 ? 0.687   7.888   9.108   1.00 24.45 ? 79  GLN A CG  1 
ATOM   681  C  CD  . GLN A 1 105 ? -0.339  8.974   9.261   1.00 29.00 ? 79  GLN A CD  1 
ATOM   682  O  OE1 . GLN A 1 105 ? -0.063  10.167  8.962   1.00 33.68 ? 79  GLN A OE1 1 
ATOM   683  N  NE2 . GLN A 1 105 ? -1.538  8.581   9.697   1.00 32.93 ? 79  GLN A NE2 1 
ATOM   684  N  N   . TYR A 1 106 ? 2.438   6.586   5.347   1.00 13.19 ? 80  TYR A N   1 
ATOM   685  C  CA  . TYR A 1 106 ? 2.958   6.496   3.954   1.00 13.86 ? 80  TYR A CA  1 
ATOM   686  C  C   . TYR A 1 106 ? 1.844   6.815   3.012   1.00 13.65 ? 80  TYR A C   1 
ATOM   687  O  O   . TYR A 1 106 ? 0.852   6.082   3.010   1.00 13.97 ? 80  TYR A O   1 
ATOM   688  C  CB  . TYR A 1 106 ? 3.540   5.109   3.632   1.00 14.59 ? 80  TYR A CB  1 
ATOM   689  C  CG  . TYR A 1 106 ? 4.638   4.686   4.570   1.00 16.33 ? 80  TYR A CG  1 
ATOM   690  C  CD1 . TYR A 1 106 ? 4.316   4.128   5.816   1.00 17.15 ? 80  TYR A CD1 1 
ATOM   691  C  CD2 . TYR A 1 106 ? 5.980   4.899   4.259   1.00 16.34 ? 80  TYR A CD2 1 
ATOM   692  C  CE1 . TYR A 1 106 ? 5.295   3.802   6.722   1.00 23.00 ? 80  TYR A CE1 1 
ATOM   693  C  CE2 . TYR A 1 106 ? 6.993   4.559   5.179   1.00 22.69 ? 80  TYR A CE2 1 
ATOM   694  C  CZ  . TYR A 1 106 ? 6.626   3.991   6.406   1.00 22.29 ? 80  TYR A CZ  1 
ATOM   695  O  OH  . TYR A 1 106 ? 7.571   3.641   7.345   1.00 25.08 ? 80  TYR A OH  1 
ATOM   696  N  N   . MET A 1 107 ? 1.989   7.863   2.216   1.00 12.86 ? 81  MET A N   1 
ATOM   697  C  CA  . MET A 1 107 ? 0.967   8.273   1.244   1.00 13.18 ? 81  MET A CA  1 
ATOM   698  C  C   . MET A 1 107 ? 1.433   8.018   -0.159  1.00 13.35 ? 81  MET A C   1 
ATOM   699  O  O   . MET A 1 107 ? 2.554   8.346   -0.516  1.00 12.24 ? 81  MET A O   1 
ATOM   700  C  CB  . MET A 1 107 ? 0.603   9.722   1.379   1.00 15.87 ? 81  MET A CB  1 
ATOM   701  C  CG  . MET A 1 107 ? -0.123  10.061  2.618   1.00 18.79 ? 81  MET A CG  1 
ATOM   702  S  SD  . MET A 1 107 ? -0.640  11.818  2.620   0.97 24.39 ? 81  MET A SD  1 
ATOM   703  C  CE  . MET A 1 107 ? 0.943   12.548  2.990   1.00 30.05 ? 81  MET A CE  1 
ATOM   704  N  N   . PHE A 1 108 ? 0.583   7.333   -0.935  1.00 11.22 ? 82  PHE A N   1 
ATOM   705  C  CA  . PHE A 1 108 ? 0.866   7.045   -2.302  1.00 11.00 ? 82  PHE A CA  1 
ATOM   706  C  C   . PHE A 1 108 ? -0.226  7.629   -3.124  1.00 11.71 ? 82  PHE A C   1 
ATOM   707  O  O   . PHE A 1 108 ? -1.367  7.267   -2.921  1.00 11.09 ? 82  PHE A O   1 
ATOM   708  C  CB  . PHE A 1 108 ? 0.968   5.511   -2.593  1.00 11.31 ? 82  PHE A CB  1 
ATOM   709  C  CG  . PHE A 1 108 ? 2.006   4.830   -1.753  1.00 11.97 ? 82  PHE A CG  1 
ATOM   710  C  CD1 . PHE A 1 108 ? 3.362   4.914   -2.094  1.00 12.87 ? 82  PHE A CD1 1 
ATOM   711  C  CD2 . PHE A 1 108 ? 1.667   4.196   -0.577  1.00 11.78 ? 82  PHE A CD2 1 
ATOM   712  C  CE1 . PHE A 1 108 ? 4.301   4.365   -1.268  1.00 11.83 ? 82  PHE A CE1 1 
ATOM   713  C  CE2 . PHE A 1 108 ? 2.631   3.606   0.266   1.00 12.32 ? 82  PHE A CE2 1 
ATOM   714  C  CZ  . PHE A 1 108 ? 3.928   3.659   -0.099  1.00 13.25 ? 82  PHE A CZ  1 
ATOM   715  N  N   . GLN A 1 109 ? 0.130   8.492   -4.069  1.00 10.52 ? 83  GLN A N   1 
ATOM   716  C  CA  . GLN A 1 109 ? -0.784  9.076   -5.015  1.00 11.13 ? 83  GLN A CA  1 
ATOM   717  C  C   . GLN A 1 109 ? -0.798  8.310   -6.317  1.00 11.34 ? 83  GLN A C   1 
ATOM   718  O  O   . GLN A 1 109 ? 0.271   8.080   -6.888  1.00 9.89  ? 83  GLN A O   1 
ATOM   719  C  CB  . GLN A 1 109 ? -0.307  10.532  -5.341  1.00 12.61 ? 83  GLN A CB  1 
ATOM   720  C  CG  . GLN A 1 109 ? -1.319  11.202  -6.287  1.00 13.67 ? 83  GLN A CG  1 
ATOM   721  C  CD  . GLN A 1 109 ? -0.963  12.586  -6.749  1.00 17.74 ? 83  GLN A CD  1 
ATOM   722  O  OE1 . GLN A 1 109 ? 0.018   13.144  -6.303  1.00 19.22 ? 83  GLN A OE1 1 
ATOM   723  N  NE2 . GLN A 1 109 ? -1.763  13.140  -7.670  1.00 14.44 ? 83  GLN A NE2 1 
ATOM   724  N  N   . PHE A 1 110 ? -1.970  7.803   -6.688  1.00 10.02 ? 84  PHE A N   1 
ATOM   725  C  CA  . PHE A 1 110 ? -2.184  7.044   -7.945  1.00 11.25 ? 84  PHE A CA  1 
ATOM   726  C  C   . PHE A 1 110 ? -2.283  8.002   -9.123  1.00 11.23 ? 84  PHE A C   1 
ATOM   727  O  O   . PHE A 1 110 ? -3.096  8.911   -9.133  1.00 11.73 ? 84  PHE A O   1 
ATOM   728  C  CB  . PHE A 1 110 ? -3.395  6.127   -7.788  1.00 10.27 ? 84  PHE A CB  1 
ATOM   729  C  CG  . PHE A 1 110 ? -3.160  4.994   -6.864  1.00 10.91 ? 84  PHE A CG  1 
ATOM   730  C  CD1 . PHE A 1 110 ? -2.968  5.201   -5.471  1.00 11.95 ? 84  PHE A CD1 1 
ATOM   731  C  CD2 . PHE A 1 110 ? -3.022  3.716   -7.358  1.00 12.03 ? 84  PHE A CD2 1 
ATOM   732  C  CE1 . PHE A 1 110 ? -2.740  4.153   -4.604  1.00 12.36 ? 84  PHE A CE1 1 
ATOM   733  C  CE2 . PHE A 1 110 ? -2.774  2.649   -6.472  1.00 13.24 ? 84  PHE A CE2 1 
ATOM   734  C  CZ  . PHE A 1 110 ? -2.615  2.864   -5.105  1.00 13.25 ? 84  PHE A CZ  1 
ATOM   735  N  N   . THR A 1 111 ? -1.430  7.812   -10.137 1.00 10.46 ? 85  THR A N   1 
ATOM   736  C  CA  . THR A 1 111 ? -1.219  8.766   -11.196 1.00 11.89 ? 85  THR A CA  1 
ATOM   737  C  C   . THR A 1 111 ? -1.558  8.170   -12.610 1.00 12.59 ? 85  THR A C   1 
ATOM   738  O  O   . THR A 1 111 ? -1.445  8.853   -13.624 1.00 11.73 ? 85  THR A O   1 
ATOM   739  C  CB  . THR A 1 111 ? 0.230   9.273   -11.168 1.00 13.33 ? 85  THR A CB  1 
ATOM   740  O  OG1 . THR A 1 111 ? 1.091   8.095   -11.318 1.00 13.38 ? 85  THR A OG1 1 
ATOM   741  C  CG2 . THR A 1 111 ? 0.552   9.980   -9.810  1.00 12.67 ? 85  THR A CG2 1 
ATOM   742  N  N   . HIS A 1 112 ? -2.063  6.958   -12.677 1.00 12.71 ? 86  HIS A N   1 
ATOM   743  C  CA  . HIS A 1 112 ? -2.549  6.515   -13.971 1.00 14.27 ? 86  HIS A CA  1 
ATOM   744  C  C   . HIS A 1 112 ? -3.616  7.494   -14.514 1.00 15.57 ? 86  HIS A C   1 
ATOM   745  O  O   . HIS A 1 112 ? -4.587  7.889   -13.836 1.00 13.35 ? 86  HIS A O   1 
ATOM   746  C  CB  . HIS A 1 112 ? -2.987  5.084   -13.976 1.00 14.98 ? 86  HIS A CB  1 
ATOM   747  C  CG  . HIS A 1 112 ? -3.328  4.606   -15.361 1.00 16.47 ? 86  HIS A CG  1 
ATOM   748  N  ND1 . HIS A 1 112 ? -2.494  3.775   -16.094 1.00 20.72 ? 86  HIS A ND1 1 
ATOM   749  C  CD2 . HIS A 1 112 ? -4.331  4.940   -16.190 1.00 15.98 ? 86  HIS A CD2 1 
ATOM   750  C  CE1 . HIS A 1 112 ? -3.046  3.534   -17.280 1.00 18.63 ? 86  HIS A CE1 1 
ATOM   751  N  NE2 . HIS A 1 112 ? -4.172  4.218   -17.363 1.00 19.59 ? 86  HIS A NE2 1 
ATOM   752  N  N   . PRO A 1 113 ? -3.412  7.980   -15.745 1.00 16.43 ? 87  PRO A N   1 
ATOM   753  C  CA  . PRO A 1 113 ? -4.304  9.092   -16.098 1.00 17.70 ? 87  PRO A CA  1 
ATOM   754  C  C   . PRO A 1 113 ? -5.789  8.784   -16.105 1.00 17.41 ? 87  PRO A C   1 
ATOM   755  O  O   . PRO A 1 113 ? -6.561  9.639   -15.704 1.00 17.02 ? 87  PRO A O   1 
ATOM   756  C  CB  . PRO A 1 113 ? -3.777  9.580   -17.446 1.00 19.46 ? 87  PRO A CB  1 
ATOM   757  C  CG  . PRO A 1 113 ? -2.356  9.167   -17.424 1.00 22.62 ? 87  PRO A CG  1 
ATOM   758  C  CD  . PRO A 1 113 ? -2.348  7.799   -16.747 1.00 20.24 ? 87  PRO A CD  1 
ATOM   759  N  N   . THR A 1 114 ? -6.198  7.611   -16.535 1.00 18.52 ? 88  THR A N   1 
ATOM   760  C  CA  . THR A 1 114 ? -7.582  7.207   -16.484 1.00 20.26 ? 88  THR A CA  1 
ATOM   761  C  C   . THR A 1 114 ? -7.954  6.262   -15.349 1.00 19.99 ? 88  THR A C   1 
ATOM   762  O  O   . THR A 1 114 ? -9.059  6.361   -14.853 1.00 24.54 ? 88  THR A O   1 
ATOM   763  C  CB  . THR A 1 114 ? -7.995  6.554   -17.817 1.00 22.05 ? 88  THR A CB  1 
ATOM   764  O  OG1 . THR A 1 114 ? -7.194  5.430   -18.081 1.00 22.25 ? 88  THR A OG1 1 
ATOM   765  C  CG2 . THR A 1 114 ? -7.765  7.512   -18.953 1.00 22.50 ? 88  THR A CG2 1 
ATOM   766  N  N   . ASP A 1 115 ? -7.010  5.430   -14.866 1.00 18.52 ? 89  ASP A N   1 
ATOM   767  C  CA  . ASP A 1 115 ? -7.342  4.301   -13.977 1.00 16.91 ? 89  ASP A CA  1 
ATOM   768  C  C   . ASP A 1 115 ? -6.897  4.505   -12.538 1.00 13.67 ? 89  ASP A C   1 
ATOM   769  O  O   . ASP A 1 115 ? -6.920  3.532   -11.778 1.00 14.27 ? 89  ASP A O   1 
ATOM   770  C  CB  . ASP A 1 115 ? -6.699  3.006   -14.501 1.00 19.53 ? 89  ASP A CB  1 
ATOM   771  C  CG  . ASP A 1 115 ? -7.181  2.626   -15.884 1.00 24.15 ? 89  ASP A CG  1 
ATOM   772  O  OD1 . ASP A 1 115 ? -8.197  3.197   -16.352 1.00 24.12 ? 89  ASP A OD1 1 
ATOM   773  O  OD2 . ASP A 1 115 ? -6.544  1.692   -16.427 1.00 28.79 ? 89  ASP A OD2 1 
ATOM   774  N  N   . ALA A 1 116 ? -6.497  5.713   -12.178 1.00 12.83 ? 90  ALA A N   1 
ATOM   775  C  CA  . ALA A 1 116 ? -5.966  6.024   -10.807 1.00 11.27 ? 90  ALA A CA  1 
ATOM   776  C  C   . ALA A 1 116 ? -6.917  5.470   -9.730  1.00 11.06 ? 90  ALA A C   1 
ATOM   777  O  O   . ALA A 1 116 ? -6.475  4.749   -8.838  1.00 10.93 ? 90  ALA A O   1 
ATOM   778  C  CB  . ALA A 1 116 ? -5.812  7.505   -10.609 1.00 11.36 ? 90  ALA A CB  1 
ATOM   779  N  N   . ARG A 1 117 ? -8.206  5.799   -9.772  1.00 12.34 ? 91  ARG A N   1 
ATOM   780  C  CA  . ARG A 1 117 ? -9.067  5.426   -8.643  1.00 12.95 ? 91  ARG A CA  1 
ATOM   781  C  C   . ARG A 1 117 ? -9.338  3.906   -8.634  1.00 13.10 ? 91  ARG A C   1 
ATOM   782  O  O   . ARG A 1 117 ? -9.403  3.296   -7.569  1.00 13.72 ? 91  ARG A O   1 
ATOM   783  C  CB  . ARG A 1 117 ? -10.369 6.208   -8.645  1.00 13.86 ? 91  ARG A CB  1 
ATOM   784  C  CG  . ARG A 1 117 ? -11.312 5.780   -7.536  1.00 13.73 ? 91  ARG A CG  1 
ATOM   785  C  CD  . ARG A 1 117 ? -10.813 6.061   -6.170  1.00 13.84 ? 91  ARG A CD  1 
ATOM   786  N  NE  . ARG A 1 117 ? -10.623 7.508   -5.971  1.00 12.98 ? 91  ARG A NE  1 
ATOM   787  C  CZ  . ARG A 1 117 ? -10.256 8.009   -4.804  1.00 13.90 ? 91  ARG A CZ  1 
ATOM   788  N  NH1 . ARG A 1 117 ? -9.967  7.190   -3.760  1.00 15.62 ? 91  ARG A NH1 1 
ATOM   789  N  NH2 . ARG A 1 117 ? -10.045 9.285   -4.697  1.00 12.74 ? 91  ARG A NH2 1 
ATOM   790  N  N   . ALA A 1 118 ? -9.519  3.341   -9.817  1.00 14.91 ? 92  ALA A N   1 
ATOM   791  C  CA  . ALA A 1 118 ? -9.658  1.866   -10.040 1.00 16.40 ? 92  ALA A CA  1 
ATOM   792  C  C   . ALA A 1 118 ? -8.447  1.092   -9.450  1.00 14.29 ? 92  ALA A C   1 
ATOM   793  O  O   . ALA A 1 118 ? -8.627  0.136   -8.708  1.00 11.84 ? 92  ALA A O   1 
ATOM   794  C  CB  . ALA A 1 118 ? -9.778  1.564   -11.516 1.00 16.93 ? 92  ALA A CB  1 
ATOM   795  N  N   . GLU A 1 119 ? -7.233  1.581   -9.714  1.00 12.44 ? 93  GLU A N   1 
ATOM   796  C  CA  . GLU A 1 119 ? -6.017  0.988   -9.235  1.00 13.62 ? 93  GLU A CA  1 
ATOM   797  C  C   . GLU A 1 119 ? -5.906  1.151   -7.735  1.00 12.42 ? 93  GLU A C   1 
ATOM   798  O  O   . GLU A 1 119 ? -5.497  0.245   -7.055  1.00 11.52 ? 93  GLU A O   1 
ATOM   799  C  CB  . GLU A 1 119 ? -4.761  1.544   -9.923  1.00 15.93 ? 93  GLU A CB  1 
ATOM   800  C  CG  . GLU A 1 119 ? -4.602  0.971   -11.296 1.00 18.05 ? 93  GLU A CG  1 
ATOM   801  C  CD  . GLU A 1 119 ? -3.497  1.602   -12.107 1.00 24.50 ? 93  GLU A CD  1 
ATOM   802  O  OE1 . GLU A 1 119 ? -2.592  2.270   -11.579 1.00 26.94 ? 93  GLU A OE1 1 
ATOM   803  O  OE2 . GLU A 1 119 ? -3.496  1.326   -13.332 1.00 25.31 ? 93  GLU A OE2 1 
ATOM   804  N  N   . ALA A 1 120 ? -6.272  2.320   -7.202  1.00 10.51 ? 94  ALA A N   1 
ATOM   805  C  CA  . ALA A 1 120 ? -6.324  2.501   -5.760  1.00 9.92  ? 94  ALA A CA  1 
ATOM   806  C  C   . ALA A 1 120 ? -7.298  1.534   -5.103  1.00 10.75 ? 94  ALA A C   1 
ATOM   807  O  O   . ALA A 1 120 ? -6.970  0.869   -4.171  1.00 10.75 ? 94  ALA A O   1 
ATOM   808  C  CB  . ALA A 1 120 ? -6.686  3.912   -5.425  1.00 9.89  ? 94  ALA A CB  1 
ATOM   809  N  N   . ASN A 1 121 ? -8.488  1.428   -5.664  1.00 10.55 ? 95  ASN A N   1 
ATOM   810  C  CA  . ASN A 1 121 ? -9.441  0.512   -5.105  1.00 12.84 ? 95  ASN A CA  1 
ATOM   811  C  C   . ASN A 1 121 ? -8.932  -0.940  -5.090  1.00 13.18 ? 95  ASN A C   1 
ATOM   812  O  O   . ASN A 1 121 ? -9.251  -1.716  -4.162  1.00 13.48 ? 95  ASN A O   1 
ATOM   813  C  CB  . ASN A 1 121 ? -10.712 0.569   -5.934  1.00 13.68 ? 95  ASN A CB  1 
ATOM   814  C  CG  . ASN A 1 121 ? -11.519 1.847   -5.794  1.00 14.84 ? 95  ASN A CG  1 
ATOM   815  O  OD1 . ASN A 1 121 ? -12.435 2.049   -6.638  1.00 21.04 ? 95  ASN A OD1 1 
ATOM   816  N  ND2 . ASN A 1 121 ? -11.306 2.670   -4.780  1.00 14.79 ? 95  ASN A ND2 1 
ATOM   817  N  N   . ALA A 1 122 ? -8.241  -1.339  -6.155  1.00 13.93 ? 96  ALA A N   1 
ATOM   818  C  CA  . ALA A 1 122 ? -7.741  -2.687  -6.284  1.00 14.28 ? 96  ALA A CA  1 
ATOM   819  C  C   . ALA A 1 122 ? -6.705  -3.017  -5.220  1.00 13.44 ? 96  ALA A C   1 
ATOM   820  O  O   . ALA A 1 122 ? -6.738  -4.071  -4.577  1.00 11.28 ? 96  ALA A O   1 
ATOM   821  C  CB  . ALA A 1 122 ? -7.192  -2.944  -7.687  1.00 14.21 ? 96  ALA A CB  1 
ATOM   822  N  N   . ILE A 1 123 ? -5.780  -2.070  -5.001  1.00 12.22 ? 97  ILE A N   1 
ATOM   823  C  CA  . ILE A 1 123 ? -4.779  -2.235  -4.003  1.00 13.13 ? 97  ILE A CA  1 
ATOM   824  C  C   . ILE A 1 123 ? -5.415  -2.254  -2.636  1.00 11.94 ? 97  ILE A C   1 
ATOM   825  O  O   . ILE A 1 123 ? -5.000  -3.007  -1.752  1.00 13.28 ? 97  ILE A O   1 
ATOM   826  C  CB  . ILE A 1 123 ? -3.696  -1.095  -4.045  1.00 15.23 ? 97  ILE A CB  1 
ATOM   827  C  CG1 . ILE A 1 123 ? -2.678  -1.383  -5.146  1.00 17.44 ? 97  ILE A CG1 1 
ATOM   828  C  CG2 . ILE A 1 123 ? -2.956  -0.977  -2.719  1.00 15.60 ? 97  ILE A CG2 1 
ATOM   829  C  CD1 . ILE A 1 123 ? -1.702  -2.496  -4.813  1.00 21.13 ? 97  ILE A CD1 1 
ATOM   830  N  N   . ARG A 1 124 ? -6.389  -1.381  -2.420  1.00 12.76 ? 98  ARG A N   1 
ATOM   831  C  CA  . ARG A 1 124 ? -7.021  -1.202  -1.119  1.00 13.30 ? 98  ARG A CA  1 
ATOM   832  C  C   . ARG A 1 124 ? -7.743  -2.516  -0.782  1.00 14.18 ? 98  ARG A C   1 
ATOM   833  O  O   . ARG A 1 124 ? -7.624  -3.007  0.312   1.00 13.92 ? 98  ARG A O   1 
ATOM   834  C  CB  . ARG A 1 124 ? -8.062  -0.103  -1.211  1.00 14.58 ? 98  ARG A CB  1 
ATOM   835  C  CG  . ARG A 1 124 ? -8.989  0.038   0.015   1.00 15.35 ? 98  ARG A CG  1 
ATOM   836  C  CD  . ARG A 1 124 ? -10.262 0.818   -0.282  1.00 16.37 ? 98  ARG A CD  1 
ATOM   837  N  NE  . ARG A 1 124 ? -11.016 0.189   -1.343  1.00 17.41 ? 98  ARG A NE  1 
ATOM   838  C  CZ  . ARG A 1 124 ? -12.012 0.737   -2.028  1.00 19.47 ? 98  ARG A CZ  1 
ATOM   839  N  NH1 . ARG A 1 124 ? -12.422 1.990   -1.812  1.00 18.48 ? 98  ARG A NH1 1 
ATOM   840  N  NH2 . ARG A 1 124 ? -12.663 0.018   -2.936  1.00 21.89 ? 98  ARG A NH2 1 
ATOM   841  N  N   . ASP A 1 125 ? -8.460  -3.031  -1.752  1.00 14.99 ? 99  ASP A N   1 
ATOM   842  C  CA  . ASP A 1 125 ? -9.193  -4.311  -1.582  1.00 19.34 ? 99  ASP A CA  1 
ATOM   843  C  C   . ASP A 1 125 ? -8.280  -5.516  -1.243  1.00 17.40 ? 99  ASP A C   1 
ATOM   844  O  O   . ASP A 1 125 ? -8.556  -6.290  -0.268  1.00 23.08 ? 99  ASP A O   1 
ATOM   845  C  CB  . ASP A 1 125 ? -10.034 -4.582  -2.818  1.00 18.63 ? 99  ASP A CB  1 
ATOM   846  C  CG  . ASP A 1 125 ? -11.250 -3.603  -2.951  1.00 22.53 ? 99  ASP A CG  1 
ATOM   847  O  OD1 . ASP A 1 125 ? -11.568 -2.749  -2.065  1.00 21.95 ? 99  ASP A OD1 1 
ATOM   848  O  OD2 . ASP A 1 125 ? -11.875 -3.680  -4.020  1.00 24.65 ? 99  ASP A OD2 1 
ATOM   849  N  N   . LEU A 1 126 ? -7.189  -5.641  -1.986  1.00 18.09 ? 100 LEU A N   1 
ATOM   850  C  CA  . LEU A 1 126 ? -6.192  -6.662  -1.773  1.00 16.34 ? 100 LEU A CA  1 
ATOM   851  C  C   . LEU A 1 126 ? -5.568  -6.538  -0.398  1.00 15.07 ? 100 LEU A C   1 
ATOM   852  O  O   . LEU A 1 126 ? -5.501  -7.505  0.390   1.00 15.48 ? 100 LEU A O   1 
ATOM   853  C  CB  . LEU A 1 126 ? -5.130  -6.675  -2.886  1.00 17.75 ? 100 LEU A CB  1 
ATOM   854  C  CG  . LEU A 1 126 ? -4.079  -7.783  -2.770  1.00 19.64 ? 100 LEU A CG  1 
ATOM   855  C  CD1 . LEU A 1 126 ? -4.752  -9.153  -2.727  1.00 20.53 ? 100 LEU A CD1 1 
ATOM   856  C  CD2 . LEU A 1 126 ? -3.055  -7.691  -3.928  1.00 19.91 ? 100 LEU A CD2 1 
ATOM   857  N  N   . LEU A 1 127 ? -5.158  -5.331  -0.052  1.00 14.60 ? 101 LEU A N   1 
ATOM   858  C  CA  . LEU A 1 127 ? -4.614  -5.060  1.279   1.00 16.31 ? 101 LEU A CA  1 
ATOM   859  C  C   . LEU A 1 127 ? -5.576  -5.299  2.414   1.00 16.82 ? 101 LEU A C   1 
ATOM   860  O  O   . LEU A 1 127 ? -5.198  -5.953  3.365   1.00 16.53 ? 101 LEU A O   1 
ATOM   861  C  CB  . LEU A 1 127 ? -4.012  -3.700  1.391   1.00 18.10 ? 101 LEU A CB  1 
ATOM   862  C  CG  . LEU A 1 127 ? -2.585  -3.561  0.848   1.00 19.19 ? 101 LEU A CG  1 
ATOM   863  C  CD1 . LEU A 1 127 ? -1.542  -3.974  1.876   1.00 20.30 ? 101 LEU A CD1 1 
ATOM   864  C  CD2 . LEU A 1 127 ? -2.285  -4.351  -0.405  1.00 20.05 ? 101 LEU A CD2 1 
ATOM   865  N  N   . SER A 1 128 ? -6.808  -4.854  2.303   1.00 18.62 ? 102 SER A N   1 
ATOM   866  C  CA  A SER A 1 128 ? -7.765  -5.108  3.369   0.50 19.78 ? 102 SER A CA  1 
ATOM   867  C  CA  B SER A 1 128 ? -7.789  -5.120  3.353   0.50 21.44 ? 102 SER A CA  1 
ATOM   868  C  C   . SER A 1 128 ? -8.003  -6.620  3.561   1.00 19.90 ? 102 SER A C   1 
ATOM   869  O  O   . SER A 1 128 ? -8.109  -7.065  4.690   1.00 21.83 ? 102 SER A O   1 
ATOM   870  C  CB  A SER A 1 128 ? -9.074  -4.373  3.124   0.50 20.74 ? 102 SER A CB  1 
ATOM   871  C  CB  B SER A 1 128 ? -9.118  -4.449  3.045   0.50 24.71 ? 102 SER A CB  1 
ATOM   872  O  OG  A SER A 1 128 ? -8.887  -3.082  2.557   0.50 20.18 ? 102 SER A OG  1 
ATOM   873  O  OG  B SER A 1 128 ? -9.798  -5.107  1.971   0.50 29.57 ? 102 SER A OG  1 
ATOM   874  N  N   . GLN A 1 129 ? -8.060  -7.394  2.476   1.00 16.88 ? 103 GLN A N   1 
ATOM   875  C  CA  A GLN A 1 129 ? -8.289  -8.822  2.510   0.50 17.27 ? 103 GLN A CA  1 
ATOM   876  C  CA  B GLN A 1 129 ? -8.286  -8.831  2.536   0.50 18.45 ? 103 GLN A CA  1 
ATOM   877  C  C   . GLN A 1 129 ? -7.118  -9.505  3.228   1.00 19.38 ? 103 GLN A C   1 
ATOM   878  O  O   . GLN A 1 129 ? -7.302  -10.338 4.152   1.00 16.42 ? 103 GLN A O   1 
ATOM   879  C  CB  A GLN A 1 129 ? -8.459  -9.377  1.088   0.50 18.56 ? 103 GLN A CB  1 
ATOM   880  C  CB  B GLN A 1 129 ? -8.483  -9.450  1.153   0.50 21.53 ? 103 GLN A CB  1 
ATOM   881  C  CG  A GLN A 1 129 ? -8.514  -10.884 1.012   0.50 19.34 ? 103 GLN A CG  1 
ATOM   882  C  CG  B GLN A 1 129 ? -9.890  -9.333  0.656   0.50 23.86 ? 103 GLN A CG  1 
ATOM   883  C  CD  A GLN A 1 129 ? -7.166  -11.572 0.793   0.50 17.31 ? 103 GLN A CD  1 
ATOM   884  C  CD  B GLN A 1 129 ? -9.960  -9.274  -0.832  0.50 26.22 ? 103 GLN A CD  1 
ATOM   885  O  OE1 A GLN A 1 129 ? -6.438  -11.268 -0.142  0.50 18.50 ? 103 GLN A OE1 1 
ATOM   886  O  OE1 B GLN A 1 129 ? -9.044  -9.743  -1.530  0.50 30.07 ? 103 GLN A OE1 1 
ATOM   887  N  NE2 A GLN A 1 129 ? -6.866  -12.534 1.640   0.50 18.59 ? 103 GLN A NE2 1 
ATOM   888  N  NE2 B GLN A 1 129 ? -11.056 -8.717  -1.338  0.50 27.34 ? 103 GLN A NE2 1 
ATOM   889  N  N   . LEU A 1 130 ? -5.909  -9.178  2.784   1.00 14.91 ? 104 LEU A N   1 
ATOM   890  C  CA  . LEU A 1 130 ? -4.704  -9.725  3.444   1.00 16.16 ? 104 LEU A CA  1 
ATOM   891  C  C   . LEU A 1 130 ? -4.607  -9.356  4.908   1.00 17.07 ? 104 LEU A C   1 
ATOM   892  O  O   . LEU A 1 130 ? -4.181  -10.218 5.732   1.00 19.37 ? 104 LEU A O   1 
ATOM   893  C  CB  . LEU A 1 130 ? -3.431  -9.283  2.706   1.00 14.07 ? 104 LEU A CB  1 
ATOM   894  C  CG  . LEU A 1 130 ? -3.265  -10.006 1.381   1.00 13.90 ? 104 LEU A CG  1 
ATOM   895  C  CD1 . LEU A 1 130 ? -2.344  -9.145  0.482   1.00 13.78 ? 104 LEU A CD1 1 
ATOM   896  C  CD2 . LEU A 1 130 ? -2.851  -11.466 1.424   1.00 13.74 ? 104 LEU A CD2 1 
ATOM   897  N  N   . LEU A 1 131 ? -4.997  -8.117  5.262   1.00 17.83 ? 105 LEU A N   1 
ATOM   898  C  CA  . LEU A 1 131 ? -4.846  -7.628  6.659   1.00 20.12 ? 105 LEU A CA  1 
ATOM   899  C  C   . LEU A 1 131 ? -5.817  -8.398  7.605   1.00 24.37 ? 105 LEU A C   1 
ATOM   900  O  O   . LEU A 1 131 ? -5.429  -8.838  8.689   1.00 26.35 ? 105 LEU A O   1 
ATOM   901  C  CB  . LEU A 1 131 ? -5.060  -6.128  6.761   1.00 20.78 ? 105 LEU A CB  1 
ATOM   902  C  CG  . LEU A 1 131 ? -4.025  -5.234  6.062   1.00 24.16 ? 105 LEU A CG  1 
ATOM   903  C  CD1 . LEU A 1 131 ? -4.470  -3.769  5.878   1.00 27.03 ? 105 LEU A CD1 1 
ATOM   904  C  CD2 . LEU A 1 131 ? -2.669  -5.287  6.724   1.00 24.16 ? 105 LEU A CD2 1 
ATOM   905  N  N   . ALA A 1 132 ? -7.035  -8.605  7.144   1.00 24.21 ? 106 ALA A N   1 
ATOM   906  C  CA  . ALA A 1 132 ? -8.004  -9.390  7.890   1.00 27.31 ? 106 ALA A CA  1 
ATOM   907  C  C   . ALA A 1 132 ? -7.666  -10.904 7.904   1.00 28.63 ? 106 ALA A C   1 
ATOM   908  O  O   . ALA A 1 132 ? -7.859  -11.548 8.942   1.00 35.09 ? 106 ALA A O   1 
ATOM   909  C  CB  . ALA A 1 132 ? -9.371  -9.135  7.317   1.00 28.56 ? 106 ALA A CB  1 
ATOM   910  N  N   . ALA A 1 133 ? -7.129  -11.451 6.806   1.00 29.39 ? 107 ALA A N   1 
ATOM   911  C  CA  . ALA A 1 133 ? -6.696  -12.880 6.693   1.00 34.23 ? 107 ALA A CA  1 
ATOM   912  C  C   . ALA A 1 133 ? -5.578  -13.247 7.694   1.00 38.53 ? 107 ALA A C   1 
ATOM   913  O  O   . ALA A 1 133 ? -5.575  -14.370 8.243   1.00 38.88 ? 107 ALA A O   1 
ATOM   914  C  CB  . ALA A 1 133 ? -6.233  -13.253 5.279   1.00 33.69 ? 107 ALA A CB  1 
ATOM   915  N  N   . ALA A 1 134 ? -4.637  -12.330 7.893   1.00 33.14 ? 108 ALA A N   1 
ATOM   916  C  CA  . ALA A 1 134 ? -3.589  -12.421 8.898   1.00 38.13 ? 108 ALA A CA  1 
ATOM   917  C  C   . ALA A 1 134 ? -4.113  -12.040 10.272  1.00 41.55 ? 108 ALA A C   1 
ATOM   918  O  O   . ALA A 1 134 ? -4.309  -12.903 11.132  1.00 51.79 ? 108 ALA A O   1 
ATOM   919  C  CB  . ALA A 1 134 ? -2.419  -11.509 8.537   1.00 34.60 ? 108 ALA A CB  1 
HETATM 920  CS CS  . CS  B 2 .   ? -9.257  12.571  -9.019  0.27 25.42 ? 201 CS  A CS  1 
HETATM 921  CS CS  . CS  C 2 .   ? -7.744  -14.634 10.323  0.47 41.61 ? 202 CS  A CS  1 
HETATM 922  CS CS  . CS  D 2 .   ? 6.400   3.685   21.390  0.27 39.30 ? 203 CS  A CS  1 
HETATM 923  CS CS  . CS  E 2 .   ? -1.605  -1.459  -13.620 0.37 47.25 ? 204 CS  A CS  1 
HETATM 924  CS CS  . CS  F 2 .   ? -6.395  -1.668  13.014  0.36 43.30 ? 205 CS  A CS  1 
HETATM 925  CS CS  . CS  G 2 .   ? 6.812   8.572   5.351   0.24 39.21 ? 206 CS  A CS  1 
HETATM 926  CS CS  . CS  H 2 .   ? -1.769  -5.780  10.776  0.25 38.46 ? 207 CS  A CS  1 
HETATM 927  CS CS  . CS  I 2 .   ? 1.892   8.386   -14.353 0.26 42.21 ? 208 CS  A CS  1 
HETATM 928  CL CL  . CL  J 3 .   ? -11.739 9.764   -7.643  0.88 29.72 ? 209 CL  A CL  1 
HETATM 929  CL CL  . CL  K 3 .   ? 8.789   0.690   7.308   1.00 38.01 ? 210 CL  A CL  1 
HETATM 930  CL CL  . CL  L 3 .   ? -0.900  -7.634  12.992  0.84 41.13 ? 211 CL  A CL  1 
HETATM 931  CL CL  . CL  M 3 .   ? -14.384 -3.232  -0.146  1.00 39.44 ? 212 CL  A CL  1 
HETATM 932  CL CL  . CL  N 3 .   ? 8.347   3.451   23.372  1.00 46.35 ? 213 CL  A CL  1 
HETATM 933  CL CL  . CL  O 3 .   ? -6.082  -10.502 11.398  1.00 45.54 ? 214 CL  A CL  1 
HETATM 934  O  O   . HOH P 4 .   ? 14.294  2.248   -11.101 1.00 26.48 ? 301 HOH A O   1 
HETATM 935  O  O   . HOH P 4 .   ? -1.260  -20.012 -3.169  1.00 37.82 ? 302 HOH A O   1 
HETATM 936  O  O   . HOH P 4 .   ? -2.389  -1.213  -10.853 1.00 33.86 ? 303 HOH A O   1 
HETATM 937  O  O   . HOH P 4 .   ? -14.138 -2.816  -4.348  1.00 34.15 ? 304 HOH A O   1 
HETATM 938  O  O   . HOH P 4 .   ? -11.254 -6.406  0.454   1.00 24.68 ? 305 HOH A O   1 
HETATM 939  O  O   . HOH P 4 .   ? 0.923   13.983  -4.158  1.00 31.77 ? 306 HOH A O   1 
HETATM 940  O  O   . HOH P 4 .   ? 10.253  6.721   3.389   1.00 28.07 ? 307 HOH A O   1 
HETATM 941  O  O   . HOH P 4 .   ? 3.367   10.940  -12.524 1.00 37.61 ? 308 HOH A O   1 
HETATM 942  O  O   . HOH P 4 .   ? -11.444 -8.481  -3.809  1.00 47.71 ? 309 HOH A O   1 
HETATM 943  O  O   . HOH P 4 .   ? -2.230  4.668   -10.902 1.00 10.39 ? 310 HOH A O   1 
HETATM 944  O  O   . HOH P 4 .   ? 5.175   -9.277  -6.642  1.00 14.32 ? 311 HOH A O   1 
HETATM 945  O  O   . HOH P 4 .   ? -0.613  2.021   -13.170 1.00 20.49 ? 312 HOH A O   1 
HETATM 946  O  O   . HOH P 4 .   ? -9.082  -5.642  6.596   1.00 37.87 ? 313 HOH A O   1 
HETATM 947  O  O   . HOH P 4 .   ? -4.417  -14.379 -9.799  1.00 29.10 ? 314 HOH A O   1 
HETATM 948  O  O   . HOH P 4 .   ? -9.479  -11.660 4.563   1.00 29.64 ? 315 HOH A O   1 
HETATM 949  O  O   . HOH P 4 .   ? 2.643   -16.101 1.643   1.00 30.65 ? 316 HOH A O   1 
HETATM 950  O  O   . HOH P 4 .   ? -11.443 7.245   -15.413 1.00 24.64 ? 317 HOH A O   1 
HETATM 951  O  O   . HOH P 4 .   ? -3.895  5.271   7.409   1.00 15.32 ? 318 HOH A O   1 
HETATM 952  O  O   . HOH P 4 .   ? 9.283   9.888   27.278  1.00 30.76 ? 319 HOH A O   1 
HETATM 953  O  O   . HOH P 4 .   ? 17.067  1.158   -14.797 1.00 35.24 ? 320 HOH A O   1 
HETATM 954  O  O   . HOH P 4 .   ? -5.330  -14.649 1.312   1.00 34.38 ? 321 HOH A O   1 
HETATM 955  O  O   . HOH P 4 .   ? 12.521  -0.581  -16.006 1.00 51.23 ? 322 HOH A O   1 
HETATM 956  O  O   . HOH P 4 .   ? -3.803  -1.617  -8.556  1.00 19.52 ? 323 HOH A O   1 
HETATM 957  O  O   . HOH P 4 .   ? 1.422   6.747   22.964  1.00 20.05 ? 324 HOH A O   1 
HETATM 958  O  O   . HOH P 4 .   ? -10.701 -1.460  -9.083  1.00 24.57 ? 325 HOH A O   1 
HETATM 959  O  O   . HOH P 4 .   ? -16.919 11.247  -2.613  1.00 28.11 ? 326 HOH A O   1 
HETATM 960  O  O   . HOH P 4 .   ? -4.414  -12.516 -1.358  1.00 29.12 ? 327 HOH A O   1 
HETATM 961  O  O   . HOH P 4 .   ? 10.917  -5.849  0.605   1.00 40.71 ? 328 HOH A O   1 
HETATM 962  O  O   . HOH P 4 .   ? 3.595   8.553   -10.462 1.00 21.36 ? 329 HOH A O   1 
HETATM 963  O  O   . HOH P 4 .   ? 1.003   7.613   18.230  1.00 31.89 ? 330 HOH A O   1 
HETATM 964  O  O   . HOH P 4 .   ? -0.313  2.836   14.353  1.00 21.25 ? 331 HOH A O   1 
HETATM 965  O  O   . HOH P 4 .   ? 1.128   -14.229 -4.791  1.00 32.06 ? 332 HOH A O   1 
HETATM 966  O  O   . HOH P 4 .   ? 16.185  1.360   -1.238  1.00 32.82 ? 333 HOH A O   1 
HETATM 967  O  O   . HOH P 4 .   ? 5.876   5.711   23.216  1.00 33.44 ? 334 HOH A O   1 
HETATM 968  O  O   . HOH P 4 .   ? 0.072   -11.188 4.229   1.00 23.55 ? 335 HOH A O   1 
HETATM 969  O  O   . HOH P 4 .   ? 4.632   6.173   -11.620 1.00 23.19 ? 336 HOH A O   1 
HETATM 970  O  O   . HOH P 4 .   ? 10.553  1.002   4.197   1.00 21.08 ? 337 HOH A O   1 
HETATM 971  O  O   . HOH P 4 .   ? 5.532   12.647  23.416  1.00 11.84 ? 338 HOH A O   1 
HETATM 972  O  O   . HOH P 4 .   ? 0.238   9.621   20.328  1.00 18.22 ? 339 HOH A O   1 
HETATM 973  O  O   . HOH P 4 .   ? -0.624  -8.319  -12.166 1.00 30.55 ? 340 HOH A O   1 
HETATM 974  O  O   . HOH P 4 .   ? -7.662  -6.423  -5.689  1.00 18.10 ? 341 HOH A O   1 
HETATM 975  O  O   . HOH P 4 .   ? -4.520  -3.291  10.046  1.00 28.42 ? 342 HOH A O   1 
HETATM 976  O  O   . HOH P 4 .   ? 4.183   12.952  -2.973  1.00 25.15 ? 343 HOH A O   1 
HETATM 977  O  O   . HOH P 4 .   ? 10.449  9.130   -3.125  1.00 20.79 ? 344 HOH A O   1 
HETATM 978  O  O   . HOH P 4 .   ? 11.812  7.002   -1.770  1.00 20.69 ? 345 HOH A O   1 
HETATM 979  O  O   . HOH P 4 .   ? 15.363  1.997   -6.392  1.00 20.73 ? 346 HOH A O   1 
HETATM 980  O  O   . HOH P 4 .   ? -6.435  -12.757 12.910  1.00 42.22 ? 347 HOH A O   1 
HETATM 981  O  O   . HOH P 4 .   ? -12.045 -3.735  0.485   1.00 34.08 ? 348 HOH A O   1 
HETATM 982  O  O   . HOH P 4 .   ? -3.621  3.284   13.275  1.00 37.11 ? 349 HOH A O   1 
HETATM 983  O  O   . HOH P 4 .   ? 4.445   10.302  11.278  1.00 29.97 ? 350 HOH A O   1 
HETATM 984  O  O   . HOH P 4 .   ? 2.091   13.585  -8.113  1.00 28.22 ? 351 HOH A O   1 
HETATM 985  O  O   . HOH P 4 .   ? -9.527  4.326   -3.400  1.00 15.38 ? 352 HOH A O   1 
HETATM 986  O  O   . HOH P 4 .   ? 12.812  10.852  26.143  1.00 33.21 ? 353 HOH A O   1 
HETATM 987  O  O   . HOH P 4 .   ? 7.610   -1.723  -5.876  1.00 11.66 ? 354 HOH A O   1 
HETATM 988  O  O   . HOH P 4 .   ? -4.153  11.383  -8.346  1.00 12.32 ? 355 HOH A O   1 
HETATM 989  O  O   . HOH P 4 .   ? 11.339  -1.592  6.158   1.00 30.73 ? 356 HOH A O   1 
HETATM 990  O  O   . HOH P 4 .   ? -5.860  -7.138  -7.488  1.00 35.54 ? 357 HOH A O   1 
HETATM 991  O  O   . HOH P 4 .   ? 4.221   10.748  -0.234  1.00 21.10 ? 358 HOH A O   1 
HETATM 992  O  O   . HOH P 4 .   ? 4.317   6.835   19.687  1.00 28.25 ? 359 HOH A O   1 
HETATM 993  O  O   . HOH P 4 .   ? -7.892  -16.289 3.569   1.00 37.33 ? 360 HOH A O   1 
HETATM 994  O  O   . HOH P 4 .   ? 6.908   5.696   15.566  1.00 28.34 ? 361 HOH A O   1 
HETATM 995  O  O   . HOH P 4 .   ? 3.698   12.887  -9.805  1.00 26.42 ? 362 HOH A O   1 
HETATM 996  O  O   . HOH P 4 .   ? -5.762  12.326  -15.319 1.00 16.70 ? 363 HOH A O   1 
HETATM 997  O  O   . HOH P 4 .   ? 6.578   10.412  14.811  1.00 34.28 ? 364 HOH A O   1 
HETATM 998  O  O   . HOH P 4 .   ? -10.088 14.688  0.143   1.00 33.31 ? 365 HOH A O   1 
HETATM 999  O  O   . HOH P 4 .   ? 8.650   -10.721 -4.366  1.00 18.76 ? 366 HOH A O   1 
HETATM 1000 O  O   . HOH P 4 .   ? -13.190 4.542   -3.767  1.00 25.36 ? 367 HOH A O   1 
HETATM 1001 O  O   . HOH P 4 .   ? -2.438  -12.311 4.913   1.00 30.37 ? 368 HOH A O   1 
HETATM 1002 O  O   . HOH P 4 .   ? -3.961  6.100   11.280  1.00 32.69 ? 369 HOH A O   1 
HETATM 1003 O  O   . HOH P 4 .   ? -10.117 11.538  -6.665  1.00 32.05 ? 370 HOH A O   1 
HETATM 1004 O  O   . HOH P 4 .   ? 3.787   -9.144  6.943   1.00 17.52 ? 371 HOH A O   1 
HETATM 1005 O  O   . HOH P 4 .   ? 11.612  8.259   -9.590  1.00 30.04 ? 372 HOH A O   1 
HETATM 1006 O  O   . HOH P 4 .   ? 0.063   -11.762 -9.244  1.00 20.81 ? 373 HOH A O   1 
HETATM 1007 O  O   . HOH P 4 .   ? 2.652   10.908  -2.352  1.00 24.95 ? 374 HOH A O   1 
HETATM 1008 O  O   . HOH P 4 .   ? 14.538  1.779   -8.918  1.00 18.91 ? 375 HOH A O   1 
HETATM 1009 O  O   . HOH P 4 .   ? 12.953  -0.442  1.274   1.00 41.57 ? 376 HOH A O   1 
HETATM 1010 O  O   . HOH P 4 .   ? 6.923   -0.186  13.331  1.00 40.88 ? 377 HOH A O   1 
HETATM 1011 O  O   . HOH P 4 .   ? -4.295  -9.945  -13.808 1.00 39.96 ? 378 HOH A O   1 
HETATM 1012 O  O   . HOH P 4 .   ? -8.742  -8.160  -3.955  1.00 29.44 ? 379 HOH A O   1 
HETATM 1013 O  O   . HOH P 4 .   ? -11.243 -3.259  -6.836  1.00 30.61 ? 380 HOH A O   1 
HETATM 1014 O  O   . HOH P 4 .   ? -1.862  17.852  -1.649  1.00 39.02 ? 381 HOH A O   1 
HETATM 1015 O  O   . HOH P 4 .   ? -12.119 -19.599 3.886   1.00 27.51 ? 382 HOH A O   1 
HETATM 1016 O  O   . HOH P 4 .   ? 9.299   10.189  18.888  1.00 26.35 ? 383 HOH A O   1 
HETATM 1017 O  O   . HOH P 4 .   ? -15.597 16.728  -5.478  1.00 14.55 ? 384 HOH A O   1 
HETATM 1018 O  O   . HOH P 4 .   ? -9.950  -26.006 1.714   1.00 30.86 ? 385 HOH A O   1 
HETATM 1019 O  O   . HOH P 4 .   ? -1.339  11.798  -13.527 1.00 18.71 ? 386 HOH A O   1 
HETATM 1020 O  O   . HOH P 4 .   ? -4.477  9.455   10.037  1.00 44.87 ? 387 HOH A O   1 
HETATM 1021 O  O   . HOH P 4 .   ? 7.257   -2.734  8.323   1.00 21.09 ? 388 HOH A O   1 
HETATM 1022 O  O   . HOH P 4 .   ? 5.558   9.250   8.890   1.00 32.54 ? 389 HOH A O   1 
HETATM 1023 O  O   . HOH P 4 .   ? 4.438   -7.295  -8.727  1.00 15.75 ? 390 HOH A O   1 
HETATM 1024 O  O   . HOH P 4 .   ? -2.881  -16.527 -4.394  1.00 37.01 ? 391 HOH A O   1 
HETATM 1025 O  O   . HOH P 4 .   ? 0.403   19.152  -5.861  1.00 50.33 ? 392 HOH A O   1 
HETATM 1026 O  O   . HOH P 4 .   ? -9.548  -15.462 1.295   1.00 31.66 ? 393 HOH A O   1 
HETATM 1027 O  O   . HOH P 4 .   ? -10.671 3.158   -14.672 1.00 25.78 ? 394 HOH A O   1 
HETATM 1028 O  O   . HOH P 4 .   ? 0.718   -13.876 2.965   1.00 33.85 ? 395 HOH A O   1 
HETATM 1029 O  O   . HOH P 4 .   ? 8.096   -12.711 -1.817  1.00 20.79 ? 396 HOH A O   1 
HETATM 1030 O  O   . HOH P 4 .   ? 10.037  11.317  -10.309 1.00 23.96 ? 397 HOH A O   1 
HETATM 1031 O  O   . HOH P 4 .   ? 0.503   -13.918 -7.360  1.00 26.47 ? 398 HOH A O   1 
HETATM 1032 O  O   . HOH P 4 .   ? 10.682  -4.743  5.287   1.00 32.90 ? 399 HOH A O   1 
HETATM 1033 O  O   . HOH P 4 .   ? 2.046   -0.257  -14.226 1.00 38.24 ? 400 HOH A O   1 
HETATM 1034 O  O   . HOH P 4 .   ? 3.692   -4.873  -15.095 1.00 36.47 ? 401 HOH A O   1 
HETATM 1035 O  O   . HOH P 4 .   ? -4.009  15.061  -9.157  0.50 18.24 ? 402 HOH A O   1 
HETATM 1036 O  O   . HOH P 4 .   ? 14.331  -2.417  0.294   1.00 37.60 ? 403 HOH A O   1 
HETATM 1037 O  O   . HOH P 4 .   ? -14.915 1.766   -4.060  1.00 39.32 ? 404 HOH A O   1 
HETATM 1038 O  O   . HOH P 4 .   ? 4.639   6.914   17.029  1.00 21.48 ? 405 HOH A O   1 
HETATM 1039 O  O   . HOH P 4 .   ? 4.145   9.937   2.911   1.00 10.53 ? 406 HOH A O   1 
HETATM 1040 O  O   . HOH P 4 .   ? -12.894 -0.050  -8.840  1.00 26.46 ? 407 HOH A O   1 
HETATM 1041 O  O   . HOH P 4 .   ? 2.762   -8.533  -10.068 1.00 22.21 ? 408 HOH A O   1 
HETATM 1042 O  O   . HOH P 4 .   ? -6.289  -11.938 -3.706  1.00 34.27 ? 409 HOH A O   1 
HETATM 1043 O  O   . HOH P 4 .   ? 7.822   -0.352  -14.497 1.00 21.00 ? 410 HOH A O   1 
HETATM 1044 O  O   . HOH P 4 .   ? 1.470   -10.772 6.777   1.00 27.49 ? 411 HOH A O   1 
HETATM 1045 O  O   . HOH P 4 .   ? 11.864  11.450  -2.435  1.00 34.37 ? 412 HOH A O   1 
HETATM 1046 O  O   . HOH P 4 .   ? -0.697  -4.456  -12.850 1.00 29.08 ? 413 HOH A O   1 
HETATM 1047 O  O   . HOH P 4 .   ? -10.866 -16.508 3.808   1.00 43.96 ? 414 HOH A O   1 
HETATM 1048 O  O   . HOH P 4 .   ? -1.653  15.494  -9.824  0.50 14.60 ? 415 HOH A O   1 
HETATM 1049 O  O   . HOH P 4 .   ? 6.109   -10.267 8.045   1.00 33.92 ? 416 HOH A O   1 
HETATM 1050 O  O   . HOH P 4 .   ? 10.919  6.741   24.258  1.00 49.78 ? 417 HOH A O   1 
HETATM 1051 O  O   . HOH P 4 .   ? -10.984 -12.430 9.342   1.00 37.26 ? 418 HOH A O   1 
HETATM 1052 O  O   . HOH P 4 .   ? 1.542   -8.326  14.352  1.00 44.95 ? 419 HOH A O   1 
HETATM 1053 O  O   . HOH P 4 .   ? 10.378  9.901   -12.884 1.00 34.87 ? 420 HOH A O   1 
HETATM 1054 O  O   . HOH P 4 .   ? 8.795   -10.333 -9.155  1.00 33.92 ? 421 HOH A O   1 
HETATM 1055 O  O   . HOH P 4 .   ? 3.831   0.779   -15.491 1.00 37.78 ? 422 HOH A O   1 
HETATM 1056 O  O   . HOH P 4 .   ? -14.624 4.638   -6.300  1.00 27.68 ? 423 HOH A O   1 
HETATM 1057 O  O   . HOH P 4 .   ? 11.987  9.495   19.086  1.00 29.47 ? 424 HOH A O   1 
HETATM 1058 O  O   . HOH P 4 .   ? -9.869  6.098   9.310   1.00 37.18 ? 425 HOH A O   1 
HETATM 1059 O  O   . HOH P 4 .   ? -1.245  12.771  -11.179 1.00 33.48 ? 426 HOH A O   1 
HETATM 1060 O  O   . HOH P 4 .   ? -7.329  -1.988  -11.301 1.00 25.59 ? 427 HOH A O   1 
HETATM 1061 O  O   . HOH P 4 .   ? 5.113   11.197  6.864   1.00 39.52 ? 428 HOH A O   1 
HETATM 1062 O  O   . HOH P 4 .   ? 7.214   7.737   8.185   1.00 42.78 ? 429 HOH A O   1 
HETATM 1063 O  O   . HOH P 4 .   ? -4.816  -6.050  10.946  1.00 38.33 ? 430 HOH A O   1 
HETATM 1064 O  O   . HOH P 4 .   ? 2.905   10.989  5.031   1.00 34.49 ? 431 HOH A O   1 
HETATM 1065 O  O   . HOH P 4 .   ? -8.303  -6.520  9.873   1.00 40.03 ? 432 HOH A O   1 
HETATM 1066 O  O   . HOH P 4 .   ? 0.383   14.409  -10.406 1.00 36.21 ? 433 HOH A O   1 
HETATM 1067 O  O   . HOH P 4 .   ? 11.873  5.710   -15.712 1.00 39.21 ? 434 HOH A O   1 
HETATM 1068 O  O   . HOH P 4 .   ? 10.502  3.450   -16.216 1.00 33.70 ? 435 HOH A O   1 
HETATM 1069 O  O   . HOH P 4 .   ? -17.281 12.638  -7.121  1.00 42.82 ? 436 HOH A O   1 
HETATM 1070 O  O   . HOH P 4 .   ? 11.584  5.949   16.555  1.00 38.61 ? 437 HOH A O   1 
HETATM 1071 O  O   . HOH P 4 .   ? -15.793 11.353  -9.155  1.00 34.06 ? 438 HOH A O   1 
HETATM 1072 O  O   . HOH P 4 .   ? -12.730 4.661   -11.361 1.00 30.46 ? 439 HOH A O   1 
HETATM 1073 O  O   . HOH P 4 .   ? 7.889   -8.783  8.918   1.00 38.07 ? 440 HOH A O   1 
HETATM 1074 O  O   . HOH P 4 .   ? 4.501   6.755   -14.094 1.00 28.31 ? 441 HOH A O   1 
HETATM 1075 O  O   . HOH P 4 .   ? -3.894  -1.457  15.593  1.00 33.27 ? 442 HOH A O   1 
HETATM 1076 O  O   . HOH P 4 .   ? -0.903  -16.749 -2.784  1.00 36.70 ? 443 HOH A O   1 
HETATM 1077 O  O   . HOH P 4 .   ? 4.691   14.843  -0.901  1.00 38.84 ? 444 HOH A O   1 
HETATM 1078 O  O   . HOH P 4 .   ? -8.283  -8.409  11.653  1.00 44.69 ? 445 HOH A O   1 
HETATM 1079 O  O   . HOH P 4 .   ? -2.391  20.795  -4.357  1.00 35.12 ? 446 HOH A O   1 
HETATM 1080 O  O   . HOH P 4 .   ? -17.779 14.647  -2.568  1.00 43.36 ? 447 HOH A O   1 
HETATM 1081 O  O   . HOH P 4 .   ? 3.473   15.207  -4.564  1.00 30.99 ? 448 HOH A O   1 
HETATM 1082 O  O   . HOH P 4 .   ? 0.446   12.418  -2.197  1.00 33.07 ? 449 HOH A O   1 
HETATM 1083 O  O   . HOH P 4 .   ? -5.877  -5.913  -9.986  1.00 34.90 ? 450 HOH A O   1 
HETATM 1084 O  O   . HOH P 4 .   ? -4.791  17.448  -2.824  1.00 18.23 ? 451 HOH A O   1 
HETATM 1085 O  O   . HOH P 4 .   ? 10.777  -8.339  1.779   1.00 33.50 ? 452 HOH A O   1 
HETATM 1086 O  O   . HOH P 4 .   ? -12.042 6.292   -17.946 1.00 38.22 ? 453 HOH A O   1 
HETATM 1087 O  O   . HOH P 4 .   ? 16.108  3.579   0.567   1.00 32.72 ? 454 HOH A O   1 
HETATM 1088 O  O   . HOH P 4 .   ? 4.441   -11.641 -7.828  1.00 20.17 ? 455 HOH A O   1 
HETATM 1089 O  O   . HOH P 4 .   ? -11.622 -10.079 3.697   1.00 33.72 ? 456 HOH A O   1 
HETATM 1090 O  O   . HOH P 4 .   ? -9.857  -5.853  -7.213  1.00 27.82 ? 457 HOH A O   1 
HETATM 1091 O  O   . HOH P 4 .   ? -2.527  -14.953 0.237   1.00 37.39 ? 458 HOH A O   1 
HETATM 1092 O  O   . HOH P 4 .   ? 9.439   6.977   15.742  1.00 30.43 ? 459 HOH A O   1 
HETATM 1093 O  O   . HOH P 4 .   ? 2.545   -11.156 -9.853  1.00 29.49 ? 460 HOH A O   1 
HETATM 1094 O  O   . HOH P 4 .   ? 14.829  0.304   -17.222 1.00 29.27 ? 461 HOH A O   1 
HETATM 1095 O  O   . HOH P 4 .   ? 13.587  -5.137  -0.687  1.00 37.61 ? 462 HOH A O   1 
HETATM 1096 O  O   . HOH P 4 .   ? 15.329  -5.717  -13.606 1.00 28.55 ? 463 HOH A O   1 
HETATM 1097 O  O   . HOH P 4 .   ? 3.950   -8.484  -12.634 1.00 42.65 ? 464 HOH A O   1 
HETATM 1098 O  O   . HOH P 4 .   ? -5.261  -2.948  -10.634 1.00 28.91 ? 465 HOH A O   1 
HETATM 1099 O  O   . HOH P 4 .   ? 13.271  8.946   -7.533  1.00 29.41 ? 466 HOH A O   1 
HETATM 1100 O  O   . HOH P 4 .   ? -3.946  -3.435  -12.686 1.00 33.72 ? 467 HOH A O   1 
HETATM 1101 O  O   . HOH P 4 .   ? 2.830   -12.161 -12.381 1.00 32.77 ? 468 HOH A O   1 
# 
